data_5LQO
# 
_entry.id   5LQO 
# 
_audit_conform.dict_name       mmcif_pdbx.dic 
_audit_conform.dict_version    5.391 
_audit_conform.dict_location   http://mmcif.pdb.org/dictionaries/ascii/mmcif_pdbx.dic 
# 
loop_
_database_2.database_id 
_database_2.database_code 
_database_2.pdbx_database_accession 
_database_2.pdbx_DOI 
PDB   5LQO         pdb_00005lqo 10.2210/pdb5lqo/pdb 
WWPDB D_1200001213 ?            ?                   
# 
loop_
_pdbx_audit_revision_history.ordinal 
_pdbx_audit_revision_history.data_content_type 
_pdbx_audit_revision_history.major_revision 
_pdbx_audit_revision_history.minor_revision 
_pdbx_audit_revision_history.revision_date 
1 'Structure model' 1 0 2017-06-21 
2 'Structure model' 1 1 2017-06-28 
3 'Structure model' 1 2 2017-09-13 
4 'Structure model' 1 3 2024-05-08 
# 
_pdbx_audit_revision_details.ordinal             1 
_pdbx_audit_revision_details.revision_ordinal    1 
_pdbx_audit_revision_details.data_content_type   'Structure model' 
_pdbx_audit_revision_details.provider            repository 
_pdbx_audit_revision_details.type                'Initial release' 
_pdbx_audit_revision_details.description         ? 
_pdbx_audit_revision_details.details             ? 
# 
loop_
_pdbx_audit_revision_group.ordinal 
_pdbx_audit_revision_group.revision_ordinal 
_pdbx_audit_revision_group.data_content_type 
_pdbx_audit_revision_group.group 
1 2 'Structure model' 'Database references' 
2 3 'Structure model' 'Database references' 
3 4 'Structure model' 'Data collection'     
4 4 'Structure model' 'Database references' 
# 
loop_
_pdbx_audit_revision_category.ordinal 
_pdbx_audit_revision_category.revision_ordinal 
_pdbx_audit_revision_category.data_content_type 
_pdbx_audit_revision_category.category 
1 2 'Structure model' citation        
2 2 'Structure model' citation_author 
3 3 'Structure model' citation        
4 4 'Structure model' chem_comp_atom  
5 4 'Structure model' chem_comp_bond  
6 4 'Structure model' database_2      
# 
loop_
_pdbx_audit_revision_item.ordinal 
_pdbx_audit_revision_item.revision_ordinal 
_pdbx_audit_revision_item.data_content_type 
_pdbx_audit_revision_item.item 
1  2 'Structure model' '_citation.country'                   
2  2 'Structure model' '_citation.journal_abbrev'            
3  2 'Structure model' '_citation.pdbx_database_id_DOI'      
4  2 'Structure model' '_citation.pdbx_database_id_PubMed'   
5  2 'Structure model' '_citation.title'                     
6  3 'Structure model' '_citation.journal_volume'            
7  3 'Structure model' '_citation.page_first'                
8  3 'Structure model' '_citation.page_last'                 
9  4 'Structure model' '_database_2.pdbx_DOI'                
10 4 'Structure model' '_database_2.pdbx_database_accession' 
# 
_pdbx_database_status.status_code                     REL 
_pdbx_database_status.status_code_sf                  REL 
_pdbx_database_status.status_code_mr                  ? 
_pdbx_database_status.entry_id                        5LQO 
_pdbx_database_status.recvd_initial_deposition_date   2016-08-17 
_pdbx_database_status.SG_entry                        N 
_pdbx_database_status.deposit_site                    PDBE 
_pdbx_database_status.process_site                    PDBE 
_pdbx_database_status.status_code_cs                  ? 
_pdbx_database_status.methods_development_category    ? 
_pdbx_database_status.pdb_format_compatible           Y 
_pdbx_database_status.status_code_nmr_data            ? 
# 
loop_
_audit_author.name 
_audit_author.pdbx_ordinal 
'Huang, L.'      1 
'Lilley, D.M.J.' 2 
# 
_citation.abstract                  ? 
_citation.abstract_id_CAS           ? 
_citation.book_id_ISBN              ? 
_citation.book_publisher            ? 
_citation.book_publisher_city       ? 
_citation.book_title                ? 
_citation.coordinate_linkage        ? 
_citation.country                   UK 
_citation.database_id_Medline       ? 
_citation.details                   ? 
_citation.id                        primary 
_citation.journal_abbrev            'EMBO Rep.' 
_citation.journal_id_ASTM           ? 
_citation.journal_id_CSD            ? 
_citation.journal_id_ISSN           1469-3178 
_citation.journal_full              ? 
_citation.journal_issue             ? 
_citation.journal_volume            18 
_citation.language                  ? 
_citation.page_first                1631 
_citation.page_last                 1645 
_citation.title                     'Control of box C/D snoRNP assembly by N(6)-methylation of adenine.' 
_citation.year                      2017 
_citation.database_id_CSD           ? 
_citation.pdbx_database_id_DOI      10.15252/embr.201743967 
_citation.pdbx_database_id_PubMed   28623187 
_citation.unpublished_flag          ? 
# 
loop_
_citation_author.citation_id 
_citation_author.name 
_citation_author.ordinal 
_citation_author.identifier_ORCID 
primary 'Huang, L.'    1 ? 
primary 'Ashraf, S.'   2 ? 
primary 'Wang, J.'     3 ? 
primary 'Lilley, D.M.' 4 ? 
# 
loop_
_entity.id 
_entity.type 
_entity.src_method 
_entity.pdbx_description 
_entity.formula_weight 
_entity.pdbx_number_of_molecules 
_entity.pdbx_ec 
_entity.pdbx_mutation 
_entity.pdbx_fragment 
_entity.details 
1 polymer syn 
;RNA (5'-R(*GP*(CBV)P*CP*GP*GP*AP*CP*GP*GP*C)-3')
;
3309.900 2  ? ? ? ? 
2 water   nat water                                              18.015   20 ? ? ? ? 
# 
_entity_poly.entity_id                      1 
_entity_poly.type                           polyribonucleotide 
_entity_poly.nstd_linkage                   no 
_entity_poly.nstd_monomer                   yes 
_entity_poly.pdbx_seq_one_letter_code       'G(CBV)CGGACGGC' 
_entity_poly.pdbx_seq_one_letter_code_can   GCCGGACGGC 
_entity_poly.pdbx_strand_id                 A,B 
_entity_poly.pdbx_target_identifier         ? 
# 
_pdbx_entity_nonpoly.entity_id   2 
_pdbx_entity_nonpoly.name        water 
_pdbx_entity_nonpoly.comp_id     HOH 
# 
loop_
_entity_poly_seq.entity_id 
_entity_poly_seq.num 
_entity_poly_seq.mon_id 
_entity_poly_seq.hetero 
1 1  G   n 
1 2  CBV n 
1 3  C   n 
1 4  G   n 
1 5  G   n 
1 6  A   n 
1 7  C   n 
1 8  G   n 
1 9  G   n 
1 10 C   n 
# 
_pdbx_entity_src_syn.entity_id              1 
_pdbx_entity_src_syn.pdbx_src_id            1 
_pdbx_entity_src_syn.pdbx_alt_source_flag   sample 
_pdbx_entity_src_syn.pdbx_beg_seq_num       1 
_pdbx_entity_src_syn.pdbx_end_seq_num       10 
_pdbx_entity_src_syn.organism_scientific    'Homo sapiens' 
_pdbx_entity_src_syn.organism_common_name   human 
_pdbx_entity_src_syn.ncbi_taxonomy_id       9606 
_pdbx_entity_src_syn.details                ? 
# 
loop_
_chem_comp.id 
_chem_comp.type 
_chem_comp.mon_nstd_flag 
_chem_comp.name 
_chem_comp.pdbx_synonyms 
_chem_comp.formula 
_chem_comp.formula_weight 
A   'RNA linking' y "ADENOSINE-5'-MONOPHOSPHATE"                ? 'C10 H14 N5 O7 P'   347.221 
C   'RNA linking' y "CYTIDINE-5'-MONOPHOSPHATE"                 ? 'C9 H14 N3 O8 P'    323.197 
CBV 'RNA linking' n 
;5-BROMOCYTIDINE 5'-(DIHYDROGEN PHOSPHATE)
;
? 'C9 H13 Br N3 O8 P' 402.093 
G   'RNA linking' y "GUANOSINE-5'-MONOPHOSPHATE"                ? 'C10 H14 N5 O8 P'   363.221 
HOH non-polymer   . WATER                                       ? 'H2 O'              18.015  
# 
loop_
_pdbx_poly_seq_scheme.asym_id 
_pdbx_poly_seq_scheme.entity_id 
_pdbx_poly_seq_scheme.seq_id 
_pdbx_poly_seq_scheme.mon_id 
_pdbx_poly_seq_scheme.ndb_seq_num 
_pdbx_poly_seq_scheme.pdb_seq_num 
_pdbx_poly_seq_scheme.auth_seq_num 
_pdbx_poly_seq_scheme.pdb_mon_id 
_pdbx_poly_seq_scheme.auth_mon_id 
_pdbx_poly_seq_scheme.pdb_strand_id 
_pdbx_poly_seq_scheme.pdb_ins_code 
_pdbx_poly_seq_scheme.hetero 
A 1 1  G   1  1  1  G   G   A . n 
A 1 2  CBV 2  2  2  CBV CBV A . n 
A 1 3  C   3  3  3  C   C   A . n 
A 1 4  G   4  4  4  G   G   A . n 
A 1 5  G   5  5  5  G   G   A . n 
A 1 6  A   6  6  6  A   A   A . n 
A 1 7  C   7  7  7  C   C   A . n 
A 1 8  G   8  8  8  G   G   A . n 
A 1 9  G   9  9  9  G   G   A . n 
A 1 10 C   10 10 10 C   C   A . n 
B 1 1  G   1  1  1  G   G   B . n 
B 1 2  CBV 2  2  2  CBV CBV B . n 
B 1 3  C   3  3  3  C   C   B . n 
B 1 4  G   4  4  4  G   G   B . n 
B 1 5  G   5  5  5  G   G   B . n 
B 1 6  A   6  6  6  A   A   B . n 
B 1 7  C   7  7  7  C   C   B . n 
B 1 8  G   8  8  8  G   G   B . n 
B 1 9  G   9  9  9  G   G   B . n 
B 1 10 C   10 10 10 C   C   B . n 
# 
loop_
_pdbx_nonpoly_scheme.asym_id 
_pdbx_nonpoly_scheme.entity_id 
_pdbx_nonpoly_scheme.mon_id 
_pdbx_nonpoly_scheme.ndb_seq_num 
_pdbx_nonpoly_scheme.pdb_seq_num 
_pdbx_nonpoly_scheme.auth_seq_num 
_pdbx_nonpoly_scheme.pdb_mon_id 
_pdbx_nonpoly_scheme.auth_mon_id 
_pdbx_nonpoly_scheme.pdb_strand_id 
_pdbx_nonpoly_scheme.pdb_ins_code 
C 2 HOH 1  101 10 HOH HOH A . 
C 2 HOH 2  102 15 HOH HOH A . 
C 2 HOH 3  103 1  HOH HOH A . 
C 2 HOH 4  104 5  HOH HOH A . 
C 2 HOH 5  105 2  HOH HOH A . 
C 2 HOH 6  106 20 HOH HOH A . 
C 2 HOH 7  107 4  HOH HOH A . 
C 2 HOH 8  108 9  HOH HOH A . 
C 2 HOH 9  109 12 HOH HOH A . 
C 2 HOH 10 110 17 HOH HOH A . 
C 2 HOH 11 111 14 HOH HOH A . 
D 2 HOH 1  101 18 HOH HOH B . 
D 2 HOH 2  102 8  HOH HOH B . 
D 2 HOH 3  103 13 HOH HOH B . 
D 2 HOH 4  104 19 HOH HOH B . 
D 2 HOH 5  105 6  HOH HOH B . 
D 2 HOH 6  106 3  HOH HOH B . 
D 2 HOH 7  107 7  HOH HOH B . 
D 2 HOH 8  108 11 HOH HOH B . 
D 2 HOH 9  109 16 HOH HOH B . 
# 
loop_
_software.citation_id 
_software.classification 
_software.compiler_name 
_software.compiler_version 
_software.contact_author 
_software.contact_author_email 
_software.date 
_software.description 
_software.dependencies 
_software.hardware 
_software.language 
_software.location 
_software.mods 
_software.name 
_software.os 
_software.os_version 
_software.type 
_software.version 
_software.pdbx_ordinal 
? refinement       ? ? ? ? ? ? ? ? ? ? ? PHENIX  ? ? ? '(dev_2481: ???)' 1 
? 'data reduction' ? ? ? ? ? ? ? ? ? ? ? xia2    ? ? ? .                 2 
? 'data scaling'   ? ? ? ? ? ? ? ? ? ? ? Aimless ? ? ? .                 3 
? phasing          ? ? ? ? ? ? ? ? ? ? ? PHENIX  ? ? ? .                 4 
# 
_cell.angle_alpha                  90.00 
_cell.angle_alpha_esd              ? 
_cell.angle_beta                   90.00 
_cell.angle_beta_esd               ? 
_cell.angle_gamma                  90.00 
_cell.angle_gamma_esd              ? 
_cell.entry_id                     5LQO 
_cell.details                      ? 
_cell.formula_units_Z              ? 
_cell.length_a                     33.469 
_cell.length_a_esd                 ? 
_cell.length_b                     33.469 
_cell.length_b_esd                 ? 
_cell.length_c                     113.766 
_cell.length_c_esd                 ? 
_cell.volume                       ? 
_cell.volume_esd                   ? 
_cell.Z_PDB                        16 
_cell.reciprocal_angle_alpha       ? 
_cell.reciprocal_angle_beta        ? 
_cell.reciprocal_angle_gamma       ? 
_cell.reciprocal_angle_alpha_esd   ? 
_cell.reciprocal_angle_beta_esd    ? 
_cell.reciprocal_angle_gamma_esd   ? 
_cell.reciprocal_length_a          ? 
_cell.reciprocal_length_b          ? 
_cell.reciprocal_length_c          ? 
_cell.reciprocal_length_a_esd      ? 
_cell.reciprocal_length_b_esd      ? 
_cell.reciprocal_length_c_esd      ? 
_cell.pdbx_unique_axis             ? 
# 
_symmetry.entry_id                         5LQO 
_symmetry.cell_setting                     ? 
_symmetry.Int_Tables_number                96 
_symmetry.space_group_name_Hall            ? 
_symmetry.space_group_name_H-M             'P 43 21 2' 
_symmetry.pdbx_full_space_group_name_H-M   ? 
# 
_exptl.absorpt_coefficient_mu     ? 
_exptl.absorpt_correction_T_max   ? 
_exptl.absorpt_correction_T_min   ? 
_exptl.absorpt_correction_type    ? 
_exptl.absorpt_process_details    ? 
_exptl.entry_id                   5LQO 
_exptl.crystals_number            1 
_exptl.details                    ? 
_exptl.method                     'X-RAY DIFFRACTION' 
_exptl.method_details             ? 
# 
_exptl_crystal.colour                      ? 
_exptl_crystal.density_diffrn              ? 
_exptl_crystal.density_Matthews            2.41 
_exptl_crystal.density_method              ? 
_exptl_crystal.density_percent_sol         48.89 
_exptl_crystal.description                 ? 
_exptl_crystal.F_000                       ? 
_exptl_crystal.id                          1 
_exptl_crystal.preparation                 ? 
_exptl_crystal.size_max                    ? 
_exptl_crystal.size_mid                    ? 
_exptl_crystal.size_min                    ? 
_exptl_crystal.size_rad                    ? 
_exptl_crystal.colour_lustre               ? 
_exptl_crystal.colour_modifier             ? 
_exptl_crystal.colour_primary              ? 
_exptl_crystal.density_meas                ? 
_exptl_crystal.density_meas_esd            ? 
_exptl_crystal.density_meas_gt             ? 
_exptl_crystal.density_meas_lt             ? 
_exptl_crystal.density_meas_temp           ? 
_exptl_crystal.density_meas_temp_esd       ? 
_exptl_crystal.density_meas_temp_gt        ? 
_exptl_crystal.density_meas_temp_lt        ? 
_exptl_crystal.pdbx_crystal_image_url      ? 
_exptl_crystal.pdbx_crystal_image_format   ? 
_exptl_crystal.pdbx_mosaicity              ? 
_exptl_crystal.pdbx_mosaicity_esd          ? 
# 
_exptl_crystal_grow.apparatus       ? 
_exptl_crystal_grow.atmosphere      ? 
_exptl_crystal_grow.crystal_id      1 
_exptl_crystal_grow.details         ? 
_exptl_crystal_grow.method          'VAPOR DIFFUSION, HANGING DROP' 
_exptl_crystal_grow.method_ref      ? 
_exptl_crystal_grow.pH              7.0 
_exptl_crystal_grow.pressure        ? 
_exptl_crystal_grow.pressure_esd    ? 
_exptl_crystal_grow.seeding         ? 
_exptl_crystal_grow.seeding_ref     ? 
_exptl_crystal_grow.temp            293 
_exptl_crystal_grow.temp_details    ? 
_exptl_crystal_grow.temp_esd        ? 
_exptl_crystal_grow.time            ? 
_exptl_crystal_grow.pdbx_details    '0.025 M Magnesium Sulfate, 0.05 M Tris Hydrochloride pH 8.5, 1.8 M Ammonium Sulfate' 
_exptl_crystal_grow.pdbx_pH_range   ? 
# 
_diffrn.ambient_environment    ? 
_diffrn.ambient_temp           100 
_diffrn.ambient_temp_details   ? 
_diffrn.ambient_temp_esd       ? 
_diffrn.crystal_id             1 
_diffrn.crystal_support        ? 
_diffrn.crystal_treatment      ? 
_diffrn.details                ? 
_diffrn.id                     1 
_diffrn.ambient_pressure       ? 
_diffrn.ambient_pressure_esd   ? 
_diffrn.ambient_pressure_gt    ? 
_diffrn.ambient_pressure_lt    ? 
_diffrn.ambient_temp_gt        ? 
_diffrn.ambient_temp_lt        ? 
# 
_diffrn_detector.details                      ? 
_diffrn_detector.detector                     PIXEL 
_diffrn_detector.diffrn_id                    1 
_diffrn_detector.type                         'DECTRIS PILATUS 6M' 
_diffrn_detector.area_resol_mean              ? 
_diffrn_detector.dtime                        ? 
_diffrn_detector.pdbx_frames_total            ? 
_diffrn_detector.pdbx_collection_time_total   ? 
_diffrn_detector.pdbx_collection_date         2016-02-15 
# 
_diffrn_radiation.collimation                      ? 
_diffrn_radiation.diffrn_id                        1 
_diffrn_radiation.filter_edge                      ? 
_diffrn_radiation.inhomogeneity                    ? 
_diffrn_radiation.monochromator                    ? 
_diffrn_radiation.polarisn_norm                    ? 
_diffrn_radiation.polarisn_ratio                   ? 
_diffrn_radiation.probe                            ? 
_diffrn_radiation.type                             ? 
_diffrn_radiation.xray_symbol                      ? 
_diffrn_radiation.wavelength_id                    1 
_diffrn_radiation.pdbx_monochromatic_or_laue_m_l   M 
_diffrn_radiation.pdbx_wavelength_list             ? 
_diffrn_radiation.pdbx_wavelength                  ? 
_diffrn_radiation.pdbx_diffrn_protocol             'SINGLE WAVELENGTH' 
_diffrn_radiation.pdbx_analyzer                    ? 
_diffrn_radiation.pdbx_scattering_type             x-ray 
# 
_diffrn_radiation_wavelength.id           1 
_diffrn_radiation_wavelength.wavelength   0.9196 
_diffrn_radiation_wavelength.wt           1.0 
# 
_diffrn_source.current                     ? 
_diffrn_source.details                     ? 
_diffrn_source.diffrn_id                   1 
_diffrn_source.power                       ? 
_diffrn_source.size                        ? 
_diffrn_source.source                      SYNCHROTRON 
_diffrn_source.target                      ? 
_diffrn_source.type                        'DIAMOND BEAMLINE I02' 
_diffrn_source.voltage                     ? 
_diffrn_source.take-off_angle              ? 
_diffrn_source.pdbx_wavelength_list        0.9196 
_diffrn_source.pdbx_wavelength             ? 
_diffrn_source.pdbx_synchrotron_beamline   I02 
_diffrn_source.pdbx_synchrotron_site       Diamond 
# 
_reflns.B_iso_Wilson_estimate            ? 
_reflns.entry_id                         5LQO 
_reflns.data_reduction_details           ? 
_reflns.data_reduction_method            ? 
_reflns.d_resolution_high                1.87 
_reflns.d_resolution_low                 33.47 
_reflns.details                          ? 
_reflns.limit_h_max                      ? 
_reflns.limit_h_min                      ? 
_reflns.limit_k_max                      ? 
_reflns.limit_k_min                      ? 
_reflns.limit_l_max                      ? 
_reflns.limit_l_min                      ? 
_reflns.number_all                       ? 
_reflns.number_obs                       5917 
_reflns.observed_criterion               ? 
_reflns.observed_criterion_F_max         ? 
_reflns.observed_criterion_F_min         ? 
_reflns.observed_criterion_I_max         ? 
_reflns.observed_criterion_I_min         ? 
_reflns.observed_criterion_sigma_F       ? 
_reflns.observed_criterion_sigma_I       1.3 
_reflns.percent_possible_obs             100 
_reflns.R_free_details                   ? 
_reflns.Rmerge_F_all                     ? 
_reflns.Rmerge_F_obs                     ? 
_reflns.Friedel_coverage                 ? 
_reflns.number_gt                        ? 
_reflns.threshold_expression             ? 
_reflns.pdbx_redundancy                  12.2 
_reflns.pdbx_Rmerge_I_obs                0.072 
_reflns.pdbx_Rmerge_I_all                ? 
_reflns.pdbx_Rsym_value                  ? 
_reflns.pdbx_netI_over_av_sigmaI         ? 
_reflns.pdbx_netI_over_sigmaI            10.7 
_reflns.pdbx_res_netI_over_av_sigmaI_2   ? 
_reflns.pdbx_res_netI_over_sigmaI_2      ? 
_reflns.pdbx_chi_squared                 ? 
_reflns.pdbx_scaling_rejects             ? 
_reflns.pdbx_d_res_high_opt              ? 
_reflns.pdbx_d_res_low_opt               ? 
_reflns.pdbx_d_res_opt_method            ? 
_reflns.phase_calculation_details        ? 
_reflns.pdbx_Rrim_I_all                  ? 
_reflns.pdbx_Rpim_I_all                  ? 
_reflns.pdbx_d_opt                       ? 
_reflns.pdbx_number_measured_all         ? 
_reflns.pdbx_diffrn_id                   1 
_reflns.pdbx_ordinal                     1 
_reflns.pdbx_CC_half                     1.00 
_reflns.pdbx_R_split                     ? 
# 
_reflns_shell.d_res_high                  1.87 
_reflns_shell.d_res_low                   1.92 
_reflns_shell.meanI_over_sigI_all         ? 
_reflns_shell.meanI_over_sigI_obs         1.3 
_reflns_shell.number_measured_all         ? 
_reflns_shell.number_measured_obs         ? 
_reflns_shell.number_possible             ? 
_reflns_shell.number_unique_all           ? 
_reflns_shell.number_unique_obs           ? 
_reflns_shell.percent_possible_all        100.0 
_reflns_shell.percent_possible_obs        ? 
_reflns_shell.Rmerge_F_all                ? 
_reflns_shell.Rmerge_F_obs                ? 
_reflns_shell.Rmerge_I_all                ? 
_reflns_shell.Rmerge_I_obs                2.08 
_reflns_shell.meanI_over_sigI_gt          ? 
_reflns_shell.meanI_over_uI_all           ? 
_reflns_shell.meanI_over_uI_gt            ? 
_reflns_shell.number_measured_gt          ? 
_reflns_shell.number_unique_gt            ? 
_reflns_shell.percent_possible_gt         ? 
_reflns_shell.Rmerge_F_gt                 ? 
_reflns_shell.Rmerge_I_gt                 ? 
_reflns_shell.pdbx_redundancy             13.0 
_reflns_shell.pdbx_Rsym_value             ? 
_reflns_shell.pdbx_chi_squared            ? 
_reflns_shell.pdbx_netI_over_sigmaI_all   ? 
_reflns_shell.pdbx_netI_over_sigmaI_obs   ? 
_reflns_shell.pdbx_Rrim_I_all             ? 
_reflns_shell.pdbx_Rpim_I_all             ? 
_reflns_shell.pdbx_rejects                ? 
_reflns_shell.pdbx_ordinal                1 
_reflns_shell.pdbx_diffrn_id              1 
_reflns_shell.pdbx_CC_half                0.446 
_reflns_shell.pdbx_R_split                ? 
# 
_refine.aniso_B[1][1]                            ? 
_refine.aniso_B[1][2]                            ? 
_refine.aniso_B[1][3]                            ? 
_refine.aniso_B[2][2]                            ? 
_refine.aniso_B[2][3]                            ? 
_refine.aniso_B[3][3]                            ? 
_refine.B_iso_max                                ? 
_refine.B_iso_mean                               ? 
_refine.B_iso_min                                ? 
_refine.correlation_coeff_Fo_to_Fc               ? 
_refine.correlation_coeff_Fo_to_Fc_free          ? 
_refine.details                                  ? 
_refine.diff_density_max                         ? 
_refine.diff_density_max_esd                     ? 
_refine.diff_density_min                         ? 
_refine.diff_density_min_esd                     ? 
_refine.diff_density_rms                         ? 
_refine.diff_density_rms_esd                     ? 
_refine.entry_id                                 5LQO 
_refine.pdbx_refine_id                           'X-RAY DIFFRACTION' 
_refine.ls_abs_structure_details                 ? 
_refine.ls_abs_structure_Flack                   ? 
_refine.ls_abs_structure_Flack_esd               ? 
_refine.ls_abs_structure_Rogers                  ? 
_refine.ls_abs_structure_Rogers_esd              ? 
_refine.ls_d_res_high                            1.870 
_refine.ls_d_res_low                             32.108 
_refine.ls_extinction_coef                       ? 
_refine.ls_extinction_coef_esd                   ? 
_refine.ls_extinction_expression                 ? 
_refine.ls_extinction_method                     ? 
_refine.ls_goodness_of_fit_all                   ? 
_refine.ls_goodness_of_fit_all_esd               ? 
_refine.ls_goodness_of_fit_obs                   ? 
_refine.ls_goodness_of_fit_obs_esd               ? 
_refine.ls_hydrogen_treatment                    ? 
_refine.ls_matrix_type                           ? 
_refine.ls_number_constraints                    ? 
_refine.ls_number_parameters                     ? 
_refine.ls_number_reflns_all                     ? 
_refine.ls_number_reflns_obs                     5654 
_refine.ls_number_reflns_R_free                  477 
_refine.ls_number_reflns_R_work                  ? 
_refine.ls_number_restraints                     ? 
_refine.ls_percent_reflns_obs                    95.95 
_refine.ls_percent_reflns_R_free                 4.87 
_refine.ls_R_factor_all                          ? 
_refine.ls_R_factor_obs                          0.2461 
_refine.ls_R_factor_R_free                       0.2556 
_refine.ls_R_factor_R_free_error                 ? 
_refine.ls_R_factor_R_free_error_details         ? 
_refine.ls_R_factor_R_work                       0.2456 
_refine.ls_R_Fsqd_factor_obs                     ? 
_refine.ls_R_I_factor_obs                        ? 
_refine.ls_redundancy_reflns_all                 ? 
_refine.ls_redundancy_reflns_obs                 ? 
_refine.ls_restrained_S_all                      ? 
_refine.ls_restrained_S_obs                      ? 
_refine.ls_shift_over_esd_max                    ? 
_refine.ls_shift_over_esd_mean                   ? 
_refine.ls_structure_factor_coef                 ? 
_refine.ls_weighting_details                     ? 
_refine.ls_weighting_scheme                      ? 
_refine.ls_wR_factor_all                         ? 
_refine.ls_wR_factor_obs                         ? 
_refine.ls_wR_factor_R_free                      ? 
_refine.ls_wR_factor_R_work                      ? 
_refine.occupancy_max                            ? 
_refine.occupancy_min                            ? 
_refine.solvent_model_details                    ? 
_refine.solvent_model_param_bsol                 ? 
_refine.solvent_model_param_ksol                 ? 
_refine.ls_R_factor_gt                           ? 
_refine.ls_goodness_of_fit_gt                    ? 
_refine.ls_goodness_of_fit_ref                   ? 
_refine.ls_shift_over_su_max                     ? 
_refine.ls_shift_over_su_max_lt                  ? 
_refine.ls_shift_over_su_mean                    ? 
_refine.ls_shift_over_su_mean_lt                 ? 
_refine.pdbx_ls_sigma_I                          ? 
_refine.pdbx_ls_sigma_F                          1.33 
_refine.pdbx_ls_sigma_Fsqd                       ? 
_refine.pdbx_data_cutoff_high_absF               ? 
_refine.pdbx_data_cutoff_high_rms_absF           ? 
_refine.pdbx_data_cutoff_low_absF                ? 
_refine.pdbx_isotropic_thermal_model             ? 
_refine.pdbx_ls_cross_valid_method               'FREE R-VALUE' 
_refine.pdbx_method_to_determine_struct          SAD 
_refine.pdbx_starting_model                      ? 
_refine.pdbx_stereochemistry_target_values       ? 
_refine.pdbx_R_Free_selection_details            ? 
_refine.pdbx_stereochem_target_val_spec_case     ? 
_refine.pdbx_overall_ESU_R                       ? 
_refine.pdbx_overall_ESU_R_Free                  ? 
_refine.pdbx_solvent_vdw_probe_radii             1.11 
_refine.pdbx_solvent_ion_probe_radii             ? 
_refine.pdbx_solvent_shrinkage_radii             0.90 
_refine.pdbx_real_space_R                        ? 
_refine.pdbx_density_correlation                 ? 
_refine.pdbx_pd_number_of_powder_patterns        ? 
_refine.pdbx_pd_number_of_points                 ? 
_refine.pdbx_pd_meas_number_of_points            ? 
_refine.pdbx_pd_proc_ls_prof_R_factor            ? 
_refine.pdbx_pd_proc_ls_prof_wR_factor           ? 
_refine.pdbx_pd_Marquardt_correlation_coeff      ? 
_refine.pdbx_pd_Fsqrd_R_factor                   ? 
_refine.pdbx_pd_ls_matrix_band_width             ? 
_refine.pdbx_overall_phase_error                 47.85 
_refine.pdbx_overall_SU_R_free_Cruickshank_DPI   ? 
_refine.pdbx_overall_SU_R_free_Blow_DPI          ? 
_refine.pdbx_overall_SU_R_Blow_DPI               ? 
_refine.pdbx_TLS_residual_ADP_flag               ? 
_refine.pdbx_diffrn_id                           1 
_refine.overall_SU_B                             ? 
_refine.overall_SU_ML                            0.34 
_refine.overall_SU_R_Cruickshank_DPI             ? 
_refine.overall_SU_R_free                        ? 
_refine.overall_FOM_free_R_set                   ? 
_refine.overall_FOM_work_R_set                   ? 
_refine.pdbx_average_fsc_overall                 ? 
_refine.pdbx_average_fsc_work                    ? 
_refine.pdbx_average_fsc_free                    ? 
# 
_refine_hist.pdbx_refine_id                   'X-RAY DIFFRACTION' 
_refine_hist.cycle_id                         LAST 
_refine_hist.pdbx_number_atoms_protein        0 
_refine_hist.pdbx_number_atoms_nucleic_acid   432 
_refine_hist.pdbx_number_atoms_ligand         0 
_refine_hist.number_atoms_solvent             20 
_refine_hist.number_atoms_total               452 
_refine_hist.d_res_high                       1.870 
_refine_hist.d_res_low                        32.108 
# 
loop_
_refine_ls_restr.pdbx_refine_id 
_refine_ls_restr.criterion 
_refine_ls_restr.dev_ideal 
_refine_ls_restr.dev_ideal_target 
_refine_ls_restr.number 
_refine_ls_restr.rejects 
_refine_ls_restr.type 
_refine_ls_restr.weight 
_refine_ls_restr.pdbx_restraint_function 
'X-RAY DIFFRACTION' ? 0.005  ? 482 ? f_bond_d           ? ? 
'X-RAY DIFFRACTION' ? 1.458  ? 754 ? f_angle_d          ? ? 
'X-RAY DIFFRACTION' ? 11.110 ? 216 ? f_dihedral_angle_d ? ? 
'X-RAY DIFFRACTION' ? 0.040  ? 96  ? f_chiral_restr     ? ? 
'X-RAY DIFFRACTION' ? 0.006  ? 20  ? f_plane_restr      ? ? 
# 
loop_
_refine_ls_shell.pdbx_refine_id 
_refine_ls_shell.d_res_high 
_refine_ls_shell.d_res_low 
_refine_ls_shell.number_reflns_all 
_refine_ls_shell.number_reflns_obs 
_refine_ls_shell.number_reflns_R_free 
_refine_ls_shell.number_reflns_R_work 
_refine_ls_shell.percent_reflns_obs 
_refine_ls_shell.percent_reflns_R_free 
_refine_ls_shell.R_factor_all 
_refine_ls_shell.R_factor_obs 
_refine_ls_shell.R_factor_R_free 
_refine_ls_shell.R_factor_R_free_error 
_refine_ls_shell.R_factor_R_work 
_refine_ls_shell.redundancy_reflns_all 
_refine_ls_shell.redundancy_reflns_obs 
_refine_ls_shell.wR_factor_all 
_refine_ls_shell.wR_factor_obs 
_refine_ls_shell.wR_factor_R_free 
_refine_ls_shell.wR_factor_R_work 
_refine_ls_shell.pdbx_total_number_of_bins_used 
_refine_ls_shell.pdbx_phase_error 
_refine_ls_shell.pdbx_fsc_work 
_refine_ls_shell.pdbx_fsc_free 
'X-RAY DIFFRACTION' 1.8702 2.1408  . . 135 3066 94.00 . . . 0.4501 . 0.4205 . . . . . . . . . . 
'X-RAY DIFFRACTION' 2.1408 2.6969  . . 168 3151 98.00 . . . 0.3776 . 0.3604 . . . . . . . . . . 
'X-RAY DIFFRACTION' 2.6969 32.1129 . . 174 3098 96.00 . . . 0.2159 . 0.1929 . . . . . . . . . . 
# 
_struct.entry_id                     5LQO 
_struct.title                        'RNA duplex has central consecutive GA pairs flanked by G-C basepairs' 
_struct.pdbx_model_details           ? 
_struct.pdbx_formula_weight          ? 
_struct.pdbx_formula_weight_method   ? 
_struct.pdbx_model_type_details      ? 
_struct.pdbx_CASP_flag               N 
# 
_struct_keywords.entry_id        5LQO 
_struct_keywords.text            'N6-methyladenine, RNA folding, Watson-Crick basepairs, RNA' 
_struct_keywords.pdbx_keywords   RNA 
# 
loop_
_struct_asym.id 
_struct_asym.pdbx_blank_PDB_chainid_flag 
_struct_asym.pdbx_modified 
_struct_asym.entity_id 
_struct_asym.details 
A N N 1 ? 
B N N 1 ? 
C N N 2 ? 
D N N 2 ? 
# 
_struct_ref.id                         1 
_struct_ref.db_name                    PDB 
_struct_ref.db_code                    5LQO 
_struct_ref.pdbx_db_accession          5LQO 
_struct_ref.pdbx_db_isoform            ? 
_struct_ref.entity_id                  1 
_struct_ref.pdbx_seq_one_letter_code   ? 
_struct_ref.pdbx_align_begin           1 
# 
loop_
_struct_ref_seq.align_id 
_struct_ref_seq.ref_id 
_struct_ref_seq.pdbx_PDB_id_code 
_struct_ref_seq.pdbx_strand_id 
_struct_ref_seq.seq_align_beg 
_struct_ref_seq.pdbx_seq_align_beg_ins_code 
_struct_ref_seq.seq_align_end 
_struct_ref_seq.pdbx_seq_align_end_ins_code 
_struct_ref_seq.pdbx_db_accession 
_struct_ref_seq.db_align_beg 
_struct_ref_seq.pdbx_db_align_beg_ins_code 
_struct_ref_seq.db_align_end 
_struct_ref_seq.pdbx_db_align_end_ins_code 
_struct_ref_seq.pdbx_auth_seq_align_beg 
_struct_ref_seq.pdbx_auth_seq_align_end 
1 1 5LQO A 1 ? 10 ? 5LQO 1 ? 10 ? 1 10 
2 1 5LQO B 1 ? 10 ? 5LQO 1 ? 10 ? 1 10 
# 
_pdbx_struct_assembly.id                   1 
_pdbx_struct_assembly.details              software_defined_assembly 
_pdbx_struct_assembly.method_details       PISA 
_pdbx_struct_assembly.oligomeric_details   dimeric 
_pdbx_struct_assembly.oligomeric_count     2 
# 
loop_
_pdbx_struct_assembly_prop.biol_id 
_pdbx_struct_assembly_prop.type 
_pdbx_struct_assembly_prop.value 
_pdbx_struct_assembly_prop.details 
1 'ABSA (A^2)' 2280 ? 
1 MORE         -0   ? 
1 'SSA (A^2)'  3530 ? 
# 
_pdbx_struct_assembly_gen.assembly_id       1 
_pdbx_struct_assembly_gen.oper_expression   1 
_pdbx_struct_assembly_gen.asym_id_list      A,B,C,D 
# 
_pdbx_struct_oper_list.id                   1 
_pdbx_struct_oper_list.type                 'identity operation' 
_pdbx_struct_oper_list.name                 1_555 
_pdbx_struct_oper_list.symmetry_operation   x,y,z 
_pdbx_struct_oper_list.matrix[1][1]         1.0000000000 
_pdbx_struct_oper_list.matrix[1][2]         0.0000000000 
_pdbx_struct_oper_list.matrix[1][3]         0.0000000000 
_pdbx_struct_oper_list.vector[1]            0.0000000000 
_pdbx_struct_oper_list.matrix[2][1]         0.0000000000 
_pdbx_struct_oper_list.matrix[2][2]         1.0000000000 
_pdbx_struct_oper_list.matrix[2][3]         0.0000000000 
_pdbx_struct_oper_list.vector[2]            0.0000000000 
_pdbx_struct_oper_list.matrix[3][1]         0.0000000000 
_pdbx_struct_oper_list.matrix[3][2]         0.0000000000 
_pdbx_struct_oper_list.matrix[3][3]         1.0000000000 
_pdbx_struct_oper_list.vector[3]            0.0000000000 
# 
loop_
_struct_conn.id 
_struct_conn.conn_type_id 
_struct_conn.pdbx_leaving_atom_flag 
_struct_conn.pdbx_PDB_id 
_struct_conn.ptnr1_label_asym_id 
_struct_conn.ptnr1_label_comp_id 
_struct_conn.ptnr1_label_seq_id 
_struct_conn.ptnr1_label_atom_id 
_struct_conn.pdbx_ptnr1_label_alt_id 
_struct_conn.pdbx_ptnr1_PDB_ins_code 
_struct_conn.pdbx_ptnr1_standard_comp_id 
_struct_conn.ptnr1_symmetry 
_struct_conn.ptnr2_label_asym_id 
_struct_conn.ptnr2_label_comp_id 
_struct_conn.ptnr2_label_seq_id 
_struct_conn.ptnr2_label_atom_id 
_struct_conn.pdbx_ptnr2_label_alt_id 
_struct_conn.pdbx_ptnr2_PDB_ins_code 
_struct_conn.ptnr1_auth_asym_id 
_struct_conn.ptnr1_auth_comp_id 
_struct_conn.ptnr1_auth_seq_id 
_struct_conn.ptnr2_auth_asym_id 
_struct_conn.ptnr2_auth_comp_id 
_struct_conn.ptnr2_auth_seq_id 
_struct_conn.ptnr2_symmetry 
_struct_conn.pdbx_ptnr3_label_atom_id 
_struct_conn.pdbx_ptnr3_label_seq_id 
_struct_conn.pdbx_ptnr3_label_comp_id 
_struct_conn.pdbx_ptnr3_label_asym_id 
_struct_conn.pdbx_ptnr3_label_alt_id 
_struct_conn.pdbx_ptnr3_PDB_ins_code 
_struct_conn.details 
_struct_conn.pdbx_dist_value 
_struct_conn.pdbx_value_order 
_struct_conn.pdbx_role 
covale1  covale both ? A G   1  "O3'" ? ? ? 1_555 A CBV 2  P  ? ? A G   1  A CBV 2  1_555 ? ? ? ? ? ? ?            1.625 ? ? 
covale2  covale one  ? A CBV 2  "O3'" ? ? ? 1_555 A C   3  P  ? ? A CBV 2  A C   3  1_555 ? ? ? ? ? ? ?            1.599 ? ? 
covale3  covale both ? B G   1  "O3'" ? ? ? 1_555 B CBV 2  P  ? ? B G   1  B CBV 2  1_555 ? ? ? ? ? ? ?            1.626 ? ? 
covale4  covale one  ? B CBV 2  "O3'" ? ? ? 1_555 B C   3  P  ? ? B CBV 2  B C   3  1_555 ? ? ? ? ? ? ?            1.609 ? ? 
hydrog1  hydrog ?    ? A G   1  N1    ? ? ? 1_555 B C   10 N3 ? ? A G   1  B C   10 1_555 ? ? ? ? ? ? WATSON-CRICK ?     ? ? 
hydrog2  hydrog ?    ? A G   1  N2    ? ? ? 1_555 B C   10 O2 ? ? A G   1  B C   10 1_555 ? ? ? ? ? ? WATSON-CRICK ?     ? ? 
hydrog3  hydrog ?    ? A G   1  O6    ? ? ? 1_555 B C   10 N4 ? ? A G   1  B C   10 1_555 ? ? ? ? ? ? WATSON-CRICK ?     ? ? 
hydrog4  hydrog ?    ? A CBV 2  N3    ? ? ? 1_555 B G   9  N1 ? ? A CBV 2  B G   9  1_555 ? ? ? ? ? ? WATSON-CRICK ?     ? ? 
hydrog5  hydrog ?    ? A CBV 2  N4    ? ? ? 1_555 B G   9  O6 ? ? A CBV 2  B G   9  1_555 ? ? ? ? ? ? WATSON-CRICK ?     ? ? 
hydrog6  hydrog ?    ? A CBV 2  O2    ? ? ? 1_555 B G   9  N2 ? ? A CBV 2  B G   9  1_555 ? ? ? ? ? ? WATSON-CRICK ?     ? ? 
hydrog7  hydrog ?    ? A C   3  N3    ? ? ? 1_555 B G   8  N1 ? ? A C   3  B G   8  1_555 ? ? ? ? ? ? WATSON-CRICK ?     ? ? 
hydrog8  hydrog ?    ? A C   3  N4    ? ? ? 1_555 B G   8  O6 ? ? A C   3  B G   8  1_555 ? ? ? ? ? ? WATSON-CRICK ?     ? ? 
hydrog9  hydrog ?    ? A C   3  O2    ? ? ? 1_555 B G   8  N2 ? ? A C   3  B G   8  1_555 ? ? ? ? ? ? WATSON-CRICK ?     ? ? 
hydrog10 hydrog ?    ? A G   4  N1    ? ? ? 1_555 B C   7  N3 ? ? A G   4  B C   7  1_555 ? ? ? ? ? ? WATSON-CRICK ?     ? ? 
hydrog11 hydrog ?    ? A G   4  N2    ? ? ? 1_555 B C   7  O2 ? ? A G   4  B C   7  1_555 ? ? ? ? ? ? WATSON-CRICK ?     ? ? 
hydrog12 hydrog ?    ? A G   4  O6    ? ? ? 1_555 B C   7  N4 ? ? A G   4  B C   7  1_555 ? ? ? ? ? ? WATSON-CRICK ?     ? ? 
hydrog13 hydrog ?    ? A G   5  N1    ? ? ? 1_555 B A   6  N1 ? ? A G   5  B A   6  1_555 ? ? ? ? ? ? TYPE_8_PAIR  ?     ? ? 
hydrog14 hydrog ?    ? A G   5  O6    ? ? ? 1_555 B A   6  N6 ? ? A G   5  B A   6  1_555 ? ? ? ? ? ? TYPE_8_PAIR  ?     ? ? 
hydrog15 hydrog ?    ? A A   6  N1    ? ? ? 1_555 B G   5  N1 ? ? A A   6  B G   5  1_555 ? ? ? ? ? ? TYPE_8_PAIR  ?     ? ? 
hydrog16 hydrog ?    ? A A   6  N6    ? ? ? 1_555 B G   5  O6 ? ? A A   6  B G   5  1_555 ? ? ? ? ? ? TYPE_8_PAIR  ?     ? ? 
hydrog17 hydrog ?    ? A C   7  N3    ? ? ? 1_555 B G   4  N1 ? ? A C   7  B G   4  1_555 ? ? ? ? ? ? WATSON-CRICK ?     ? ? 
hydrog18 hydrog ?    ? A C   7  N4    ? ? ? 1_555 B G   4  O6 ? ? A C   7  B G   4  1_555 ? ? ? ? ? ? WATSON-CRICK ?     ? ? 
hydrog19 hydrog ?    ? A C   7  O2    ? ? ? 1_555 B G   4  N2 ? ? A C   7  B G   4  1_555 ? ? ? ? ? ? WATSON-CRICK ?     ? ? 
hydrog20 hydrog ?    ? A G   8  N1    ? ? ? 1_555 B C   3  N3 ? ? A G   8  B C   3  1_555 ? ? ? ? ? ? WATSON-CRICK ?     ? ? 
hydrog21 hydrog ?    ? A G   8  N2    ? ? ? 1_555 B C   3  O2 ? ? A G   8  B C   3  1_555 ? ? ? ? ? ? WATSON-CRICK ?     ? ? 
hydrog22 hydrog ?    ? A G   8  O6    ? ? ? 1_555 B C   3  N4 ? ? A G   8  B C   3  1_555 ? ? ? ? ? ? WATSON-CRICK ?     ? ? 
hydrog23 hydrog ?    ? A G   9  N1    ? ? ? 1_555 B CBV 2  N3 ? ? A G   9  B CBV 2  1_555 ? ? ? ? ? ? WATSON-CRICK ?     ? ? 
hydrog24 hydrog ?    ? A G   9  N2    ? ? ? 1_555 B CBV 2  O2 ? ? A G   9  B CBV 2  1_555 ? ? ? ? ? ? WATSON-CRICK ?     ? ? 
hydrog25 hydrog ?    ? A G   9  O6    ? ? ? 1_555 B CBV 2  N4 ? ? A G   9  B CBV 2  1_555 ? ? ? ? ? ? WATSON-CRICK ?     ? ? 
hydrog26 hydrog ?    ? A C   10 N3    ? ? ? 1_555 B G   1  N1 ? ? A C   10 B G   1  1_555 ? ? ? ? ? ? WATSON-CRICK ?     ? ? 
hydrog27 hydrog ?    ? A C   10 N4    ? ? ? 1_555 B G   1  O6 ? ? A C   10 B G   1  1_555 ? ? ? ? ? ? WATSON-CRICK ?     ? ? 
hydrog28 hydrog ?    ? A C   10 O2    ? ? ? 1_555 B G   1  N2 ? ? A C   10 B G   1  1_555 ? ? ? ? ? ? WATSON-CRICK ?     ? ? 
# 
loop_
_struct_conn_type.id 
_struct_conn_type.criteria 
_struct_conn_type.reference 
covale ? ? 
hydrog ? ? 
# 
loop_
_pdbx_validate_close_contact.id 
_pdbx_validate_close_contact.PDB_model_num 
_pdbx_validate_close_contact.auth_atom_id_1 
_pdbx_validate_close_contact.auth_asym_id_1 
_pdbx_validate_close_contact.auth_comp_id_1 
_pdbx_validate_close_contact.auth_seq_id_1 
_pdbx_validate_close_contact.PDB_ins_code_1 
_pdbx_validate_close_contact.label_alt_id_1 
_pdbx_validate_close_contact.auth_atom_id_2 
_pdbx_validate_close_contact.auth_asym_id_2 
_pdbx_validate_close_contact.auth_comp_id_2 
_pdbx_validate_close_contact.auth_seq_id_2 
_pdbx_validate_close_contact.PDB_ins_code_2 
_pdbx_validate_close_contact.label_alt_id_2 
_pdbx_validate_close_contact.dist 
1 1 "O3'" A G 1 ? ? O2P A CBV 2 ? ? 0.69 
2 1 "O3'" B G 1 ? ? O3P B CBV 2 ? ? 0.69 
# 
loop_
_pdbx_refine_tls.pdbx_refine_id 
_pdbx_refine_tls.id 
_pdbx_refine_tls.details 
_pdbx_refine_tls.method 
_pdbx_refine_tls.origin_x 
_pdbx_refine_tls.origin_y 
_pdbx_refine_tls.origin_z 
_pdbx_refine_tls.T[1][1] 
_pdbx_refine_tls.T[2][2] 
_pdbx_refine_tls.T[3][3] 
_pdbx_refine_tls.T[1][2] 
_pdbx_refine_tls.T[1][3] 
_pdbx_refine_tls.T[2][3] 
_pdbx_refine_tls.L[1][1] 
_pdbx_refine_tls.L[2][2] 
_pdbx_refine_tls.L[3][3] 
_pdbx_refine_tls.L[1][2] 
_pdbx_refine_tls.L[1][3] 
_pdbx_refine_tls.L[2][3] 
_pdbx_refine_tls.S[1][1] 
_pdbx_refine_tls.S[1][2] 
_pdbx_refine_tls.S[1][3] 
_pdbx_refine_tls.S[2][1] 
_pdbx_refine_tls.S[2][2] 
_pdbx_refine_tls.S[2][3] 
_pdbx_refine_tls.S[3][1] 
_pdbx_refine_tls.S[3][2] 
_pdbx_refine_tls.S[3][3] 
'X-RAY DIFFRACTION' 1 ? refined 6.1657   1.7221  1.6018  0.4064 0.3968 0.3474 -0.0415 -0.0414 0.0813  9.6747  1.3960 0.1306 -1.4108 -0.9112 -0.0125 -0.5350 -0.1363 -0.2484 -0.0589 0.2990  -0.1227 0.4413  -0.0819 0.1720  
'X-RAY DIFFRACTION' 2 ? refined -10.5637 -3.4715 1.6863  0.3898 0.3695 0.4455 -0.1014 -0.0173 -0.0820 2.4044  9.4668 0.3290 4.3192  0.8761  1.3592  0.0240  0.2955  -0.4532 0.0400  0.0734  0.6017  0.5009  -0.1268 -0.1210 
'X-RAY DIFFRACTION' 3 ? refined -3.3411  -7.5313 -0.5192 0.4039 0.6768 0.4455 -0.0036 0.0584  -0.0186 1.1506  8.2205 6.7120 1.1939  -1.6827 -3.7369 0.1381  -0.2103 -0.2433 -0.5299 -0.7191 -0.5089 0.2717  1.2613  0.6094  
'X-RAY DIFFRACTION' 4 ? refined 5.0945   8.2334  -2.8013 0.3421 0.3276 0.4151 0.0696  0.0964  0.0648  10.1865 7.7919 6.6543 2.1604  1.7128  1.0790  0.2025  0.4004  -0.1635 -0.6530 0.1369  -1.1781 -0.1656 0.2531  -0.3305  
# 
loop_
_pdbx_refine_tls_group.pdbx_refine_id 
_pdbx_refine_tls_group.id 
_pdbx_refine_tls_group.refine_tls_id 
_pdbx_refine_tls_group.beg_auth_asym_id 
_pdbx_refine_tls_group.beg_auth_seq_id 
_pdbx_refine_tls_group.beg_label_asym_id 
_pdbx_refine_tls_group.beg_label_seq_id 
_pdbx_refine_tls_group.end_auth_asym_id 
_pdbx_refine_tls_group.end_auth_seq_id 
_pdbx_refine_tls_group.end_label_asym_id 
_pdbx_refine_tls_group.end_label_seq_id 
_pdbx_refine_tls_group.selection 
_pdbx_refine_tls_group.selection_details 
'X-RAY DIFFRACTION' 1 1 ? ? ? ? ? ? ? ? ? '(chain A and resid 1:6)'  
'X-RAY DIFFRACTION' 2 2 ? ? ? ? ? ? ? ? ? '(chain A and resid 7:10)' 
'X-RAY DIFFRACTION' 3 3 ? ? ? ? ? ? ? ? ? '(chain B and resid 1:5)'  
'X-RAY DIFFRACTION' 4 4 ? ? ? ? ? ? ? ? ? '(chain B and resid 6:10)' 
# 
loop_
_chem_comp_atom.comp_id 
_chem_comp_atom.atom_id 
_chem_comp_atom.type_symbol 
_chem_comp_atom.pdbx_aromatic_flag 
_chem_comp_atom.pdbx_stereo_config 
_chem_comp_atom.pdbx_ordinal 
A   OP3    O  N N 1   
A   P      P  N N 2   
A   OP1    O  N N 3   
A   OP2    O  N N 4   
A   "O5'"  O  N N 5   
A   "C5'"  C  N N 6   
A   "C4'"  C  N R 7   
A   "O4'"  O  N N 8   
A   "C3'"  C  N S 9   
A   "O3'"  O  N N 10  
A   "C2'"  C  N R 11  
A   "O2'"  O  N N 12  
A   "C1'"  C  N R 13  
A   N9     N  Y N 14  
A   C8     C  Y N 15  
A   N7     N  Y N 16  
A   C5     C  Y N 17  
A   C6     C  Y N 18  
A   N6     N  N N 19  
A   N1     N  Y N 20  
A   C2     C  Y N 21  
A   N3     N  Y N 22  
A   C4     C  Y N 23  
A   HOP3   H  N N 24  
A   HOP2   H  N N 25  
A   "H5'"  H  N N 26  
A   "H5''" H  N N 27  
A   "H4'"  H  N N 28  
A   "H3'"  H  N N 29  
A   "HO3'" H  N N 30  
A   "H2'"  H  N N 31  
A   "HO2'" H  N N 32  
A   "H1'"  H  N N 33  
A   H8     H  N N 34  
A   H61    H  N N 35  
A   H62    H  N N 36  
A   H2     H  N N 37  
C   OP3    O  N N 38  
C   P      P  N N 39  
C   OP1    O  N N 40  
C   OP2    O  N N 41  
C   "O5'"  O  N N 42  
C   "C5'"  C  N N 43  
C   "C4'"  C  N R 44  
C   "O4'"  O  N N 45  
C   "C3'"  C  N S 46  
C   "O3'"  O  N N 47  
C   "C2'"  C  N R 48  
C   "O2'"  O  N N 49  
C   "C1'"  C  N R 50  
C   N1     N  N N 51  
C   C2     C  N N 52  
C   O2     O  N N 53  
C   N3     N  N N 54  
C   C4     C  N N 55  
C   N4     N  N N 56  
C   C5     C  N N 57  
C   C6     C  N N 58  
C   HOP3   H  N N 59  
C   HOP2   H  N N 60  
C   "H5'"  H  N N 61  
C   "H5''" H  N N 62  
C   "H4'"  H  N N 63  
C   "H3'"  H  N N 64  
C   "HO3'" H  N N 65  
C   "H2'"  H  N N 66  
C   "HO2'" H  N N 67  
C   "H1'"  H  N N 68  
C   H41    H  N N 69  
C   H42    H  N N 70  
C   H5     H  N N 71  
C   H6     H  N N 72  
CBV O3P    O  N N 73  
CBV P      P  N N 74  
CBV O1P    O  N N 75  
CBV O2P    O  N N 76  
CBV "O5'"  O  N N 77  
CBV "C5'"  C  N N 78  
CBV "C4'"  C  N R 79  
CBV "O4'"  O  N N 80  
CBV "C3'"  C  N S 81  
CBV "O3'"  O  N N 82  
CBV "C2'"  C  N R 83  
CBV "O2'"  O  N N 84  
CBV "C1'"  C  N R 85  
CBV N1     N  N N 86  
CBV C2     C  N N 87  
CBV O2     O  N N 88  
CBV N3     N  N N 89  
CBV C4     C  N N 90  
CBV N4     N  N N 91  
CBV C5     C  N N 92  
CBV C6     C  N N 93  
CBV BR     BR N N 94  
CBV HO3P   H  N N 95  
CBV HO1P   H  N N 96  
CBV "H5'1" H  N N 97  
CBV "H5'2" H  N N 98  
CBV "H4'"  H  N N 99  
CBV "H3'"  H  N N 100 
CBV "HO3'" H  N N 101 
CBV "H2'"  H  N N 102 
CBV "HO2'" H  N N 103 
CBV "H1'"  H  N N 104 
CBV HN41   H  N N 105 
CBV HN42   H  N N 106 
CBV H6     H  N N 107 
G   OP3    O  N N 108 
G   P      P  N N 109 
G   OP1    O  N N 110 
G   OP2    O  N N 111 
G   "O5'"  O  N N 112 
G   "C5'"  C  N N 113 
G   "C4'"  C  N R 114 
G   "O4'"  O  N N 115 
G   "C3'"  C  N S 116 
G   "O3'"  O  N N 117 
G   "C2'"  C  N R 118 
G   "O2'"  O  N N 119 
G   "C1'"  C  N R 120 
G   N9     N  Y N 121 
G   C8     C  Y N 122 
G   N7     N  Y N 123 
G   C5     C  Y N 124 
G   C6     C  N N 125 
G   O6     O  N N 126 
G   N1     N  N N 127 
G   C2     C  N N 128 
G   N2     N  N N 129 
G   N3     N  N N 130 
G   C4     C  Y N 131 
G   HOP3   H  N N 132 
G   HOP2   H  N N 133 
G   "H5'"  H  N N 134 
G   "H5''" H  N N 135 
G   "H4'"  H  N N 136 
G   "H3'"  H  N N 137 
G   "HO3'" H  N N 138 
G   "H2'"  H  N N 139 
G   "HO2'" H  N N 140 
G   "H1'"  H  N N 141 
G   H8     H  N N 142 
G   H1     H  N N 143 
G   H21    H  N N 144 
G   H22    H  N N 145 
HOH O      O  N N 146 
HOH H1     H  N N 147 
HOH H2     H  N N 148 
# 
loop_
_chem_comp_bond.comp_id 
_chem_comp_bond.atom_id_1 
_chem_comp_bond.atom_id_2 
_chem_comp_bond.value_order 
_chem_comp_bond.pdbx_aromatic_flag 
_chem_comp_bond.pdbx_stereo_config 
_chem_comp_bond.pdbx_ordinal 
A   OP3   P      sing N N 1   
A   OP3   HOP3   sing N N 2   
A   P     OP1    doub N N 3   
A   P     OP2    sing N N 4   
A   P     "O5'"  sing N N 5   
A   OP2   HOP2   sing N N 6   
A   "O5'" "C5'"  sing N N 7   
A   "C5'" "C4'"  sing N N 8   
A   "C5'" "H5'"  sing N N 9   
A   "C5'" "H5''" sing N N 10  
A   "C4'" "O4'"  sing N N 11  
A   "C4'" "C3'"  sing N N 12  
A   "C4'" "H4'"  sing N N 13  
A   "O4'" "C1'"  sing N N 14  
A   "C3'" "O3'"  sing N N 15  
A   "C3'" "C2'"  sing N N 16  
A   "C3'" "H3'"  sing N N 17  
A   "O3'" "HO3'" sing N N 18  
A   "C2'" "O2'"  sing N N 19  
A   "C2'" "C1'"  sing N N 20  
A   "C2'" "H2'"  sing N N 21  
A   "O2'" "HO2'" sing N N 22  
A   "C1'" N9     sing N N 23  
A   "C1'" "H1'"  sing N N 24  
A   N9    C8     sing Y N 25  
A   N9    C4     sing Y N 26  
A   C8    N7     doub Y N 27  
A   C8    H8     sing N N 28  
A   N7    C5     sing Y N 29  
A   C5    C6     sing Y N 30  
A   C5    C4     doub Y N 31  
A   C6    N6     sing N N 32  
A   C6    N1     doub Y N 33  
A   N6    H61    sing N N 34  
A   N6    H62    sing N N 35  
A   N1    C2     sing Y N 36  
A   C2    N3     doub Y N 37  
A   C2    H2     sing N N 38  
A   N3    C4     sing Y N 39  
C   OP3   P      sing N N 40  
C   OP3   HOP3   sing N N 41  
C   P     OP1    doub N N 42  
C   P     OP2    sing N N 43  
C   P     "O5'"  sing N N 44  
C   OP2   HOP2   sing N N 45  
C   "O5'" "C5'"  sing N N 46  
C   "C5'" "C4'"  sing N N 47  
C   "C5'" "H5'"  sing N N 48  
C   "C5'" "H5''" sing N N 49  
C   "C4'" "O4'"  sing N N 50  
C   "C4'" "C3'"  sing N N 51  
C   "C4'" "H4'"  sing N N 52  
C   "O4'" "C1'"  sing N N 53  
C   "C3'" "O3'"  sing N N 54  
C   "C3'" "C2'"  sing N N 55  
C   "C3'" "H3'"  sing N N 56  
C   "O3'" "HO3'" sing N N 57  
C   "C2'" "O2'"  sing N N 58  
C   "C2'" "C1'"  sing N N 59  
C   "C2'" "H2'"  sing N N 60  
C   "O2'" "HO2'" sing N N 61  
C   "C1'" N1     sing N N 62  
C   "C1'" "H1'"  sing N N 63  
C   N1    C2     sing N N 64  
C   N1    C6     sing N N 65  
C   C2    O2     doub N N 66  
C   C2    N3     sing N N 67  
C   N3    C4     doub N N 68  
C   C4    N4     sing N N 69  
C   C4    C5     sing N N 70  
C   N4    H41    sing N N 71  
C   N4    H42    sing N N 72  
C   C5    C6     doub N N 73  
C   C5    H5     sing N N 74  
C   C6    H6     sing N N 75  
CBV O3P   P      sing N N 76  
CBV O3P   HO3P   sing N N 77  
CBV P     O1P    sing N N 78  
CBV P     O2P    doub N N 79  
CBV P     "O5'"  sing N N 80  
CBV O1P   HO1P   sing N N 81  
CBV "O5'" "C5'"  sing N N 82  
CBV "C5'" "C4'"  sing N N 83  
CBV "C5'" "H5'1" sing N N 84  
CBV "C5'" "H5'2" sing N N 85  
CBV "C4'" "O4'"  sing N N 86  
CBV "C4'" "C3'"  sing N N 87  
CBV "C4'" "H4'"  sing N N 88  
CBV "O4'" "C1'"  sing N N 89  
CBV "C3'" "O3'"  sing N N 90  
CBV "C3'" "C2'"  sing N N 91  
CBV "C3'" "H3'"  sing N N 92  
CBV "O3'" "HO3'" sing N N 93  
CBV "C2'" "O2'"  sing N N 94  
CBV "C2'" "C1'"  sing N N 95  
CBV "C2'" "H2'"  sing N N 96  
CBV "O2'" "HO2'" sing N N 97  
CBV "C1'" N1     sing N N 98  
CBV "C1'" "H1'"  sing N N 99  
CBV N1    C2     sing N N 100 
CBV N1    C6     sing N N 101 
CBV C2    O2     doub N N 102 
CBV C2    N3     sing N N 103 
CBV N3    C4     doub N N 104 
CBV C4    N4     sing N N 105 
CBV C4    C5     sing N N 106 
CBV N4    HN41   sing N N 107 
CBV N4    HN42   sing N N 108 
CBV C5    C6     doub N N 109 
CBV C5    BR     sing N N 110 
CBV C6    H6     sing N N 111 
G   OP3   P      sing N N 112 
G   OP3   HOP3   sing N N 113 
G   P     OP1    doub N N 114 
G   P     OP2    sing N N 115 
G   P     "O5'"  sing N N 116 
G   OP2   HOP2   sing N N 117 
G   "O5'" "C5'"  sing N N 118 
G   "C5'" "C4'"  sing N N 119 
G   "C5'" "H5'"  sing N N 120 
G   "C5'" "H5''" sing N N 121 
G   "C4'" "O4'"  sing N N 122 
G   "C4'" "C3'"  sing N N 123 
G   "C4'" "H4'"  sing N N 124 
G   "O4'" "C1'"  sing N N 125 
G   "C3'" "O3'"  sing N N 126 
G   "C3'" "C2'"  sing N N 127 
G   "C3'" "H3'"  sing N N 128 
G   "O3'" "HO3'" sing N N 129 
G   "C2'" "O2'"  sing N N 130 
G   "C2'" "C1'"  sing N N 131 
G   "C2'" "H2'"  sing N N 132 
G   "O2'" "HO2'" sing N N 133 
G   "C1'" N9     sing N N 134 
G   "C1'" "H1'"  sing N N 135 
G   N9    C8     sing Y N 136 
G   N9    C4     sing Y N 137 
G   C8    N7     doub Y N 138 
G   C8    H8     sing N N 139 
G   N7    C5     sing Y N 140 
G   C5    C6     sing N N 141 
G   C5    C4     doub Y N 142 
G   C6    O6     doub N N 143 
G   C6    N1     sing N N 144 
G   N1    C2     sing N N 145 
G   N1    H1     sing N N 146 
G   C2    N2     sing N N 147 
G   C2    N3     doub N N 148 
G   N2    H21    sing N N 149 
G   N2    H22    sing N N 150 
G   N3    C4     sing N N 151 
HOH O     H1     sing N N 152 
HOH O     H2     sing N N 153 
# 
loop_
_ndb_struct_conf_na.entry_id 
_ndb_struct_conf_na.feature 
5LQO 'double helix'        
5LQO 'a-form double helix' 
# 
loop_
_ndb_struct_na_base_pair.model_number 
_ndb_struct_na_base_pair.i_label_asym_id 
_ndb_struct_na_base_pair.i_label_comp_id 
_ndb_struct_na_base_pair.i_label_seq_id 
_ndb_struct_na_base_pair.i_symmetry 
_ndb_struct_na_base_pair.j_label_asym_id 
_ndb_struct_na_base_pair.j_label_comp_id 
_ndb_struct_na_base_pair.j_label_seq_id 
_ndb_struct_na_base_pair.j_symmetry 
_ndb_struct_na_base_pair.shear 
_ndb_struct_na_base_pair.stretch 
_ndb_struct_na_base_pair.stagger 
_ndb_struct_na_base_pair.buckle 
_ndb_struct_na_base_pair.propeller 
_ndb_struct_na_base_pair.opening 
_ndb_struct_na_base_pair.pair_number 
_ndb_struct_na_base_pair.pair_name 
_ndb_struct_na_base_pair.i_auth_asym_id 
_ndb_struct_na_base_pair.i_auth_seq_id 
_ndb_struct_na_base_pair.i_PDB_ins_code 
_ndb_struct_na_base_pair.j_auth_asym_id 
_ndb_struct_na_base_pair.j_auth_seq_id 
_ndb_struct_na_base_pair.j_PDB_ins_code 
_ndb_struct_na_base_pair.hbond_type_28 
_ndb_struct_na_base_pair.hbond_type_12 
1 A G   1  1_555 B C   10 1_555 -0.844 -0.038 0.036  -0.745  -3.523  4.925   1  A_G1:C10_B  A 1  ? B 10 ? 19 1 
1 A CBV 2  1_555 B G   9  1_555 0.274  -0.153 -0.057 6.945   -11.438 -0.113  2  A_CBV2:G9_B A 2  ? B 9  ? 19 1 
1 A C   3  1_555 B G   8  1_555 0.405  -0.322 0.080  -1.020  -14.297 3.413   3  A_C3:G8_B   A 3  ? B 8  ? 19 1 
1 A G   4  1_555 B C   7  1_555 -0.339 -0.159 0.277  -7.822  -19.620 -1.639  4  A_G4:C7_B   A 4  ? B 7  ? 19 1 
1 A G   5  1_555 B A   6  1_555 0.185  1.477  -0.265 -0.689  -16.908 -17.471 5  A_G5:A6_B   A 5  ? B 6  ? 8  1 
1 A A   6  1_555 B G   5  1_555 0.187  1.429  -0.481 -13.946 -10.587 -14.802 6  A_A6:G5_B   A 6  ? B 5  ? 8  1 
1 A C   7  1_555 B G   4  1_555 0.278  -0.329 0.051  7.712   -17.588 -3.056  7  A_C7:G4_B   A 7  ? B 4  ? 19 1 
1 A G   8  1_555 B C   3  1_555 -0.478 -0.228 0.153  -1.479  -15.694 2.489   8  A_G8:C3_B   A 8  ? B 3  ? 19 1 
1 A G   9  1_555 B CBV 2  1_555 -0.306 -0.224 0.102  -2.731  -13.846 0.254   9  A_G9:CBV2_B A 9  ? B 2  ? 19 1 
1 A C   10 1_555 B G   1  1_555 0.091  -0.176 0.234  -3.902  -7.205  -0.855  10 A_C10:G1_B  A 10 ? B 1  ? 19 1 
# 
loop_
_ndb_struct_na_base_pair_step.model_number 
_ndb_struct_na_base_pair_step.i_label_asym_id_1 
_ndb_struct_na_base_pair_step.i_label_comp_id_1 
_ndb_struct_na_base_pair_step.i_label_seq_id_1 
_ndb_struct_na_base_pair_step.i_symmetry_1 
_ndb_struct_na_base_pair_step.j_label_asym_id_1 
_ndb_struct_na_base_pair_step.j_label_comp_id_1 
_ndb_struct_na_base_pair_step.j_label_seq_id_1 
_ndb_struct_na_base_pair_step.j_symmetry_1 
_ndb_struct_na_base_pair_step.i_label_asym_id_2 
_ndb_struct_na_base_pair_step.i_label_comp_id_2 
_ndb_struct_na_base_pair_step.i_label_seq_id_2 
_ndb_struct_na_base_pair_step.i_symmetry_2 
_ndb_struct_na_base_pair_step.j_label_asym_id_2 
_ndb_struct_na_base_pair_step.j_label_comp_id_2 
_ndb_struct_na_base_pair_step.j_label_seq_id_2 
_ndb_struct_na_base_pair_step.j_symmetry_2 
_ndb_struct_na_base_pair_step.shift 
_ndb_struct_na_base_pair_step.slide 
_ndb_struct_na_base_pair_step.rise 
_ndb_struct_na_base_pair_step.tilt 
_ndb_struct_na_base_pair_step.roll 
_ndb_struct_na_base_pair_step.twist 
_ndb_struct_na_base_pair_step.x_displacement 
_ndb_struct_na_base_pair_step.y_displacement 
_ndb_struct_na_base_pair_step.helical_rise 
_ndb_struct_na_base_pair_step.inclination 
_ndb_struct_na_base_pair_step.tip 
_ndb_struct_na_base_pair_step.helical_twist 
_ndb_struct_na_base_pair_step.step_number 
_ndb_struct_na_base_pair_step.step_name 
_ndb_struct_na_base_pair_step.i_auth_asym_id_1 
_ndb_struct_na_base_pair_step.i_auth_seq_id_1 
_ndb_struct_na_base_pair_step.i_PDB_ins_code_1 
_ndb_struct_na_base_pair_step.j_auth_asym_id_1 
_ndb_struct_na_base_pair_step.j_auth_seq_id_1 
_ndb_struct_na_base_pair_step.j_PDB_ins_code_1 
_ndb_struct_na_base_pair_step.i_auth_asym_id_2 
_ndb_struct_na_base_pair_step.i_auth_seq_id_2 
_ndb_struct_na_base_pair_step.i_PDB_ins_code_2 
_ndb_struct_na_base_pair_step.j_auth_asym_id_2 
_ndb_struct_na_base_pair_step.j_auth_seq_id_2 
_ndb_struct_na_base_pair_step.j_PDB_ins_code_2 
1 A G   1 1_555 B C   10 1_555 A CBV 2  1_555 B G   9 1_555 -0.798 -1.851 3.094 -1.065 3.461  35.414 -3.493 1.163  2.928 5.671  
1.744   35.592 1 AA_G1CBV2:G9C10_BB A 1 ? B 10 ? A 2  ? B 9 ? 
1 A CBV 2 1_555 B G   9  1_555 A C   3  1_555 B G   8 1_555 0.986  -1.642 3.335 1.522  6.983  32.733 -3.972 -1.467 2.973 12.209 
-2.661  33.483 2 AA_CBV2C3:G8G9_BB  A 2 ? B 9  ? A 3  ? B 8 ? 
1 A C   3 1_555 B G   8  1_555 A G   4  1_555 B C   7 1_555 -0.300 -1.585 3.306 1.528  7.946  31.574 -4.143 0.789  2.817 14.310 
-2.751  32.569 3 AA_C3G4:C7G8_BB    A 3 ? B 8  ? A 4  ? B 7 ? 
1 A G   4 1_555 B C   7  1_555 A G   5  1_555 B A   6 1_555 -1.268 -1.220 3.097 3.628  2.323  33.899 -2.413 2.684  2.863 3.964  
-6.192  34.163 4 AA_G4G5:A6C7_BB    A 4 ? B 7  ? A 5  ? B 6 ? 
1 A G   5 1_555 B A   6  1_555 A A   6  1_555 B G   5 1_555 1.402  -1.423 3.495 7.602  7.371  26.843 -4.624 -0.996 3.266 15.150 
-15.624 28.821 5 AA_G5A6:G5A6_BB    A 5 ? B 6  ? A 6  ? B 5 ? 
1 A A   6 1_555 B G   5  1_555 A C   7  1_555 B G   4 1_555 0.873  -1.182 2.921 -5.329 3.824  25.857 -3.404 -3.064 2.496 8.376  
11.672  26.662 6 AA_A6C7:G4G5_BB    A 6 ? B 5  ? A 7  ? B 4 ? 
1 A C   7 1_555 B G   4  1_555 A G   8  1_555 B C   3 1_555 -0.153 -1.773 3.331 -3.715 12.984 32.653 -4.705 -0.256 2.472 21.960 
6.283   35.266 7 AA_C7G8:C3G4_BB    A 7 ? B 4  ? A 8  ? B 3 ? 
1 A G   8 1_555 B C   3  1_555 A G   9  1_555 B CBV 2 1_555 -0.151 -1.621 3.225 -0.901 5.312  28.576 -4.328 0.115  2.886 10.643 
1.806   29.069 8 AA_G8G9:CBV2C3_BB  A 8 ? B 3  ? A 9  ? B 2 ? 
1 A G   9 1_555 B CBV 2  1_555 A C   10 1_555 B G   1 1_555 0.015  -1.605 3.332 -0.346 2.279  35.818 -2.932 -0.074 3.227 3.700  
0.563   35.889 9 AA_G9C10:G1CBV2_BB A 9 ? B 2  ? A 10 ? B 1 ? 
# 
_pdbx_audit_support.funding_organization   'Cancer Research UK' 
_pdbx_audit_support.country                'United Kingdom' 
_pdbx_audit_support.grant_number           ? 
_pdbx_audit_support.ordinal                1 
# 
_atom_sites.entry_id                    5LQO 
_atom_sites.fract_transf_matrix[1][1]   -0.02212273 
_atom_sites.fract_transf_matrix[1][2]   0.01544483 
_atom_sites.fract_transf_matrix[1][3]   -0.01283732 
_atom_sites.fract_transf_matrix[2][1]   -0.00467711 
_atom_sites.fract_transf_matrix[2][2]   -0.02253575 
_atom_sites.fract_transf_matrix[2][3]   -0.01905306 
_atom_sites.fract_transf_matrix[3][1]   -0.00574579 
_atom_sites.fract_transf_matrix[3][2]   -0.00355895 
_atom_sites.fract_transf_matrix[3][3]   0.00561995 
_atom_sites.fract_transf_vector[1]      -0.448112 
_atom_sites.fract_transf_vector[2]      -0.062392 
_atom_sites.fract_transf_vector[3]      -0.024689 
# 
loop_
_atom_type.symbol 
BR 
C  
N  
O  
P  
# 
loop_
_atom_site.group_PDB 
_atom_site.id 
_atom_site.type_symbol 
_atom_site.label_atom_id 
_atom_site.label_alt_id 
_atom_site.label_comp_id 
_atom_site.label_asym_id 
_atom_site.label_entity_id 
_atom_site.label_seq_id 
_atom_site.pdbx_PDB_ins_code 
_atom_site.Cartn_x 
_atom_site.Cartn_y 
_atom_site.Cartn_z 
_atom_site.occupancy 
_atom_site.B_iso_or_equiv 
_atom_site.pdbx_formal_charge 
_atom_site.auth_seq_id 
_atom_site.auth_comp_id 
_atom_site.auth_asym_id 
_atom_site.auth_atom_id 
_atom_site.pdbx_PDB_model_num 
ATOM   1   O  "O5'" . G   A 1 1  ? 10.172  -2.992  -8.258  1.00 53.22 ? 1   G   A "O5'" 1 
ATOM   2   C  "C5'" . G   A 1 1  ? 11.214  -3.946  -8.392  1.00 51.27 ? 1   G   A "C5'" 1 
ATOM   3   C  "C4'" . G   A 1 1  ? 12.355  -3.610  -7.477  1.00 52.08 ? 1   G   A "C4'" 1 
ATOM   4   O  "O4'" . G   A 1 1  ? 13.001  -2.410  -7.964  1.00 48.00 ? 1   G   A "O4'" 1 
ATOM   5   C  "C3'" . G   A 1 1  ? 11.966  -3.267  -6.039  1.00 60.73 ? 1   G   A "C3'" 1 
ATOM   6   O  "O3'" . G   A 1 1  ? 11.781  -4.421  -5.200  1.00 72.43 ? 1   G   A "O3'" 1 
ATOM   7   C  "C2'" . G   A 1 1  ? 13.104  -2.363  -5.601  1.00 52.33 ? 1   G   A "C2'" 1 
ATOM   8   O  "O2'" . G   A 1 1  ? 14.262  -3.137  -5.322  1.00 45.22 ? 1   G   A "O2'" 1 
ATOM   9   C  "C1'" . G   A 1 1  ? 13.367  -1.586  -6.883  1.00 50.29 ? 1   G   A "C1'" 1 
ATOM   10  N  N9    . G   A 1 1  ? 12.570  -0.351  -6.969  1.00 52.52 ? 1   G   A N9    1 
ATOM   11  C  C8    . G   A 1 1  ? 11.541  -0.095  -7.841  1.00 53.35 ? 1   G   A C8    1 
ATOM   12  N  N7    . G   A 1 1  ? 11.029  1.100   -7.690  1.00 49.99 ? 1   G   A N7    1 
ATOM   13  C  C5    . G   A 1 1  ? 11.772  1.667   -6.666  1.00 50.94 ? 1   G   A C5    1 
ATOM   14  C  C6    . G   A 1 1  ? 11.685  2.953   -6.067  1.00 50.83 ? 1   G   A C6    1 
ATOM   15  O  O6    . G   A 1 1  ? 10.903  3.875   -6.336  1.00 49.60 ? 1   G   A O6    1 
ATOM   16  N  N1    . G   A 1 1  ? 12.629  3.109   -5.052  1.00 53.49 ? 1   G   A N1    1 
ATOM   17  C  C2    . G   A 1 1  ? 13.539  2.142   -4.670  1.00 48.26 ? 1   G   A C2    1 
ATOM   18  N  N2    . G   A 1 1  ? 14.381  2.465   -3.675  1.00 42.75 ? 1   G   A N2    1 
ATOM   19  N  N3    . G   A 1 1  ? 13.625  0.935   -5.219  1.00 43.73 ? 1   G   A N3    1 
ATOM   20  C  C4    . G   A 1 1  ? 12.726  0.777   -6.208  1.00 48.66 ? 1   G   A C4    1 
HETATM 21  O  O3P   . CBV A 1 2  ? 10.444  -5.682  -3.218  1.00 61.66 ? 2   CBV A O3P   1 
HETATM 22  P  P     . CBV A 1 2  ? 10.728  -4.405  -3.963  1.00 55.27 ? 2   CBV A P     1 
HETATM 23  O  O1P   . CBV A 1 2  ? 9.522   -3.757  -4.596  1.00 49.38 ? 2   CBV A O1P   1 
HETATM 24  O  O2P   . CBV A 1 2  ? 11.706  -5.040  -4.907  1.00 73.78 ? 2   CBV A O2P   1 
HETATM 25  O  "O5'" . CBV A 1 2  ? 11.440  -3.445  -2.906  1.00 54.15 ? 2   CBV A "O5'" 1 
HETATM 26  C  "C5'" . CBV A 1 2  ? 12.739  -3.753  -2.412  1.00 38.61 ? 2   CBV A "C5'" 1 
HETATM 27  C  "C4'" . CBV A 1 2  ? 13.197  -2.763  -1.368  1.00 39.34 ? 2   CBV A "C4'" 1 
HETATM 28  O  "O4'" . CBV A 1 2  ? 13.565  -1.514  -2.007  1.00 35.50 ? 2   CBV A "O4'" 1 
HETATM 29  C  "C3'" . CBV A 1 2  ? 12.165  -2.348  -0.330  1.00 48.11 ? 2   CBV A "C3'" 1 
HETATM 30  O  "O3'" . CBV A 1 2  ? 12.009  -3.278  0.720   1.00 55.36 ? 2   CBV A "O3'" 1 
HETATM 31  C  "C2'" . CBV A 1 2  ? 12.697  -1.013  0.139   1.00 48.29 ? 2   CBV A "C2'" 1 
HETATM 32  O  "O2'" . CBV A 1 2  ? 13.795  -1.211  1.015   1.00 48.78 ? 2   CBV A "O2'" 1 
HETATM 33  C  "C1'" . CBV A 1 2  ? 13.207  -0.433  -1.175  1.00 47.47 ? 2   CBV A "C1'" 1 
HETATM 34  N  N1    . CBV A 1 2  ? 12.157  0.336   -1.869  1.00 46.80 ? 2   CBV A N1    1 
HETATM 35  C  C2    . CBV A 1 2  ? 11.946  1.756   -1.496  1.00 50.36 ? 2   CBV A C2    1 
HETATM 36  O  O2    . CBV A 1 2  ? 12.610  2.267   -0.650  1.00 41.64 ? 2   CBV A O2    1 
HETATM 37  N  N3    . CBV A 1 2  ? 10.904  2.534   -2.199  1.00 45.74 ? 2   CBV A N3    1 
HETATM 38  C  C4    . CBV A 1 2  ? 10.100  1.918   -3.222  1.00 43.39 ? 2   CBV A C4    1 
HETATM 39  N  N4    . CBV A 1 2  ? 9.084   2.701   -3.891  1.00 54.79 ? 2   CBV A N4    1 
HETATM 40  C  C5    . CBV A 1 2  ? 10.300  0.492   -3.590  1.00 43.89 ? 2   CBV A C5    1 
HETATM 41  C  C6    . CBV A 1 2  ? 11.352  -0.303  -2.898  1.00 40.78 ? 2   CBV A C6    1 
HETATM 42  BR BR    . CBV A 1 2  ? 9.185   -0.298  -4.969  1.00 57.12 ? 2   CBV A BR    1 
ATOM   43  P  P     . C   A 1 3  ? 10.559  -3.482  1.364   1.00 57.94 ? 3   C   A P     1 
ATOM   44  O  OP1   . C   A 1 3  ? 10.723  -4.517  2.415   1.00 66.32 ? 3   C   A OP1   1 
ATOM   45  O  OP2   . C   A 1 3  ? 9.586   -3.653  0.252   1.00 60.19 ? 3   C   A OP2   1 
ATOM   46  O  "O5'" . C   A 1 3  ? 10.228  -2.088  2.060   1.00 40.66 ? 3   C   A "O5'" 1 
ATOM   47  C  "C5'" . C   A 1 3  ? 11.125  -1.548  3.016   1.00 40.80 ? 3   C   A "C5'" 1 
ATOM   48  C  "C4'" . C   A 1 3  ? 10.853  -0.099  3.324   1.00 40.88 ? 3   C   A "C4'" 1 
ATOM   49  O  "O4'" . C   A 1 3  ? 11.046  0.737   2.152   1.00 48.55 ? 3   C   A "O4'" 1 
ATOM   50  C  "C3'" . C   A 1 3  ? 9.453   0.252   3.777   1.00 40.00 ? 3   C   A "C3'" 1 
ATOM   51  O  "O3'" . C   A 1 3  ? 9.199   -0.129  5.109   1.00 47.29 ? 3   C   A "O3'" 1 
ATOM   52  C  "C2'" . C   A 1 3  ? 9.434   1.756   3.557   1.00 45.29 ? 3   C   A "C2'" 1 
ATOM   53  O  "O2'" . C   A 1 3  ? 10.194  2.413   4.561   1.00 50.09 ? 3   C   A "O2'" 1 
ATOM   54  C  "C1'" . C   A 1 3  ? 10.199  1.863   2.238   1.00 49.06 ? 3   C   A "C1'" 1 
ATOM   55  N  N1    . C   A 1 3  ? 9.277   1.857   1.082   1.00 49.85 ? 3   C   A N1    1 
ATOM   56  C  C2    . C   A 1 3  ? 8.584   3.035   0.809   1.00 51.56 ? 3   C   A C2    1 
ATOM   57  O  O2    . C   A 1 3  ? 8.783   4.030   1.536   1.00 53.27 ? 3   C   A O2    1 
ATOM   58  N  N3    . C   A 1 3  ? 7.727   3.062   -0.234  1.00 49.33 ? 3   C   A N3    1 
ATOM   59  C  C4    . C   A 1 3  ? 7.559   1.968   -0.967  1.00 41.38 ? 3   C   A C4    1 
ATOM   60  N  N4    . C   A 1 3  ? 6.707   2.027   -1.993  1.00 49.49 ? 3   C   A N4    1 
ATOM   61  C  C5    . C   A 1 3  ? 8.251   0.754   -0.696  1.00 38.51 ? 3   C   A C5    1 
ATOM   62  C  C6    . C   A 1 3  ? 9.095   0.740   0.329   1.00 40.00 ? 3   C   A C6    1 
ATOM   63  P  P     . G   A 1 4  ? 7.694   -0.377  5.623   1.00 46.75 ? 4   G   A P     1 
ATOM   64  O  OP1   . G   A 1 4  ? 7.858   -1.018  6.948   1.00 45.66 ? 4   G   A OP1   1 
ATOM   65  O  OP2   . G   A 1 4  ? 6.868   -1.008  4.565   1.00 49.96 ? 4   G   A OP2   1 
ATOM   66  O  "O5'" . G   A 1 4  ? 7.117   1.087   5.820   1.00 48.26 ? 4   G   A "O5'" 1 
ATOM   67  C  "C5'" . G   A 1 4  ? 7.764   2.010   6.678   1.00 45.87 ? 4   G   A "C5'" 1 
ATOM   68  C  "C4'" . G   A 1 4  ? 7.119   3.360   6.556   1.00 42.43 ? 4   G   A "C4'" 1 
ATOM   69  O  "O4'" . G   A 1 4  ? 7.261   3.833   5.199   1.00 38.99 ? 4   G   A "O4'" 1 
ATOM   70  C  "C3'" . G   A 1 4  ? 5.623   3.374   6.796   1.00 39.32 ? 4   G   A "C3'" 1 
ATOM   71  O  "O3'" . G   A 1 4  ? 5.328   3.458   8.170   1.00 47.94 ? 4   G   A "O3'" 1 
ATOM   72  C  "C2'" . G   A 1 4  ? 5.163   4.586   6.003   1.00 47.56 ? 4   G   A "C2'" 1 
ATOM   73  O  "O2'" . G   A 1 4  ? 5.444   5.782   6.718   1.00 46.52 ? 4   G   A "O2'" 1 
ATOM   74  C  "C1'" . G   A 1 4  ? 6.103   4.532   4.804   1.00 41.34 ? 4   G   A "C1'" 1 
ATOM   75  N  N9    . G   A 1 4  ? 5.533   3.840   3.639   1.00 44.01 ? 4   G   A N9    1 
ATOM   76  C  C8    . G   A 1 4  ? 5.776   2.551   3.225   1.00 41.86 ? 4   G   A C8    1 
ATOM   77  N  N7    . G   A 1 4  ? 5.150   2.241   2.120   1.00 46.64 ? 4   G   A N7    1 
ATOM   78  C  C5    . G   A 1 4  ? 4.463   3.404   1.787   1.00 41.11 ? 4   G   A C5    1 
ATOM   79  C  C6    . G   A 1 4  ? 3.610   3.685   0.698   1.00 40.81 ? 4   G   A C6    1 
ATOM   80  O  O6    . G   A 1 4  ? 3.288   2.921   -0.226  1.00 44.13 ? 4   G   A O6    1 
ATOM   81  N  N1    . G   A 1 4  ? 3.130   5.001   0.754   1.00 40.34 ? 4   G   A N1    1 
ATOM   82  C  C2    . G   A 1 4  ? 3.437   5.914   1.745   1.00 34.24 ? 4   G   A C2    1 
ATOM   83  N  N2    . G   A 1 4  ? 2.897   7.142   1.666   1.00 37.33 ? 4   G   A N2    1 
ATOM   84  N  N3    . G   A 1 4  ? 4.228   5.654   2.759   1.00 40.11 ? 4   G   A N3    1 
ATOM   85  C  C4    . G   A 1 4  ? 4.698   4.397   2.709   1.00 42.46 ? 4   G   A C4    1 
ATOM   86  P  P     . G   A 1 5  ? 4.078   2.661   8.768   1.00 46.43 ? 5   G   A P     1 
ATOM   87  O  OP1   . G   A 1 5  ? 4.386   2.387   10.195  1.00 55.41 ? 5   G   A OP1   1 
ATOM   88  O  OP2   . G   A 1 5  ? 3.752   1.564   7.819   1.00 42.37 ? 5   G   A OP2   1 
ATOM   89  O  "O5'" . G   A 1 5  ? 2.908   3.734   8.715   1.00 50.55 ? 5   G   A "O5'" 1 
ATOM   90  C  "C5'" . G   A 1 5  ? 3.139   5.047   9.195   1.00 51.37 ? 5   G   A "C5'" 1 
ATOM   91  C  "C4'" . G   A 1 5  ? 2.155   6.020   8.615   1.00 43.24 ? 5   G   A "C4'" 1 
ATOM   92  O  "O4'" . G   A 1 5  ? 2.448   6.257   7.214   1.00 38.62 ? 5   G   A "O4'" 1 
ATOM   93  C  "C3'" . G   A 1 5  ? 0.716   5.554   8.615   1.00 42.18 ? 5   G   A "C3'" 1 
ATOM   94  O  "O3'" . G   A 1 5  ? 0.110   5.751   9.875   1.00 62.13 ? 5   G   A "O3'" 1 
ATOM   95  C  "C2'" . G   A 1 5  ? 0.106   6.395   7.508   1.00 44.07 ? 5   G   A "C2'" 1 
ATOM   96  O  "O2'" . G   A 1 5  ? -0.096  7.721   7.978   1.00 43.11 ? 5   G   A "O2'" 1 
ATOM   97  C  "C1'" . G   A 1 5  ? 1.251   6.431   6.496   1.00 41.06 ? 5   G   A "C1'" 1 
ATOM   98  N  N9    . G   A 1 5  ? 1.188   5.363   5.479   1.00 40.13 ? 5   G   A N9    1 
ATOM   99  C  C8    . G   A 1 5  ? 1.694   4.087   5.591   1.00 31.99 ? 5   G   A C8    1 
ATOM   100 N  N7    . G   A 1 5  ? 1.525   3.381   4.502   1.00 36.06 ? 5   G   A N7    1 
ATOM   101 C  C5    . G   A 1 5  ? 0.886   4.236   3.613   1.00 35.47 ? 5   G   A C5    1 
ATOM   102 C  C6    . G   A 1 5  ? 0.432   4.052   2.272   1.00 40.55 ? 5   G   A C6    1 
ATOM   103 O  O6    . G   A 1 5  ? 0.502   3.060   1.534   1.00 37.42 ? 5   G   A O6    1 
ATOM   104 N  N1    . G   A 1 5  ? -0.166  5.198   1.761   1.00 42.96 ? 5   G   A N1    1 
ATOM   105 C  C2    . G   A 1 5  ? -0.312  6.379   2.437   1.00 28.67 ? 5   G   A C2    1 
ATOM   106 N  N2    . G   A 1 5  ? -0.910  7.382   1.776   1.00 29.64 ? 5   G   A N2    1 
ATOM   107 N  N3    . G   A 1 5  ? 0.098   6.560   3.671   1.00 35.56 ? 5   G   A N3    1 
ATOM   108 C  C4    . G   A 1 5  ? 0.681   5.466   4.202   1.00 32.06 ? 5   G   A C4    1 
ATOM   109 P  P     . A   A 1 6  ? -1.088  4.802   10.358  1.00 51.09 ? 6   A   A P     1 
ATOM   110 O  OP1   . A   A 1 6  ? -1.314  5.060   11.805  1.00 58.25 ? 6   A   A OP1   1 
ATOM   111 O  OP2   . A   A 1 6  ? -0.897  3.434   9.812   1.00 50.09 ? 6   A   A OP2   1 
ATOM   112 O  "O5'" . A   A 1 6  ? -2.332  5.347   9.564   1.00 39.37 ? 6   A   A "O5'" 1 
ATOM   113 C  "C5'" . A   A 1 6  ? -3.023  4.491   8.676   1.00 40.14 ? 6   A   A "C5'" 1 
ATOM   114 C  "C4'" . A   A 1 6  ? -3.650  5.275   7.564   1.00 38.52 ? 6   A   A "C4'" 1 
ATOM   115 O  "O4'" . A   A 1 6  ? -2.671  5.506   6.516   1.00 40.88 ? 6   A   A "O4'" 1 
ATOM   116 C  "C3'" . A   A 1 6  ? -4.803  4.590   6.862   1.00 43.30 ? 6   A   A "C3'" 1 
ATOM   117 O  "O3'" . A   A 1 6  ? -6.022  4.765   7.568   1.00 36.64 ? 6   A   A "O3'" 1 
ATOM   118 C  "C2'" . A   A 1 6  ? -4.782  5.250   5.495   1.00 32.54 ? 6   A   A "C2'" 1 
ATOM   119 O  "O2'" . A   A 1 6  ? -5.347  6.550   5.577   1.00 38.26 ? 6   A   A "O2'" 1 
ATOM   120 C  "C1'" . A   A 1 6  ? -3.276  5.379   5.256   1.00 33.10 ? 6   A   A "C1'" 1 
ATOM   121 N  N9    . A   A 1 6  ? -2.744  4.143   4.662   1.00 33.89 ? 6   A   A N9    1 
ATOM   122 C  C8    . A   A 1 6  ? -2.002  3.188   5.312   1.00 34.71 ? 6   A   A C8    1 
ATOM   123 N  N7    . A   A 1 6  ? -1.696  2.168   4.542   1.00 36.80 ? 6   A   A N7    1 
ATOM   124 C  C5    . A   A 1 6  ? -2.282  2.468   3.323   1.00 36.98 ? 6   A   A C5    1 
ATOM   125 C  C6    . A   A 1 6  ? -2.323  1.788   2.090   1.00 37.43 ? 6   A   A C6    1 
ATOM   126 N  N6    . A   A 1 6  ? -1.745  0.607   1.893   1.00 39.74 ? 6   A   A N6    1 
ATOM   127 N  N1    . A   A 1 6  ? -2.991  2.348   1.058   1.00 42.92 ? 6   A   A N1    1 
ATOM   128 C  C2    . A   A 1 6  ? -3.576  3.531   1.276   1.00 46.96 ? 6   A   A C2    1 
ATOM   129 N  N3    . A   A 1 6  ? -3.603  4.271   2.391   1.00 37.48 ? 6   A   A N3    1 
ATOM   130 C  C4    . A   A 1 6  ? -2.929  3.686   3.383   1.00 33.35 ? 6   A   A C4    1 
ATOM   131 P  P     . C   A 1 7  ? -7.070  3.561   7.709   1.00 40.45 ? 7   C   A P     1 
ATOM   132 O  OP1   . C   A 1 7  ? -8.210  4.055   8.536   1.00 47.28 ? 7   C   A OP1   1 
ATOM   133 O  OP2   . C   A 1 7  ? -6.410  2.288   8.110   1.00 36.24 ? 7   C   A OP2   1 
ATOM   134 O  "O5'" . C   A 1 7  ? -7.607  3.358   6.232   1.00 36.43 ? 7   C   A "O5'" 1 
ATOM   135 C  "C5'" . C   A 1 7  ? -8.295  4.406   5.580   1.00 39.53 ? 7   C   A "C5'" 1 
ATOM   136 C  "C4'" . C   A 1 7  ? -8.356  4.162   4.104   1.00 30.24 ? 7   C   A "C4'" 1 
ATOM   137 O  "O4'" . C   A 1 7  ? -7.023  3.911   3.582   1.00 39.40 ? 7   C   A "O4'" 1 
ATOM   138 C  "C3'" . C   A 1 7  ? -9.130  2.933   3.673   1.00 34.23 ? 7   C   A "C3'" 1 
ATOM   139 O  "O3'" . C   A 1 7  ? -10.538 3.100   3.724   1.00 35.42 ? 7   C   A "O3'" 1 
ATOM   140 C  "C2'" . C   A 1 7  ? -8.592  2.703   2.272   1.00 31.03 ? 7   C   A "C2'" 1 
ATOM   141 O  "O2'" . C   A 1 7  ? -9.154  3.649   1.376   1.00 35.70 ? 7   C   A "O2'" 1 
ATOM   142 C  "C1'" . C   A 1 7  ? -7.115  3.051   2.462   1.00 33.11 ? 7   C   A "C1'" 1 
ATOM   143 N  N1    . C   A 1 7  ? -6.285  1.839   2.682   1.00 30.53 ? 7   C   A N1    1 
ATOM   144 C  C2    . C   A 1 7  ? -5.991  1.056   1.555   1.00 40.63 ? 7   C   A C2    1 
ATOM   145 O  O2    . C   A 1 7  ? -6.432  1.377   0.436   1.00 44.49 ? 7   C   A O2    1 
ATOM   146 N  N3    . C   A 1 7  ? -5.237  -0.051  1.689   1.00 38.22 ? 7   C   A N3    1 
ATOM   147 C  C4    . C   A 1 7  ? -4.779  -0.391  2.885   1.00 36.25 ? 7   C   A C4    1 
ATOM   148 N  N4    . C   A 1 7  ? -4.039  -1.505  2.926   1.00 40.15 ? 7   C   A N4    1 
ATOM   149 C  C5    . C   A 1 7  ? -5.049  0.383   4.058   1.00 32.29 ? 7   C   A C5    1 
ATOM   150 C  C6    . C   A 1 7  ? -5.804  1.487   3.923   1.00 24.42 ? 7   C   A C6    1 
ATOM   151 P  P     . G   A 1 8  ? -11.488 1.819   3.901   1.00 43.95 ? 8   G   A P     1 
ATOM   152 O  OP1   . G   A 1 8  ? -12.886 2.278   4.140   1.00 40.38 ? 8   G   A OP1   1 
ATOM   153 O  OP2   . G   A 1 8  ? -10.780 0.864   4.797   1.00 37.64 ? 8   G   A OP2   1 
ATOM   154 O  "O5'" . G   A 1 8  ? -11.487 1.112   2.486   1.00 39.65 ? 8   G   A "O5'" 1 
ATOM   155 C  "C5'" . G   A 1 8  ? -12.015 1.764   1.347   1.00 42.91 ? 8   G   A "C5'" 1 
ATOM   156 C  "C4'" . G   A 1 8  ? -11.926 0.859   0.155   1.00 43.56 ? 8   G   A "C4'" 1 
ATOM   157 O  "O4'" . G   A 1 8  ? -10.530 0.628   -0.175  1.00 41.42 ? 8   G   A "O4'" 1 
ATOM   158 C  "C3'" . G   A 1 8  ? -12.476 -0.535  0.383   1.00 42.94 ? 8   G   A "C3'" 1 
ATOM   159 O  "O3'" . G   A 1 8  ? -13.877 -0.598  0.235   1.00 51.74 ? 8   G   A "O3'" 1 
ATOM   160 C  "C2'" . G   A 1 8  ? -11.724 -1.362  -0.643  1.00 42.84 ? 8   G   A "C2'" 1 
ATOM   161 O  "O2'" . G   A 1 8  ? -12.276 -1.144  -1.936  1.00 55.06 ? 8   G   A "O2'" 1 
ATOM   162 C  "C1'" . G   A 1 8  ? -10.353 -0.708  -0.600  1.00 39.03 ? 8   G   A "C1'" 1 
ATOM   163 N  N9    . G   A 1 8  ? -9.408  -1.365  0.325   1.00 34.71 ? 8   G   A N9    1 
ATOM   164 C  C8    . G   A 1 8  ? -9.016  -0.930  1.567   1.00 36.21 ? 8   G   A C8    1 
ATOM   165 N  N7    . G   A 1 8  ? -8.113  -1.696  2.125   1.00 31.35 ? 8   G   A N7    1 
ATOM   166 C  C5    . G   A 1 8  ? -7.880  -2.682  1.186   1.00 29.83 ? 8   G   A C5    1 
ATOM   167 C  C6    . G   A 1 8  ? -7.002  -3.788  1.224   1.00 39.47 ? 8   G   A C6    1 
ATOM   168 O  O6    . G   A 1 8  ? -6.233  -4.119  2.131   1.00 41.15 ? 8   G   A O6    1 
ATOM   169 N  N1    . G   A 1 8  ? -7.072  -4.539  0.058   1.00 44.01 ? 8   G   A N1    1 
ATOM   170 C  C2    . G   A 1 8  ? -7.887  -4.263  -1.010  1.00 42.16 ? 8   G   A C2    1 
ATOM   171 N  N2    . G   A 1 8  ? -7.828  -5.108  -2.056  1.00 49.03 ? 8   G   A N2    1 
ATOM   172 N  N3    . G   A 1 8  ? -8.710  -3.227  -1.054  1.00 42.35 ? 8   G   A N3    1 
ATOM   173 C  C4    . G   A 1 8  ? -8.656  -2.487  0.067   1.00 36.68 ? 8   G   A C4    1 
ATOM   174 P  P     . G   A 1 9  ? -14.716 -1.651  1.101   1.00 46.94 ? 9   G   A P     1 
ATOM   175 O  OP1   . G   A 1 9  ? -16.127 -1.477  0.692   1.00 47.28 ? 9   G   A OP1   1 
ATOM   176 O  OP2   . G   A 1 9  ? -14.295 -1.546  2.525   1.00 50.98 ? 9   G   A OP2   1 
ATOM   177 O  "O5'" . G   A 1 9  ? -14.205 -3.068  0.596   1.00 45.09 ? 9   G   A "O5'" 1 
ATOM   178 C  "C5'" . G   A 1 9  ? -14.644 -3.563  -0.651  1.00 50.67 ? 9   G   A "C5'" 1 
ATOM   179 C  "C4'" . G   A 1 9  ? -13.841 -4.753  -1.109  1.00 43.92 ? 9   G   A "C4'" 1 
ATOM   180 O  "O4'" . G   A 1 9  ? -12.422 -4.490  -1.017  1.00 48.85 ? 9   G   A "O4'" 1 
ATOM   181 C  "C3'" . G   A 1 9  ? -14.001 -6.047  -0.337  1.00 43.86 ? 9   G   A "C3'" 1 
ATOM   182 O  "O3'" . G   A 1 9  ? -15.222 -6.690  -0.617  1.00 46.70 ? 9   G   A "O3'" 1 
ATOM   183 C  "C2'" . G   A 1 9  ? -12.779 -6.828  -0.803  1.00 53.21 ? 9   G   A "C2'" 1 
ATOM   184 O  "O2'" . G   A 1 9  ? -12.977 -7.324  -2.120  1.00 50.36 ? 9   G   A "O2'" 1 
ATOM   185 C  "C1'" . G   A 1 9  ? -11.733 -5.716  -0.884  1.00 48.57 ? 9   G   A "C1'" 1 
ATOM   186 N  N9    . G   A 1 9  ? -10.882 -5.669  0.313   1.00 45.79 ? 9   G   A N9    1 
ATOM   187 C  C8    . G   A 1 9  ? -10.909 -4.749  1.329   1.00 38.65 ? 9   G   A C8    1 
ATOM   188 N  N7    . G   A 1 9  ? -10.014 -4.997  2.248   1.00 41.77 ? 9   G   A N7    1 
ATOM   189 C  C5    . G   A 1 9  ? -9.366  -6.150  1.807   1.00 45.62 ? 9   G   A C5    1 
ATOM   190 C  C6    . G   A 1 9  ? -8.303  -6.898  2.382   1.00 45.20 ? 9   G   A C6    1 
ATOM   191 O  O6    . G   A 1 9  ? -7.682  -6.702  3.430   1.00 49.68 ? 9   G   A O6    1 
ATOM   192 N  N1    . G   A 1 9  ? -7.956  -7.983  1.596   1.00 36.85 ? 9   G   A N1    1 
ATOM   193 C  C2    . G   A 1 9  ? -8.554  -8.335  0.415   1.00 49.38 ? 9   G   A C2    1 
ATOM   194 N  N2    . G   A 1 9  ? -8.063  -9.437  -0.172  1.00 53.91 ? 9   G   A N2    1 
ATOM   195 N  N3    . G   A 1 9  ? -9.549  -7.652  -0.139  1.00 49.90 ? 9   G   A N3    1 
ATOM   196 C  C4    . G   A 1 9  ? -9.893  -6.576  0.607   1.00 46.64 ? 9   G   A C4    1 
ATOM   197 P  P     . C   A 1 10 ? -15.851 -7.749  0.410   1.00 49.96 ? 10  C   A P     1 
ATOM   198 O  OP1   . C   A 1 10 ? -17.125 -8.192  -0.192  1.00 51.67 ? 10  C   A OP1   1 
ATOM   199 O  OP2   . C   A 1 10 ? -15.820 -7.183  1.783   1.00 50.47 ? 10  C   A OP2   1 
ATOM   200 O  "O5'" . C   A 1 10 ? -14.854 -8.980  0.346   1.00 44.02 ? 10  C   A "O5'" 1 
ATOM   201 C  "C5'" . C   A 1 10 ? -14.767 -9.793  -0.810  1.00 43.00 ? 10  C   A "C5'" 1 
ATOM   202 C  "C4'" . C   A 1 10 ? -13.749 -10.880 -0.600  1.00 41.27 ? 10  C   A "C4'" 1 
ATOM   203 O  "O4'" . C   A 1 10 ? -12.463 -10.272 -0.299  1.00 47.77 ? 10  C   A "O4'" 1 
ATOM   204 C  "C3'" . C   A 1 10 ? -14.005 -11.805 0.585   1.00 42.97 ? 10  C   A "C3'" 1 
ATOM   205 O  "O3'" . C   A 1 10 ? -14.923 -12.848 0.296   1.00 50.01 ? 10  C   A "O3'" 1 
ATOM   206 C  "C2'" . C   A 1 10 ? -12.612 -12.321 0.923   1.00 46.82 ? 10  C   A "C2'" 1 
ATOM   207 O  "O2'" . C   A 1 10 ? -12.286 -13.418 0.079   1.00 53.20 ? 10  C   A "O2'" 1 
ATOM   208 C  "C1'" . C   A 1 10 ? -11.726 -11.111 0.564   1.00 44.54 ? 10  C   A "C1'" 1 
ATOM   209 N  N1    . C   A 1 10 ? -11.309 -10.322 1.748   1.00 46.91 ? 10  C   A N1    1 
ATOM   210 C  C2    . C   A 1 10 ? -10.232 -10.782 2.507   1.00 39.25 ? 10  C   A C2    1 
ATOM   211 O  O2    . C   A 1 10 ? -9.690  -11.835 2.152   1.00 43.80 ? 10  C   A O2    1 
ATOM   212 N  N3    . C   A 1 10 ? -9.827  -10.095 3.597   1.00 52.21 ? 10  C   A N3    1 
ATOM   213 C  C4    . C   A 1 10 ? -10.473 -8.974  3.923   1.00 49.54 ? 10  C   A C4    1 
ATOM   214 N  N4    . C   A 1 10 ? -10.066 -8.298  4.997   1.00 46.69 ? 10  C   A N4    1 
ATOM   215 C  C5    . C   A 1 10 ? -11.570 -8.477  3.166   1.00 41.02 ? 10  C   A C5    1 
ATOM   216 C  C6    . C   A 1 10 ? -11.953 -9.172  2.092   1.00 37.94 ? 10  C   A C6    1 
ATOM   217 O  "O5'" . G   B 1 1  ? -1.049  -11.132 8.802   1.00 63.57 ? 1   G   B "O5'" 1 
ATOM   218 C  "C5'" . G   B 1 1  ? -0.450  -12.414 8.695   1.00 62.34 ? 1   G   B "C5'" 1 
ATOM   219 C  "C4'" . G   B 1 1  ? -1.244  -13.305 7.776   1.00 49.51 ? 1   G   B "C4'" 1 
ATOM   220 O  "O4'" . G   B 1 1  ? -2.629  -13.315 8.203   1.00 47.09 ? 1   G   B "O4'" 1 
ATOM   221 C  "C3'" . G   B 1 1  ? -1.302  -12.869 6.315   1.00 56.02 ? 1   G   B "C3'" 1 
ATOM   222 O  "O3'" . G   B 1 1  ? -0.152  -13.276 5.554   1.00 69.96 ? 1   G   B "O3'" 1 
ATOM   223 C  "C2'" . G   B 1 1  ? -2.600  -13.500 5.833   1.00 45.62 ? 1   G   B "C2'" 1 
ATOM   224 O  "O2'" . G   B 1 1  ? -2.396  -14.877 5.560   1.00 50.24 ? 1   G   B "O2'" 1 
ATOM   225 C  "C1'" . G   B 1 1  ? -3.482  -13.389 7.079   1.00 50.07 ? 1   G   B "C1'" 1 
ATOM   226 N  N9    . G   B 1 1  ? -4.351  -12.192 7.061   1.00 48.81 ? 1   G   B N9    1 
ATOM   227 C  C8    . G   B 1 1  ? -4.223  -11.100 7.886   1.00 52.14 ? 1   G   B C8    1 
ATOM   228 N  N7    . G   B 1 1  ? -5.125  -10.181 7.671   1.00 46.18 ? 1   G   B N7    1 
ATOM   229 C  C5    . G   B 1 1  ? -5.904  -10.694 6.649   1.00 44.05 ? 1   G   B C5    1 
ATOM   230 C  C6    . G   B 1 1  ? -7.032  -10.126 6.009   1.00 44.70 ? 1   G   B C6    1 
ATOM   231 O  O6    . G   B 1 1  ? -7.586  -9.048  6.232   1.00 43.78 ? 1   G   B O6    1 
ATOM   232 N  N1    . G   B 1 1  ? -7.537  -10.954 5.025   1.00 48.84 ? 1   G   B N1    1 
ATOM   233 C  C2    . G   B 1 1  ? -7.011  -12.173 4.700   1.00 45.63 ? 1   G   B C2    1 
ATOM   234 N  N2    . G   B 1 1  ? -7.671  -12.806 3.720   1.00 44.35 ? 1   G   B N2    1 
ATOM   235 N  N3    . G   B 1 1  ? -5.955  -12.730 5.286   1.00 45.92 ? 1   G   B N3    1 
ATOM   236 C  C4    . G   B 1 1  ? -5.445  -11.936 6.254   1.00 42.93 ? 1   G   B C4    1 
HETATM 237 O  O3P   . CBV B 1 2  ? 0.435   -13.526 5.295   1.00 74.51 ? 2   CBV B O3P   1 
HETATM 238 P  P     . CBV B 1 2  ? 0.459   -12.334 4.378   1.00 54.76 ? 2   CBV B P     1 
HETATM 239 O  O1P   . CBV B 1 2  ? 0.319   -10.970 5.022   1.00 63.99 ? 2   CBV B O1P   1 
HETATM 240 O  O2P   . CBV B 1 2  ? 1.814   -12.647 3.799   1.00 62.66 ? 2   CBV B O2P   1 
HETATM 241 O  "O5'" . CBV B 1 2  ? -0.595  -12.491 3.191   1.00 52.62 ? 2   CBV B "O5'" 1 
HETATM 242 C  "C5'" . CBV B 1 2  ? -0.888  -13.777 2.666   1.00 57.44 ? 2   CBV B "C5'" 1 
HETATM 243 C  "C4'" . CBV B 1 2  ? -2.056  -13.761 1.712   1.00 47.42 ? 2   CBV B "C4'" 1 
HETATM 244 O  "O4'" . CBV B 1 2  ? -3.301  -13.553 2.434   1.00 48.84 ? 2   CBV B "O4'" 1 
HETATM 245 C  "C3'" . CBV B 1 2  ? -2.065  -12.666 0.666   1.00 46.09 ? 2   CBV B "C3'" 1 
HETATM 246 O  "O3'" . CBV B 1 2  ? -1.194  -12.926 -0.415  1.00 55.06 ? 2   CBV B "O3'" 1 
HETATM 247 C  "C2'" . CBV B 1 2  ? -3.531  -12.619 0.273   1.00 43.45 ? 2   CBV B "C2'" 1 
HETATM 248 O  "O2'" . CBV B 1 2  ? -3.861  -13.742 -0.526  1.00 46.01 ? 2   CBV B "O2'" 1 
HETATM 249 C  "C1'" . CBV B 1 2  ? -4.193  -12.804 1.631   1.00 42.02 ? 2   CBV B "C1'" 1 
HETATM 250 N  N1    . CBV B 1 2  ? -4.430  -11.508 2.295   1.00 42.16 ? 2   CBV B N1    1 
HETATM 251 C  C2    . CBV B 1 2  ? -5.587  -10.681 1.897   1.00 42.84 ? 2   CBV B C2    1 
HETATM 252 O  O2    . CBV B 1 2  ? -6.323  -11.057 1.053   1.00 52.88 ? 2   CBV B O2    1 
HETATM 253 N  N3    . CBV B 1 2  ? -5.824  -9.394  2.575   1.00 40.13 ? 2   CBV B N3    1 
HETATM 254 C  C4    . CBV B 1 2  ? -4.924  -8.931  3.604   1.00 38.18 ? 2   CBV B C4    1 
HETATM 255 N  N4    . CBV B 1 2  ? -5.169  -7.660  4.235   1.00 44.96 ? 2   CBV B N4    1 
HETATM 256 C  C5    . CBV B 1 2  ? -3.754  -9.757  3.994   1.00 44.69 ? 2   CBV B C5    1 
HETATM 257 C  C6    . CBV B 1 2  ? -3.514  -11.058 3.323   1.00 44.75 ? 2   CBV B C6    1 
HETATM 258 BR BR    . CBV B 1 2  ? -2.532  -9.158  5.366   1.00 63.83 ? 2   CBV B BR    1 
ATOM   259 P  P     . C   B 1 3  ? -0.379  -11.723 -1.105  1.00 58.03 ? 3   C   B P     1 
ATOM   260 O  OP1   . C   B 1 3  ? 0.612   -12.358 -1.995  1.00 59.59 ? 3   C   B OP1   1 
ATOM   261 O  OP2   . C   B 1 3  ? 0.049   -10.739 -0.076  1.00 49.27 ? 3   C   B OP2   1 
ATOM   262 O  "O5'" . C   B 1 3  ? -1.460  -10.992 -2.008  1.00 52.23 ? 3   C   B "O5'" 1 
ATOM   263 C  "C5'" . C   B 1 3  ? -2.253  -11.737 -2.910  1.00 49.23 ? 3   C   B "C5'" 1 
ATOM   264 C  "C4'" . C   B 1 3  ? -3.484  -10.973 -3.302  1.00 44.29 ? 3   C   B "C4'" 1 
ATOM   265 O  "O4'" . C   B 1 3  ? -4.317  -10.742 -2.141  1.00 53.47 ? 3   C   B "O4'" 1 
ATOM   266 C  "C3'" . C   B 1 3  ? -3.242  -9.581  -3.844  1.00 49.22 ? 3   C   B "C3'" 1 
ATOM   267 O  "O3'" . C   B 1 3  ? -2.796  -9.573  -5.188  1.00 50.54 ? 3   C   B "O3'" 1 
ATOM   268 C  "C2'" . C   B 1 3  ? -4.590  -8.911  -3.623  1.00 45.04 ? 3   C   B "C2'" 1 
ATOM   269 O  "O2'" . C   B 1 3  ? -5.528  -9.302  -4.613  1.00 52.84 ? 3   C   B "O2'" 1 
ATOM   270 C  "C1'" . C   B 1 3  ? -5.004  -9.519  -2.286  1.00 43.53 ? 3   C   B "C1'" 1 
ATOM   271 N  N1    . C   B 1 3  ? -4.640  -8.634  -1.165  1.00 52.40 ? 3   C   B N1    1 
ATOM   272 C  C2    . C   B 1 3  ? -5.480  -7.539  -0.966  1.00 51.28 ? 3   C   B C2    1 
ATOM   273 O  O2    . C   B 1 3  ? -6.452  -7.416  -1.732  1.00 43.24 ? 3   C   B O2    1 
ATOM   274 N  N3    . C   B 1 3  ? -5.212  -6.671  0.038   1.00 46.46 ? 3   C   B N3    1 
ATOM   275 C  C4    . C   B 1 3  ? -4.143  -6.874  0.812   1.00 51.01 ? 3   C   B C4    1 
ATOM   276 N  N4    . C   B 1 3  ? -3.912  -5.996  1.794   1.00 55.32 ? 3   C   B N4    1 
ATOM   277 C  C5    . C   B 1 3  ? -3.267  -7.986  0.616   1.00 47.97 ? 3   C   B C5    1 
ATOM   278 C  C6    . C   B 1 3  ? -3.544  -8.840  -0.382  1.00 40.52 ? 3   C   B C6    1 
ATOM   279 P  P     . G   B 1 4  ? -1.807  -8.405  -5.675  1.00 55.33 ? 4   G   B P     1 
ATOM   280 O  OP1   . G   B 1 4  ? -1.280  -8.720  -7.024  1.00 59.35 ? 4   G   B OP1   1 
ATOM   281 O  OP2   . G   B 1 4  ? -0.856  -8.145  -4.567  1.00 63.64 ? 4   G   B OP2   1 
ATOM   282 O  "O5'" . G   B 1 4  ? -2.773  -7.148  -5.792  1.00 49.40 ? 4   G   B "O5'" 1 
ATOM   283 C  "C5'" . G   B 1 4  ? -3.986  -7.245  -6.522  1.00 53.05 ? 4   G   B "C5'" 1 
ATOM   284 C  "C4'" . G   B 1 4  ? -4.787  -5.982  -6.399  1.00 49.58 ? 4   G   B "C4'" 1 
ATOM   285 O  "O4'" . G   B 1 4  ? -5.299  -5.841  -5.053  1.00 49.50 ? 4   G   B "O4'" 1 
ATOM   286 C  "C3'" . G   B 1 4  ? -4.000  -4.708  -6.634  1.00 54.22 ? 4   G   B "C3'" 1 
ATOM   287 O  "O3'" . G   B 1 4  ? -3.854  -4.448  -8.018  1.00 59.46 ? 4   G   B "O3'" 1 
ATOM   288 C  "C2'" . G   B 1 4  ? -4.819  -3.663  -5.886  1.00 54.29 ? 4   G   B "C2'" 1 
ATOM   289 O  "O2'" . G   B 1 4  ? -5.936  -3.263  -6.667  1.00 48.71 ? 4   G   B "O2'" 1 
ATOM   290 C  "C1'" . G   B 1 4  ? -5.350  -4.474  -4.702  1.00 50.87 ? 4   G   B "C1'" 1 
ATOM   291 N  N9    . G   B 1 4  ? -4.604  -4.271  -3.443  1.00 48.39 ? 4   G   B N9    1 
ATOM   292 C  C8    . G   B 1 4  ? -3.591  -5.036  -2.915  1.00 46.90 ? 4   G   B C8    1 
ATOM   293 N  N7    . G   B 1 4  ? -3.183  -4.588  -1.753  1.00 43.26 ? 4   G   B N7    1 
ATOM   294 C  C5    . G   B 1 4  ? -3.983  -3.480  -1.492  1.00 41.96 ? 4   G   B C5    1 
ATOM   295 C  C6    . G   B 1 4  ? -4.019  -2.574  -0.392  1.00 38.48 ? 4   G   B C6    1 
ATOM   296 O  O6    . G   B 1 4  ? -3.333  -2.545  0.634   1.00 40.25 ? 4   G   B O6    1 
ATOM   297 N  N1    . G   B 1 4  ? -4.988  -1.597  -0.556  1.00 40.26 ? 4   G   B N1    1 
ATOM   298 C  C2    . G   B 1 4  ? -5.818  -1.499  -1.636  1.00 39.91 ? 4   G   B C2    1 
ATOM   299 N  N2    . G   B 1 4  ? -6.687  -0.484  -1.617  1.00 38.88 ? 4   G   B N2    1 
ATOM   300 N  N3    . G   B 1 4  ? -5.797  -2.324  -2.666  1.00 39.50 ? 4   G   B N3    1 
ATOM   301 C  C4    . G   B 1 4  ? -4.858  -3.277  -2.530  1.00 37.69 ? 4   G   B C4    1 
ATOM   302 P  P     . G   B 1 5  ? -2.568  -3.674  -8.589  1.00 60.79 ? 5   G   B P     1 
ATOM   303 O  OP1   . G   B 1 5  ? -2.450  -4.026  -10.029 1.00 56.20 ? 5   G   B OP1   1 
ATOM   304 O  OP2   . G   B 1 5  ? -1.395  -3.854  -7.688  1.00 52.81 ? 5   G   B OP2   1 
ATOM   305 O  "O5'" . G   B 1 5  ? -3.015  -2.150  -8.513  1.00 51.99 ? 5   G   B "O5'" 1 
ATOM   306 C  "C5'" . G   B 1 5  ? -4.340  -1.762  -8.869  1.00 43.17 ? 5   G   B "C5'" 1 
ATOM   307 C  "C4'" . G   B 1 5  ? -4.641  -0.362  -8.400  1.00 53.66 ? 5   G   B "C4'" 1 
ATOM   308 O  "O4'" . G   B 1 5  ? -4.663  -0.332  -6.942  1.00 53.13 ? 5   G   B "O4'" 1 
ATOM   309 C  "C3'" . G   B 1 5  ? -3.604  0.672   -8.827  1.00 57.58 ? 5   G   B "C3'" 1 
ATOM   310 O  "O3'" . G   B 1 5  ? -4.236  1.932   -9.006  1.00 68.47 ? 5   G   B "O3'" 1 
ATOM   311 C  "C2'" . G   B 1 5  ? -2.692  0.744   -7.617  1.00 50.52 ? 5   G   B "C2'" 1 
ATOM   312 O  "O2'" . G   B 1 5  ? -1.937  1.934   -7.533  1.00 57.11 ? 5   G   B "O2'" 1 
ATOM   313 C  "C1'" . G   B 1 5  ? -3.700  0.593   -6.477  1.00 52.48 ? 5   G   B "C1'" 1 
ATOM   314 N  N9    . G   B 1 5  ? -3.107  0.106   -5.224  1.00 47.30 ? 5   G   B N9    1 
ATOM   315 C  C8    . G   B 1 5  ? -2.145  -0.864  -5.067  1.00 48.98 ? 5   G   B C8    1 
ATOM   316 N  N7    . G   B 1 5  ? -1.780  -1.039  -3.825  1.00 42.76 ? 5   G   B N7    1 
ATOM   317 C  C5    . G   B 1 5  ? -2.540  -0.118  -3.118  1.00 44.87 ? 5   G   B C5    1 
ATOM   318 C  C6    . G   B 1 5  ? -2.590  0.168   -1.730  1.00 51.29 ? 5   G   B C6    1 
ATOM   319 O  O6    . G   B 1 5  ? -1.947  -0.353  -0.810  1.00 48.18 ? 5   G   B O6    1 
ATOM   320 N  N1    . G   B 1 5  ? -3.509  1.175   -1.443  1.00 57.50 ? 5   G   B N1    1 
ATOM   321 C  C2    . G   B 1 5  ? -4.280  1.823   -2.376  1.00 44.61 ? 5   G   B C2    1 
ATOM   322 N  N2    . G   B 1 5  ? -5.101  2.774   -1.911  1.00 41.84 ? 5   G   B N2    1 
ATOM   323 N  N3    . G   B 1 5  ? -4.242  1.569   -3.670  1.00 45.89 ? 5   G   B N3    1 
ATOM   324 C  C4    . G   B 1 5  ? -3.356  0.597   -3.969  1.00 43.70 ? 5   G   B C4    1 
ATOM   325 P  P     . A   B 1 6  ? -3.763  2.911   -10.191 1.00 67.10 ? 6   A   B P     1 
ATOM   326 O  OP1   . A   B 1 6  ? -4.787  2.842   -11.262 1.00 73.67 ? 6   A   B OP1   1 
ATOM   327 O  OP2   . A   B 1 6  ? -2.330  2.662   -10.526 1.00 57.87 ? 6   A   B OP2   1 
ATOM   328 O  "O5'" . A   B 1 6  ? -3.874  4.346   -9.521  1.00 52.96 ? 6   A   B "O5'" 1 
ATOM   329 C  "C5'" . A   B 1 6  ? -2.916  4.760   -8.570  1.00 47.68 ? 6   A   B "C5'" 1 
ATOM   330 C  "C4'" . A   B 1 6  ? -3.510  5.733   -7.597  1.00 41.60 ? 6   A   B "C4'" 1 
ATOM   331 O  "O4'" . A   B 1 6  ? -4.093  5.012   -6.482  1.00 44.92 ? 6   A   B "O4'" 1 
ATOM   332 C  "C3'" . A   B 1 6  ? -2.518  6.673   -6.949  1.00 39.54 ? 6   A   B "C3'" 1 
ATOM   333 O  "O3'" . A   B 1 6  ? -2.239  7.784   -7.765  1.00 42.63 ? 6   A   B "O3'" 1 
ATOM   334 C  "C2'" . A   B 1 6  ? -3.209  7.033   -5.651  1.00 34.11 ? 6   A   B "C2'" 1 
ATOM   335 O  "O2'" . A   B 1 6  ? -4.270  7.942   -5.904  1.00 45.43 ? 6   A   B "O2'" 1 
ATOM   336 C  "C1'" . A   B 1 6  ? -3.824  5.692   -5.282  1.00 34.70 ? 6   A   B "C1'" 1 
ATOM   337 N  N9    . A   B 1 6  ? -2.887  4.864   -4.517  1.00 36.30 ? 6   A   B N9    1 
ATOM   338 C  C8    . A   B 1 6  ? -2.207  3.742   -4.937  1.00 40.13 ? 6   A   B C8    1 
ATOM   339 N  N7    . A   B 1 6  ? -1.454  3.215   -3.999  1.00 34.96 ? 6   A   B N7    1 
ATOM   340 C  C5    . A   B 1 6  ? -1.657  4.052   -2.903  1.00 31.01 ? 6   A   B C5    1 
ATOM   341 C  C6    . A   B 1 6  ? -1.151  4.039   -1.594  1.00 34.45 ? 6   A   B C6    1 
ATOM   342 N  N6    . A   B 1 6  ? -0.296  3.137   -1.126  1.00 29.61 ? 6   A   B N6    1 
ATOM   343 N  N1    . A   B 1 6  ? -1.551  5.018   -0.761  1.00 33.30 ? 6   A   B N1    1 
ATOM   344 C  C2    . A   B 1 6  ? -2.417  5.936   -1.212  1.00 35.73 ? 6   A   B C2    1 
ATOM   345 N  N3    . A   B 1 6  ? -2.979  6.053   -2.419  1.00 47.63 ? 6   A   B N3    1 
ATOM   346 C  C4    . A   B 1 6  ? -2.544  5.065   -3.215  1.00 37.22 ? 6   A   B C4    1 
ATOM   347 P  P     . C   B 1 7  ? -0.726  8.259   -7.938  1.00 47.02 ? 7   C   B P     1 
ATOM   348 O  OP1   . C   B 1 7  ? -0.727  9.355   -8.937  1.00 43.48 ? 7   C   B OP1   1 
ATOM   349 O  OP2   . C   B 1 7  ? 0.140   7.060   -8.104  1.00 39.92 ? 7   C   B OP2   1 
ATOM   350 O  "O5'" . C   B 1 7  ? -0.372  8.862   -6.518  1.00 42.73 ? 7   C   B "O5'" 1 
ATOM   351 C  "C5'" . C   B 1 7  ? -1.137  9.922   -5.970  1.00 41.04 ? 7   C   B "C5'" 1 
ATOM   352 C  "C4'" . C   B 1 7  ? -0.860  10.077  -4.501  1.00 47.43 ? 7   C   B "C4'" 1 
ATOM   353 O  "O4'" . C   B 1 7  ? -1.155  8.837   -3.811  1.00 44.30 ? 7   C   B "O4'" 1 
ATOM   354 C  "C3'" . C   B 1 7  ? 0.581   10.360  -4.099  1.00 48.91 ? 7   C   B "C3'" 1 
ATOM   355 O  "O3'" . C   B 1 7  ? 0.982   11.704  -4.307  1.00 54.76 ? 7   C   B "O3'" 1 
ATOM   356 C  "C2'" . C   B 1 7  ? 0.572   9.973   -2.634  1.00 43.87 ? 7   C   B "C2'" 1 
ATOM   357 O  "O2'" . C   B 1 7  ? -0.090  10.991  -1.897  1.00 38.03 ? 7   C   B "O2'" 1 
ATOM   358 C  "C1'" . C   B 1 7  ? -0.329  8.731   -2.662  1.00 35.83 ? 7   C   B "C1'" 1 
ATOM   359 N  N1    . C   B 1 7  ? 0.446   7.474   -2.745  1.00 34.52 ? 7   C   B N1    1 
ATOM   360 C  C2    . C   B 1 7  ? 1.085   6.968   -1.608  1.00 37.06 ? 7   C   B C2    1 
ATOM   361 O  O2    . C   B 1 7  ? 0.987   7.582   -0.531  1.00 36.83 ? 7   C   B O2    1 
ATOM   362 N  N3    . C   B 1 7  ? 1.796   5.823   -1.708  1.00 36.50 ? 7   C   B N3    1 
ATOM   363 C  C4    . C   B 1 7  ? 1.857   5.190   -2.878  1.00 26.48 ? 7   C   B C4    1 
ATOM   364 N  N4    . C   B 1 7  ? 2.554   4.060   -2.950  1.00 40.04 ? 7   C   B N4    1 
ATOM   365 C  C5    . C   B 1 7  ? 1.216   5.678   -4.041  1.00 26.96 ? 7   C   B C5    1 
ATOM   366 C  C6    . C   B 1 7  ? 0.527   6.814   -3.934  1.00 31.29 ? 7   C   B C6    1 
ATOM   367 P  P     . G   B 1 8  ? 2.510   12.023  -4.676  1.00 46.23 ? 8   G   B P     1 
ATOM   368 O  OP1   . G   B 1 8  ? 2.643   13.462  -4.961  1.00 45.25 ? 8   G   B OP1   1 
ATOM   369 O  OP2   . G   B 1 8  ? 2.931   10.986  -5.646  1.00 42.35 ? 8   G   B OP2   1 
ATOM   370 O  "O5'" . G   B 1 8  ? 3.317   11.736  -3.341  1.00 48.75 ? 8   G   B "O5'" 1 
ATOM   371 C  "C5'" . G   B 1 8  ? 3.343   12.696  -2.302  1.00 49.85 ? 8   G   B "C5'" 1 
ATOM   372 C  "C4'" . G   B 1 8  ? 4.006   12.150  -1.067  1.00 47.47 ? 8   G   B "C4'" 1 
ATOM   373 O  "O4'" . G   B 1 8  ? 3.397   10.891  -0.690  1.00 44.09 ? 8   G   B "O4'" 1 
ATOM   374 C  "C3'" . G   B 1 8  ? 5.478   11.799  -1.184  1.00 46.88 ? 8   G   B "C3'" 1 
ATOM   375 O  "O3'" . G   B 1 8  ? 6.319   12.930  -1.136  1.00 65.39 ? 8   G   B "O3'" 1 
ATOM   376 C  "C2'" . G   B 1 8  ? 5.657   10.862  -0.006  1.00 46.57 ? 8   G   B "C2'" 1 
ATOM   377 O  "O2'" . G   B 1 8  ? 5.601   11.595  1.207   1.00 51.18 ? 8   G   B "O2'" 1 
ATOM   378 C  "C1'" . G   B 1 8  ? 4.369   10.055  -0.097  1.00 48.06 ? 8   G   B "C1'" 1 
ATOM   379 N  N9    . G   B 1 8  ? 4.543   8.861   -0.941  1.00 42.65 ? 8   G   B N9    1 
ATOM   380 C  C8    . G   B 1 8  ? 4.046   8.646   -2.202  1.00 35.18 ? 8   G   B C8    1 
ATOM   381 N  N7    . G   B 1 8  ? 4.384   7.477   -2.687  1.00 39.88 ? 8   G   B N7    1 
ATOM   382 C  C5    . G   B 1 8  ? 5.143   6.896   -1.679  1.00 37.32 ? 8   G   B C5    1 
ATOM   383 C  C6    . G   B 1 8  ? 5.777   5.631   -1.618  1.00 39.11 ? 8   G   B C6    1 
ATOM   384 O  O6    . G   B 1 8  ? 5.801   4.746   -2.485  1.00 46.06 ? 8   G   B O6    1 
ATOM   385 N  N1    . G   B 1 8  ? 6.456   5.457   -0.412  1.00 43.33 ? 8   G   B N1    1 
ATOM   386 C  C2    . G   B 1 8  ? 6.508   6.373   0.612   1.00 35.86 ? 8   G   B C2    1 
ATOM   387 N  N2    . G   B 1 8  ? 7.204   6.020   1.705   1.00 47.84 ? 8   G   B N2    1 
ATOM   388 N  N3    . G   B 1 8  ? 5.915   7.545   0.575   1.00 40.60 ? 8   G   B N3    1 
ATOM   389 C  C4    . G   B 1 8  ? 5.254   7.738   -0.594  1.00 38.20 ? 8   G   B C4    1 
ATOM   390 P  P     . G   B 1 9  ? 7.720   12.944  -1.917  1.00 53.69 ? 9   G   B P     1 
ATOM   391 O  OP1   . G   B 1 9  ? 8.044   14.383  -2.062  1.00 56.60 ? 9   G   B OP1   1 
ATOM   392 O  OP2   . G   B 1 9  ? 7.683   12.052  -3.106  1.00 46.41 ? 9   G   B OP2   1 
ATOM   393 O  "O5'" . G   B 1 9  ? 8.746   12.276  -0.896  1.00 53.77 ? 9   G   B "O5'" 1 
ATOM   394 C  "C5'" . G   B 1 9  ? 8.817   12.684  0.463   1.00 40.96 ? 9   G   B "C5'" 1 
ATOM   395 C  "C4'" . G   B 1 9  ? 9.725   11.767  1.242   1.00 45.08 ? 9   G   B "C4'" 1 
ATOM   396 O  "O4'" . G   B 1 9  ? 9.029   10.521  1.517   1.00 52.81 ? 9   G   B "O4'" 1 
ATOM   397 C  "C3'" . G   B 1 9  ? 10.977  11.323  0.506   1.00 52.21 ? 9   G   B "C3'" 1 
ATOM   398 O  "O3'" . G   B 1 9  ? 12.027  12.263  0.551   1.00 62.41 ? 9   G   B "O3'" 1 
ATOM   399 C  "C2'" . G   B 1 9  ? 11.310  10.011  1.182   1.00 50.04 ? 9   G   B "C2'" 1 
ATOM   400 O  "O2'" . G   B 1 9  ? 11.886  10.243  2.458   1.00 47.35 ? 9   G   B "O2'" 1 
ATOM   401 C  "C1'" . G   B 1 9  ? 9.917   9.433   1.370   1.00 49.10 ? 9   G   B "C1'" 1 
ATOM   402 N  N9    . G   B 1 9  ? 9.512   8.667   0.178   1.00 42.12 ? 9   G   B N9    1 
ATOM   403 C  C8    . G   B 1 9  ? 8.643   9.059   -0.817  1.00 44.80 ? 9   G   B C8    1 
ATOM   404 N  N7    . G   B 1 9  ? 8.486   8.155   -1.749  1.00 40.44 ? 9   G   B N7    1 
ATOM   405 C  C5    . G   B 1 9  ? 9.301   7.113   -1.338  1.00 42.63 ? 9   G   B C5    1 
ATOM   406 C  C6    . G   B 1 9  ? 9.549   5.857   -1.934  1.00 47.76 ? 9   G   B C6    1 
ATOM   407 O  O6    . G   B 1 9  ? 9.092   5.390   -2.982  1.00 45.59 ? 9   G   B O6    1 
ATOM   408 N  N1    . G   B 1 9  ? 10.446  5.122   -1.183  1.00 48.59 ? 9   G   B N1    1 
ATOM   409 C  C2    . G   B 1 9  ? 11.033  5.516   -0.014  1.00 40.09 ? 9   G   B C2    1 
ATOM   410 N  N2    . G   B 1 9  ? 11.870  4.633   0.536   1.00 44.04 ? 9   G   B N2    1 
ATOM   411 N  N3    . G   B 1 9  ? 10.822  6.676   0.561   1.00 52.21 ? 9   G   B N3    1 
ATOM   412 C  C4    . G   B 1 9  ? 9.947   7.416   -0.154  1.00 45.80 ? 9   G   B C4    1 
ATOM   413 P  P     . C   B 1 10 ? 13.052  12.339  -0.677  1.00 58.59 ? 10  C   B P     1 
ATOM   414 O  OP1   . C   B 1 10 ? 14.103  13.309  -0.296  1.00 58.08 ? 10  C   B OP1   1 
ATOM   415 O  OP2   . C   B 1 10 ? 12.284  12.508  -1.935  1.00 52.06 ? 10  C   B OP2   1 
ATOM   416 O  "O5'" . C   B 1 10 ? 13.706  10.892  -0.721  1.00 51.42 ? 10  C   B "O5'" 1 
ATOM   417 C  "C5'" . C   B 1 10 ? 14.624  10.480  0.277   1.00 50.73 ? 10  C   B "C5'" 1 
ATOM   418 C  "C4'" . C   B 1 10 ? 15.166  9.111   -0.030  1.00 55.53 ? 10  C   B "C4'" 1 
ATOM   419 O  "O4'" . C   B 1 10 ? 14.067  8.174   -0.156  1.00 55.34 ? 10  C   B "O4'" 1 
ATOM   420 C  "C3'" . C   B 1 10 ? 15.911  8.977   -1.343  1.00 54.57 ? 10  C   B "C3'" 1 
ATOM   421 O  "O3'" . C   B 1 10 ? 17.251  9.421   -1.256  1.00 75.11 ? 10  C   B "O3'" 1 
ATOM   422 C  "C2'" . C   B 1 10 ? 15.790  7.493   -1.645  1.00 54.96 ? 10  C   B "C2'" 1 
ATOM   423 O  "O2'" . C   B 1 10 ? 16.752  6.749   -0.912  1.00 66.40 ? 10  C   B "O2'" 1 
ATOM   424 C  "C1'" . C   B 1 10 ? 14.399  7.176   -1.096  1.00 57.87 ? 10  C   B "C1'" 1 
ATOM   425 N  N1    . C   B 1 10 ? 13.383  7.175   -2.168  1.00 60.52 ? 10  C   B N1    1 
ATOM   426 C  C2    . C   B 1 10 ? 13.243  6.002   -2.901  1.00 53.13 ? 10  C   B C2    1 
ATOM   427 O  O2    . C   B 1 10 ? 13.962  5.033   -2.618  1.00 58.58 ? 10  C   B O2    1 
ATOM   428 N  N3    . C   B 1 10 ? 12.341  5.958   -3.898  1.00 54.85 ? 10  C   B N3    1 
ATOM   429 C  C4    . C   B 1 10 ? 11.606  7.030   -4.169  1.00 45.62 ? 10  C   B C4    1 
ATOM   430 N  N4    . C   B 1 10 ? 10.732  6.926   -5.163  1.00 50.77 ? 10  C   B N4    1 
ATOM   431 C  C5    . C   B 1 10 ? 11.728  8.245   -3.440  1.00 58.53 ? 10  C   B C5    1 
ATOM   432 C  C6    . C   B 1 10 ? 12.629  8.275   -2.452  1.00 57.78 ? 10  C   B C6    1 
HETATM 433 O  O     . HOH C 2 .  ? -0.757  1.881   8.247   1.00 51.46 ? 101 HOH A O     1 
HETATM 434 O  O     . HOH C 2 .  ? -14.309 -15.053 0.556   1.00 49.78 ? 102 HOH A O     1 
HETATM 435 O  O     . HOH C 2 .  ? -4.663  6.393   1.802   1.00 37.92 ? 103 HOH A O     1 
HETATM 436 O  O     . HOH C 2 .  ? -10.150 -8.469  -2.665  1.00 40.93 ? 104 HOH A O     1 
HETATM 437 O  O     . HOH C 2 .  ? -8.804  3.342   -1.403  1.00 35.97 ? 105 HOH A O     1 
HETATM 438 O  O     . HOH C 2 .  ? -10.362 -3.791  4.817   1.00 42.21 ? 106 HOH A O     1 
HETATM 439 O  O     . HOH C 2 .  ? -7.410  5.469   10.907  1.00 40.56 ? 107 HOH A O     1 
HETATM 440 O  O     . HOH C 2 .  ? -0.230  -0.845  3.915   1.00 43.55 ? 108 HOH A O     1 
HETATM 441 O  O     . HOH C 2 .  ? 8.389   1.738   -8.873  1.00 57.55 ? 109 HOH A O     1 
HETATM 442 O  O     . HOH C 2 .  ? -7.297  -0.677  7.415   1.00 43.01 ? 110 HOH A O     1 
HETATM 443 O  O     . HOH C 2 .  ? 2.710   9.613   4.136   1.00 43.88 ? 111 HOH A O     1 
HETATM 444 O  O     . HOH D 2 .  ? 0.007   3.332   -9.808  1.00 56.15 ? 101 HOH B O     1 
HETATM 445 O  O     . HOH D 2 .  ? -0.847  -5.544  -0.458  1.00 46.76 ? 102 HOH B O     1 
HETATM 446 O  O     . HOH D 2 .  ? 0.521   0.490   -7.902  1.00 54.81 ? 103 HOH B O     1 
HETATM 447 O  O     . HOH D 2 .  ? -5.163  -15.480 4.581   1.00 52.87 ? 104 HOH B O     1 
HETATM 448 O  O     . HOH D 2 .  ? 4.663   6.647   -5.507  1.00 43.64 ? 105 HOH B O     1 
HETATM 449 O  O     . HOH D 2 .  ? -7.048  4.069   -3.841  1.00 41.32 ? 106 HOH B O     1 
HETATM 450 O  O     . HOH D 2 .  ? 2.932   7.857   -6.709  1.00 45.46 ? 107 HOH B O     1 
HETATM 451 O  O     . HOH D 2 .  ? -0.036  -3.079  0.489   1.00 45.12 ? 108 HOH B O     1 
HETATM 452 O  O     . HOH D 2 .  ? -6.488  -15.779 1.939   1.00 42.39 ? 109 HOH B O     1 
# 
loop_
_atom_site_anisotrop.id 
_atom_site_anisotrop.type_symbol 
_atom_site_anisotrop.pdbx_label_atom_id 
_atom_site_anisotrop.pdbx_label_alt_id 
_atom_site_anisotrop.pdbx_label_comp_id 
_atom_site_anisotrop.pdbx_label_asym_id 
_atom_site_anisotrop.pdbx_label_seq_id 
_atom_site_anisotrop.pdbx_PDB_ins_code 
_atom_site_anisotrop.U[1][1] 
_atom_site_anisotrop.U[2][2] 
_atom_site_anisotrop.U[3][3] 
_atom_site_anisotrop.U[1][2] 
_atom_site_anisotrop.U[1][3] 
_atom_site_anisotrop.U[2][3] 
_atom_site_anisotrop.pdbx_auth_seq_id 
_atom_site_anisotrop.pdbx_auth_comp_id 
_atom_site_anisotrop.pdbx_auth_asym_id 
_atom_site_anisotrop.pdbx_auth_atom_id 
1   O  "O5'" . G   A 1  ? 0.6700 0.7456 0.6068 -0.1315 0.0466  -0.0786 1  G   A "O5'" 
2   C  "C5'" . G   A 1  ? 0.6433 0.7013 0.6034 -0.1287 0.0625  -0.1019 1  G   A "C5'" 
3   C  "C4'" . G   A 1  ? 0.6647 0.6823 0.6318 -0.1119 0.0619  -0.0723 1  G   A "C4'" 
4   O  "O4'" . G   A 1  ? 0.6097 0.6583 0.5559 -0.1059 0.0534  -0.0496 1  G   A "O4'" 
5   C  "C3'" . G   A 1  ? 0.7863 0.7643 0.7569 -0.1013 0.0524  -0.0414 1  G   A "C3'" 
6   O  "O3'" . G   A 1  ? 0.9371 0.8759 0.9391 -0.0987 0.0637  -0.0465 1  G   A "O3'" 
7   C  "C2'" . G   A 1  ? 0.6835 0.6547 0.6502 -0.0856 0.0448  -0.0154 1  G   A "C2'" 
8   O  "O2'" . G   A 1  ? 0.5950 0.5396 0.5838 -0.0769 0.0573  -0.0214 1  G   A "O2'" 
9   C  "C1'" . G   A 1  ? 0.6472 0.6663 0.5973 -0.0918 0.0422  -0.0162 1  G   A "C1'" 
10  N  N9    . G   A 1  ? 0.6708 0.7172 0.6075 -0.0936 0.0266  0.0071  1  G   A N9    
11  C  C8    . G   A 1  ? 0.6723 0.7624 0.5923 -0.1063 0.0230  0.0034  1  G   A C8    
12  N  N7    . G   A 1  ? 0.6246 0.7306 0.5444 -0.1041 0.0092  0.0319  1  G   A N7    
13  C  C5    . G   A 1  ? 0.6412 0.7130 0.5813 -0.0895 0.0030  0.0496  1  G   A C5    
14  C  C6    . G   A 1  ? 0.6327 0.7049 0.5937 -0.0811 -0.0115 0.0755  1  G   A C6    
15  O  O6    . G   A 1  ? 0.6056 0.7052 0.5737 -0.0852 -0.0206 0.0933  1  G   A O6    
16  N  N1    . G   A 1  ? 0.6700 0.7104 0.6518 -0.0659 -0.0148 0.0773  1  G   A N1    
17  C  C2    . G   A 1  ? 0.6143 0.6258 0.5935 -0.0592 -0.0051 0.0630  1  G   A C2    
18  N  N2    . G   A 1  ? 0.5439 0.5361 0.5445 -0.0430 -0.0115 0.0672  1  G   A N2    
19  N  N3    . G   A 1  ? 0.5636 0.5699 0.5278 -0.0672 0.0099  0.0436  1  G   A N3    
20  C  C4    . G   A 1  ? 0.6217 0.6590 0.5683 -0.0825 0.0129  0.0352  1  G   A C4    
21  O  O3P   . CBV A 2  ? 0.8024 0.6893 0.8509 -0.0906 0.0735  -0.0221 2  CBV A O3P   
22  P  P     . CBV A 2  ? 0.7255 0.6434 0.7312 -0.0933 0.0576  -0.0232 2  CBV A P     
23  O  O1P   . CBV A 2  ? 0.6486 0.5977 0.6299 -0.1071 0.0463  -0.0295 2  CBV A O1P   
24  O  O2P   . CBV A 2  ? 0.9531 0.8760 0.9741 -0.0982 0.0710  -0.0503 2  CBV A O2P   
25  O  "O5'" . CBV A 2  ? 0.7184 0.6286 0.7106 -0.0731 0.0446  0.0095  2  CBV A "O5'" 
26  C  "C5'" . CBV A 2  ? 0.5222 0.4146 0.5304 -0.0582 0.0508  0.0175  2  CBV A "C5'" 
27  C  "C4'" . CBV A 2  ? 0.5336 0.4300 0.5312 -0.0392 0.0351  0.0415  2  CBV A "C4'" 
28  O  "O4'" . CBV A 2  ? 0.4826 0.4001 0.4661 -0.0416 0.0219  0.0403  2  CBV A "O4'" 
29  C  "C3'" . CBV A 2  ? 0.6452 0.5490 0.6336 -0.0322 0.0240  0.0577  2  CBV A "C3'" 
30  O  "O3'" . CBV A 2  ? 0.7350 0.6277 0.7406 -0.0201 0.0339  0.0736  2  CBV A "O3'" 
31  C  "C2'" . CBV A 2  ? 0.6441 0.5658 0.6251 -0.0193 0.0051  0.0648  2  CBV A "C2'" 
32  O  "O2'" . CBV A 2  ? 0.6470 0.5659 0.6405 0.0009  0.0053  0.0731  2  CBV A "O2'" 
33  C  "C1'" . CBV A 2  ? 0.6316 0.5614 0.6106 -0.0315 0.0041  0.0540  2  CBV A "C1'" 
34  N  N1    . CBV A 2  ? 0.6202 0.5707 0.5872 -0.0458 -0.0042 0.0531  2  CBV A N1    
35  C  C2    . CBV A 2  ? 0.6564 0.6257 0.6315 -0.0396 -0.0224 0.0633  2  CBV A C2    
36  O  O2    . CBV A 2  ? 0.5404 0.5103 0.5316 -0.0237 -0.0312 0.0659  2  CBV A O2    
37  N  N3    . CBV A 2  ? 0.5916 0.5835 0.5628 -0.0531 -0.0296 0.0681  2  CBV A N3    
38  C  C4    . CBV A 2  ? 0.5652 0.5666 0.5169 -0.0712 -0.0207 0.0609  2  CBV A C4    
39  N  N4    . CBV A 2  ? 0.7008 0.7321 0.6490 -0.0827 -0.0286 0.0692  2  CBV A N4    
40  C  C5    . CBV A 2  ? 0.5795 0.5655 0.5229 -0.0776 -0.0038 0.0428  2  CBV A C5    
41  C  C6    . CBV A 2  ? 0.5458 0.5026 0.5012 -0.0650 0.0054  0.0401  2  CBV A C6    
42  BR BR    . CBV A 2  ? 0.7433 0.7552 0.6717 -0.1017 0.0056  0.0192  2  CBV A BR    
43  P  P     . C   A 3  ? 0.7665 0.6644 0.7705 -0.0215 0.0340  0.0857  3  C   A P     
44  O  OP1   . C   A 3  ? 0.8655 0.7576 0.8968 -0.0048 0.0484  0.1107  3  C   A OP1   
45  O  OP2   . C   A 3  ? 0.7968 0.6915 0.7987 -0.0457 0.0375  0.0652  3  C   A OP2   
46  O  "O5'" . C   A 3  ? 0.5468 0.4724 0.5256 -0.0109 0.0114  0.0924  3  C   A "O5'" 
47  C  "C5'" . C   A 3  ? 0.5429 0.4864 0.5210 0.0117  0.0011  0.1005  3  C   A "C5'" 
48  C  "C4'" . C   A 3  ? 0.5384 0.5088 0.5062 0.0163  -0.0209 0.0926  3  C   A "C4'" 
49  O  "O4'" . C   A 3  ? 0.6365 0.6023 0.6060 0.0004  -0.0277 0.0784  3  C   A "O4'" 
50  C  "C3'" . C   A 3  ? 0.5252 0.5117 0.4830 0.0139  -0.0273 0.0962  3  C   A "C3'" 
51  O  "O3'" . C   A 3  ? 0.6102 0.6204 0.5659 0.0345  -0.0257 0.1123  3  C   A "O3'" 
52  C  "C2'" . C   A 3  ? 0.5845 0.5889 0.5476 0.0117  -0.0469 0.0814  3  C   A "C2'" 
53  O  "O2'" . C   A 3  ? 0.6318 0.6643 0.6070 0.0340  -0.0600 0.0745  3  C   A "O2'" 
54  C  "C1'" . C   A 3  ? 0.6364 0.6217 0.6060 -0.0029 -0.0428 0.0748  3  C   A "C1'" 
55  N  N1    . C   A 3  ? 0.6515 0.6306 0.6120 -0.0260 -0.0388 0.0734  3  C   A N1    
56  C  C2    . C   A 3  ? 0.6646 0.6621 0.6326 -0.0326 -0.0522 0.0731  3  C   A C2    
57  O  O2    . C   A 3  ? 0.6736 0.6882 0.6622 -0.0197 -0.0662 0.0700  3  C   A O2    
58  N  N3    . C   A 3  ? 0.6379 0.6391 0.5972 -0.0520 -0.0495 0.0746  3  C   A N3    
59  C  C4    . C   A 3  ? 0.5464 0.5358 0.4901 -0.0646 -0.0353 0.0691  3  C   A C4    
60  N  N4    . C   A 3  ? 0.6470 0.6514 0.5821 -0.0825 -0.0348 0.0665  3  C   A N4    
61  C  C5    . C   A 3  ? 0.5174 0.4845 0.4612 -0.0591 -0.0210 0.0644  3  C   A C5    
62  C  C6    . C   A 3  ? 0.5356 0.4969 0.4875 -0.0397 -0.0228 0.0704  3  C   A C6    
63  P  P     . G   A 4  ? 0.6021 0.6237 0.5505 0.0327  -0.0220 0.1252  4  G   A P     
64  O  OP1   . G   A 4  ? 0.5772 0.6294 0.5280 0.0588  -0.0148 0.1500  4  G   A OP1   
65  O  OP2   . G   A 4  ? 0.6525 0.6409 0.6047 0.0072  -0.0098 0.1234  4  G   A OP2   
66  O  "O5'" . G   A 4  ? 0.6141 0.6631 0.5565 0.0329  -0.0436 0.1074  4  G   A "O5'" 
67  C  "C5'" . G   A 4  ? 0.5691 0.6564 0.5175 0.0536  -0.0602 0.0941  4  G   A "C5'" 
68  C  "C4'" . G   A 4  ? 0.5163 0.6194 0.4764 0.0471  -0.0777 0.0735  4  G   A "C4'" 
69  O  "O4'" . G   A 4  ? 0.4791 0.5513 0.4510 0.0247  -0.0791 0.0674  4  G   A "O4'" 
70  C  "C3'" . G   A 4  ? 0.4775 0.5894 0.4274 0.0407  -0.0765 0.0800  4  G   A "C3'" 
71  O  "O3'" . G   A 4  ? 0.5720 0.7331 0.5165 0.0645  -0.0811 0.0801  4  G   A "O3'" 
72  C  "C2'" . G   A 4  ? 0.5769 0.6831 0.5469 0.0239  -0.0894 0.0640  4  G   A "C2'" 
73  O  "O2'" . G   A 4  ? 0.5416 0.6852 0.5408 0.0389  -0.1072 0.0401  4  G   A "O2'" 
74  C  "C1'" . G   A 4  ? 0.5062 0.5810 0.4836 0.0105  -0.0855 0.0646  4  G   A "C1'" 
75  N  N9    . G   A 4  ? 0.5553 0.5997 0.5170 -0.0127 -0.0730 0.0762  4  G   A N9    
76  C  C8    . G   A 4  ? 0.5416 0.5608 0.4880 -0.0190 -0.0560 0.0846  4  G   A C8    
77  N  N7    . G   A 4  ? 0.6091 0.6139 0.5492 -0.0405 -0.0497 0.0843  4  G   A N7    
78  C  C5    . G   A 4  ? 0.5307 0.5524 0.4790 -0.0482 -0.0630 0.0821  4  G   A C5    
79  C  C6    . G   A 4  ? 0.5262 0.5521 0.4724 -0.0685 -0.0645 0.0835  4  G   A C6    
80  O  O6    . G   A 4  ? 0.5748 0.5938 0.5084 -0.0842 -0.0547 0.0809  4  G   A O6    
81  N  N1    . G   A 4  ? 0.5061 0.5530 0.4736 -0.0685 -0.0788 0.0862  4  G   A N1    
82  C  C2    . G   A 4  ? 0.4158 0.4766 0.4088 -0.0517 -0.0906 0.0802  4  G   A C2    
83  N  N2    . G   A 4  ? 0.4374 0.5171 0.4639 -0.0543 -0.1026 0.0808  4  G   A N2    
84  N  N3    . G   A 4  ? 0.4900 0.5522 0.4819 -0.0326 -0.0908 0.0722  4  G   A N3    
85  C  C4    . G   A 4  ? 0.5348 0.5772 0.5011 -0.0319 -0.0767 0.0770  4  G   A C4    
86  P  P     . G   A 5  ? 0.5548 0.7278 0.4817 0.0676  -0.0682 0.1050  5  G   A P     
87  O  OP1   . G   A 5  ? 0.6515 0.8839 0.5699 0.0996  -0.0676 0.1147  5  G   A OP1   
88  O  OP2   . G   A 5  ? 0.5216 0.6426 0.4458 0.0463  -0.0495 0.1255  5  G   A OP2   
89  O  "O5'" . G   A 5  ? 0.6001 0.7859 0.5347 0.0579  -0.0811 0.0873  5  G   A "O5'" 
90  C  "C5'" . G   A 5  ? 0.5904 0.8147 0.5469 0.0688  -0.1010 0.0550  5  G   A "C5'" 
91  C  "C4'" . G   A 5  ? 0.4839 0.6979 0.4612 0.0505  -0.1101 0.0420  5  G   A "C4'" 
92  O  "O4'" . G   A 5  ? 0.4361 0.6041 0.4271 0.0266  -0.1100 0.0448  5  G   A "O4'" 
93  C  "C3'" . G   A 5  ? 0.4784 0.6859 0.4384 0.0403  -0.1008 0.0607  5  G   A "C3'" 
94  O  "O3'" . G   A 5  ? 0.7144 0.9761 0.6703 0.0609  -0.1040 0.0546  5  G   A "O3'" 
95  C  "C2'" . G   A 5  ? 0.5037 0.6844 0.4865 0.0155  -0.1082 0.0538  5  G   A "C2'" 
96  O  "O2'" . G   A 5  ? 0.4674 0.6823 0.4881 0.0229  -0.1247 0.0266  5  G   A "O2'" 
97  C  "C1'" . G   A 5  ? 0.4728 0.6227 0.4645 0.0058  -0.1083 0.0535  5  G   A "C1'" 
98  N  N9    . G   A 5  ? 0.4825 0.5923 0.4500 -0.0127 -0.0935 0.0738  5  G   A N9    
99  C  C8    . G   A 5  ? 0.3922 0.4855 0.3377 -0.0082 -0.0784 0.0872  5  G   A C8    
100 N  N7    . G   A 5  ? 0.4570 0.5182 0.3949 -0.0282 -0.0678 0.0946  5  G   A N7    
101 C  C5    . G   A 5  ? 0.4461 0.5077 0.3939 -0.0457 -0.0770 0.0895  5  G   A C5    
102 C  C6    . G   A 5  ? 0.5164 0.5642 0.4600 -0.0691 -0.0734 0.0917  5  G   A C6    
103 O  O6    . G   A 5  ? 0.4864 0.5168 0.4188 -0.0808 -0.0614 0.0916  5  G   A O6    
104 N  N1    . G   A 5  ? 0.5358 0.5999 0.4965 -0.0784 -0.0857 0.0922  5  G   A N1    
105 C  C2    . G   A 5  ? 0.3389 0.4233 0.3271 -0.0680 -0.0988 0.0876  5  G   A C2    
106 N  N2    . G   A 5  ? 0.3379 0.4357 0.3524 -0.0791 -0.1076 0.0931  5  G   A N2    
107 N  N3    . G   A 5  ? 0.4197 0.5170 0.4145 -0.0473 -0.1029 0.0772  5  G   A N3    
108 C  C4    . G   A 5  ? 0.3870 0.4749 0.3564 -0.0366 -0.0920 0.0799  5  G   A C4    
109 P  P     . A   A 6  ? 0.5802 0.8491 0.5119 0.0628  -0.0878 0.0853  6  A   A P     
110 O  OP1   . A   A 6  ? 0.6478 0.9914 0.5739 0.0922  -0.0918 0.0775  6  A   A OP1   
111 O  OP2   . A   A 6  ? 0.5866 0.8120 0.5043 0.0532  -0.0681 0.1179  6  A   A OP2   
112 O  "O5'" . A   A 6  ? 0.4366 0.6780 0.3810 0.0375  -0.0916 0.0814  6  A   A "O5'" 
113 C  "C5'" . A   A 6  ? 0.4650 0.6601 0.4002 0.0150  -0.0780 0.1050  6  A   A "C5'" 
114 C  "C4'" . A   A 6  ? 0.4475 0.6170 0.3993 -0.0103 -0.0874 0.0944  6  A   A "C4'" 
115 O  "O4'" . A   A 6  ? 0.4838 0.6263 0.4432 -0.0221 -0.0919 0.0877  6  A   A "O4'" 
116 C  "C3'" . A   A 6  ? 0.5194 0.6609 0.4651 -0.0317 -0.0771 0.1115  6  A   A "C3'" 
117 O  "O3'" . A   A 6  ? 0.4262 0.5911 0.3747 -0.0274 -0.0765 0.1159  6  A   A "O3'" 
118 C  "C2'" . A   A 6  ? 0.3861 0.5060 0.3443 -0.0547 -0.0866 0.1030  6  A   A "C2'" 
119 O  "O2'" . A   A 6  ? 0.4430 0.5839 0.4270 -0.0560 -0.1011 0.0918  6  A   A "O2'" 
120 C  "C1'" . A   A 6  ? 0.3947 0.5086 0.3545 -0.0479 -0.0895 0.0950  6  A   A "C1'" 
121 N  N9    . A   A 6  ? 0.4203 0.5050 0.3625 -0.0552 -0.0751 0.1045  6  A   A N9    
122 C  C8    . A   A 6  ? 0.4351 0.5162 0.3675 -0.0402 -0.0633 0.1126  6  A   A C8    
123 N  N7    . A   A 6  ? 0.4723 0.5242 0.4018 -0.0521 -0.0505 0.1171  6  A   A N7    
124 C  C5    . A   A 6  ? 0.4772 0.5195 0.4087 -0.0756 -0.0552 0.1089  6  A   A C5    
125 C  C6    . A   A 6  ? 0.4889 0.5135 0.4200 -0.0957 -0.0479 0.1022  6  A   A C6    
126 N  N6    . A   A 6  ? 0.5233 0.5279 0.4588 -0.0967 -0.0328 0.1002  6  A   A N6    
127 N  N1    . A   A 6  ? 0.5551 0.5899 0.4858 -0.1140 -0.0563 0.0960  6  A   A N1    
128 C  C2    . A   A 6  ? 0.5978 0.6518 0.5346 -0.1127 -0.0702 0.1006  6  A   A C2    
129 N  N3    . A   A 6  ? 0.4709 0.5372 0.4159 -0.0958 -0.0776 0.1035  6  A   A N3    
130 C  C4    . A   A 6  ? 0.4220 0.4843 0.3608 -0.0774 -0.0701 0.1054  6  A   A C4    
131 P  P     . C   A 7  ? 0.5571 0.5102 0.4696 -0.0807 0.0524  -0.0096 7  C   A P     
132 O  OP1   . C   A 7  ? 0.6461 0.5888 0.5617 -0.1017 0.0847  -0.0088 7  C   A OP1   
133 O  OP2   . C   A 7  ? 0.5286 0.4358 0.4125 -0.0833 0.0335  -0.0062 7  C   A OP2   
134 O  "O5'" . C   A 7  ? 0.4749 0.4731 0.4361 -0.0722 0.0429  -0.0223 7  C   A "O5'" 
135 C  "C5'" . C   A 7  ? 0.4880 0.5273 0.4867 -0.0706 0.0470  -0.0247 7  C   A "C5'" 
136 C  "C4'" . C   A 7  ? 0.3551 0.4205 0.3733 -0.0651 0.0258  -0.0336 7  C   A "C4'" 
137 O  "O4'" . C   A 7  ? 0.4817 0.5445 0.4709 -0.0533 0.0136  -0.0391 7  C   A "O4'" 
138 C  "C3'" . C   A 7  ? 0.4031 0.4584 0.4388 -0.0742 0.0198  -0.0409 7  C   A "C3'" 
139 O  "O3'" . C   A 7  ? 0.3987 0.4641 0.4830 -0.0862 0.0266  -0.0407 7  C   A "O3'" 
140 C  "C2'" . C   A 7  ? 0.3622 0.4297 0.3872 -0.0699 -0.0008 -0.0507 7  C   A "C2'" 
141 O  "O2'" . C   A 7  ? 0.4070 0.4994 0.4500 -0.0749 -0.0146 -0.0488 7  C   A "O2'" 
142 C  "C1'" . C   A 7  ? 0.3999 0.4645 0.3935 -0.0566 0.0015  -0.0518 7  C   A "C1'" 
143 N  N1    . C   A 7  ? 0.3798 0.4177 0.3625 -0.0520 -0.0004 -0.0598 7  C   A N1    
144 C  C2    . C   A 7  ? 0.5075 0.5451 0.4910 -0.0543 -0.0067 -0.0778 7  C   A C2    
145 O  O2    . C   A 7  ? 0.5531 0.6057 0.5316 -0.0634 -0.0124 -0.0842 7  C   A O2    
146 N  N3    . C   A 7  ? 0.4824 0.4978 0.4720 -0.0496 -0.0085 -0.0884 7  C   A N3    
147 C  C4    . C   A 7  ? 0.4655 0.4553 0.4564 -0.0436 -0.0119 -0.0778 7  C   A C4    
148 N  N4    . C   A 7  ? 0.5166 0.4831 0.5256 -0.0393 -0.0205 -0.0884 7  C   A N4    
149 C  C5    . C   A 7  ? 0.4241 0.4055 0.3975 -0.0450 -0.0082 -0.0570 7  C   A C5    
150 C  C6    . C   A 7  ? 0.3162 0.3243 0.2876 -0.0490 0.0018  -0.0507 7  C   A C6    
151 P  P     . G   A 8  ? 0.5065 0.5518 0.6115 -0.0990 0.0317  -0.0461 8  G   A P     
152 O  OP1   . G   A 8  ? 0.4349 0.4930 0.6063 -0.1112 0.0453  -0.0479 8  G   A OP1   
153 O  OP2   . G   A 8  ? 0.4556 0.4617 0.5127 -0.1002 0.0405  -0.0443 8  G   A OP2   
154 O  "O5'" . G   A 8  ? 0.4491 0.5021 0.5553 -0.0978 0.0030  -0.0535 8  G   A "O5'" 
155 C  "C5'" . G   A 8  ? 0.4738 0.5496 0.6069 -0.1016 -0.0206 -0.0533 8  G   A "C5'" 
156 C  "C4'" . G   A 8  ? 0.4927 0.5583 0.6039 -0.1076 -0.0433 -0.0618 8  G   A "C4'" 
157 O  "O4'" . G   A 8  ? 0.4869 0.5440 0.5428 -0.0996 -0.0405 -0.0700 8  G   A "O4'" 
158 C  "C3'" . G   A 8  ? 0.4874 0.5335 0.6104 -0.1136 -0.0387 -0.0677 8  G   A "C3'" 
159 O  "O3'" . G   A 8  ? 0.5774 0.6291 0.7595 -0.1251 -0.0479 -0.0653 8  G   A "O3'" 
160 C  "C2'" . G   A 8  ? 0.5055 0.5376 0.5846 -0.1152 -0.0517 -0.0799 8  G   A "C2'" 
161 O  "O2'" . G   A 8  ? 0.6608 0.6936 0.7377 -0.1299 -0.0797 -0.0813 8  G   A "O2'" 
162 C  "C1'" . G   A 8  ? 0.4684 0.5053 0.5092 -0.1037 -0.0429 -0.0825 8  G   A "C1'" 
163 N  N9    . G   A 8  ? 0.4232 0.4443 0.4515 -0.0916 -0.0264 -0.0856 8  G   A N9    
164 C  C8    . G   A 8  ? 0.4441 0.4612 0.4706 -0.0829 -0.0133 -0.0746 8  G   A C8    
165 N  N7    . G   A 8  ? 0.3947 0.3882 0.4084 -0.0759 -0.0113 -0.0776 8  G   A N7    
166 C  C5    . G   A 8  ? 0.3767 0.3640 0.3926 -0.0781 -0.0186 -0.0946 8  G   A C5    
167 C  C6    . G   A 8  ? 0.5045 0.4697 0.5256 -0.0727 -0.0213 -0.1069 8  G   A C6    
168 O  O6    . G   A 8  ? 0.5317 0.4749 0.5568 -0.0647 -0.0250 -0.1018 8  G   A O6    
169 N  N1    . G   A 8  ? 0.5611 0.5260 0.5852 -0.0801 -0.0229 -0.1271 8  G   A N1    
170 C  C2    . G   A 8  ? 0.5380 0.5151 0.5489 -0.0941 -0.0269 -0.1313 8  G   A C2    
171 N  N2    . G   A 8  ? 0.6315 0.5969 0.6345 -0.1051 -0.0275 -0.1521 8  G   A N2    
172 N  N3    . G   A 8  ? 0.5353 0.5303 0.5437 -0.0992 -0.0327 -0.1164 8  G   A N3    
173 C  C4    . G   A 8  ? 0.4582 0.4605 0.4750 -0.0893 -0.0258 -0.1000 8  G   A C4    
174 P  P     . G   A 9  ? 0.5111 0.5469 0.7257 -0.1321 -0.0278 -0.0687 9  G   A P     
175 O  OP1   . G   A 9  ? 0.4858 0.5336 0.7772 -0.1436 -0.0423 -0.0683 9  G   A OP1   
176 O  OP2   . G   A 9  ? 0.5734 0.5958 0.7679 -0.1293 0.0065  -0.0658 9  G   A OP2   
177 O  "O5'" . G   A 9  ? 0.5094 0.5225 0.6814 -0.1323 -0.0373 -0.0770 9  G   A "O5'" 
178 C  "C5'" . G   A 9  ? 0.5797 0.5901 0.7553 -0.1416 -0.0656 -0.0823 9  G   A "C5'" 
179 C  "C4'" . G   A 9  ? 0.5171 0.5063 0.6455 -0.1405 -0.0674 -0.0944 9  G   A "C4'" 
180 O  "O4'" . G   A 9  ? 0.5945 0.5825 0.6791 -0.1287 -0.0569 -0.0994 9  G   A "O4'" 
181 C  "C3'" . G   A 9  ? 0.5209 0.4894 0.6563 -0.1404 -0.0534 -0.0978 9  G   A "C3'" 
182 O  "O3'" . G   A 9  ? 0.5456 0.5098 0.7192 -0.1526 -0.0634 -0.0985 9  G   A "O3'" 
183 C  "C2'" . G   A 9  ? 0.6586 0.6113 0.7519 -0.1344 -0.0547 -0.1114 9  G   A "C2'" 
184 O  "O2'" . G   A 9  ? 0.6289 0.5753 0.7092 -0.1461 -0.0720 -0.1237 9  G   A "O2'" 
185 C  "C1'" . G   A 9  ? 0.6037 0.5703 0.6716 -0.1247 -0.0501 -0.1109 9  G   A "C1'" 
186 N  N9    . G   A 9  ? 0.5736 0.5316 0.6346 -0.1118 -0.0352 -0.1051 9  G   A N9    
187 C  C8    . G   A 9  ? 0.4808 0.4444 0.5432 -0.1076 -0.0240 -0.0905 9  G   A C8    
188 N  N7    . G   A 9  ? 0.5333 0.4757 0.5780 -0.1002 -0.0188 -0.0866 9  G   A N7    
189 C  C5    . G   A 9  ? 0.5875 0.5134 0.6323 -0.0969 -0.0279 -0.1001 9  G   A C5    
190 C  C6    . G   A 9  ? 0.5921 0.4897 0.6356 -0.0893 -0.0346 -0.1022 9  G   A C6    
191 O  O6    . G   A 9  ? 0.6602 0.5359 0.6916 -0.0854 -0.0382 -0.0896 9  G   A O6    
192 N  N1    . G   A 9  ? 0.4829 0.3734 0.5439 -0.0884 -0.0409 -0.1216 9  G   A N1    
193 C  C2    . G   A 9  ? 0.6362 0.5397 0.7001 -0.0969 -0.0393 -0.1366 9  G   A C2    
194 N  N2    . G   A 9  ? 0.6929 0.5826 0.7728 -0.0972 -0.0414 -0.1574 9  G   A N2    
195 N  N3    . G   A 9  ? 0.6389 0.5629 0.6941 -0.1064 -0.0387 -0.1317 9  G   A N3    
196 C  C4    . G   A 9  ? 0.5943 0.5307 0.6470 -0.1044 -0.0338 -0.1135 9  G   A C4    
197 P  P     . C   A 10 ? 0.5859 0.5307 0.7819 -0.1577 -0.0450 -0.0981 10 C   A P     
198 O  OP1   . C   A 10 ? 0.5905 0.5379 0.8349 -0.1702 -0.0605 -0.1003 10 C   A OP1   
199 O  OP2   . C   A 10 ? 0.5931 0.5337 0.7910 -0.1572 -0.0161 -0.0901 10 C   A OP2   
200 O  "O5'" . C   A 10 ? 0.5335 0.4530 0.6862 -0.1523 -0.0469 -0.1069 10 C   A "O5'" 
201 C  "C5'" . C   A 10 ? 0.5263 0.4392 0.6685 -0.1562 -0.0650 -0.1196 10 C   A "C5'" 
202 C  "C4'" . C   A 10 ? 0.5197 0.4095 0.6388 -0.1493 -0.0609 -0.1298 10 C   A "C4'" 
203 O  "O4'" . C   A 10 ? 0.6085 0.5010 0.7056 -0.1362 -0.0538 -0.1306 10 C   A "O4'" 
204 C  "C3'" . C   A 10 ? 0.5472 0.4106 0.6747 -0.1515 -0.0526 -0.1224 10 C   A "C3'" 
205 O  "O3'" . C   A 10 ? 0.6334 0.4860 0.7808 -0.1622 -0.0589 -0.1268 10 C   A "O3'" 
206 C  "C2'" . C   A 10 ? 0.6092 0.4521 0.7178 -0.1401 -0.0550 -0.1278 10 C   A "C2'" 
207 O  "O2'" . C   A 10 ? 0.6907 0.5241 0.8068 -0.1401 -0.0641 -0.1464 10 C   A "O2'" 
208 C  "C1'" . C   A 10 ? 0.5772 0.4429 0.6723 -0.1296 -0.0517 -0.1302 10 C   A "C1'" 
209 N  N1    . C   A 10 ? 0.6134 0.4735 0.6953 -0.1243 -0.0443 -0.1137 10 C   A N1    
210 C  C2    . C   A 10 ? 0.5288 0.3598 0.6027 -0.1170 -0.0515 -0.1109 10 C   A C2    
211 O  O2    . C   A 10 ? 0.5861 0.4019 0.6764 -0.1133 -0.0623 -0.1240 10 C   A O2    
212 N  N3    . C   A 10 ? 0.7053 0.5214 0.7572 -0.1161 -0.0493 -0.0942 10 C   A N3    
213 C  C4    . C   A 10 ? 0.6694 0.5030 0.7100 -0.1214 -0.0332 -0.0840 10 C   A C4    
214 N  N4    . C   A 10 ? 0.6491 0.4635 0.6613 -0.1235 -0.0285 -0.0692 10 C   A N4    
215 C  C5    . C   A 10 ? 0.5426 0.4109 0.6050 -0.1265 -0.0238 -0.0887 10 C   A C5    
216 C  C6    . C   A 10 ? 0.4939 0.3724 0.5750 -0.1281 -0.0332 -0.1019 10 C   A C6    
217 O  "O5'" . G   B 1  ? 0.6098 1.0897 0.7159 -0.0727 -0.0217 0.1154  1  G   B "O5'" 
218 C  "C5'" . G   B 1  ? 0.5737 1.0843 0.7106 -0.0272 -0.0097 0.1462  1  G   B "C5'" 
219 C  "C4'" . G   B 1  ? 0.4369 0.8836 0.5604 0.0160  0.0229  0.1197  1  G   B "C4'" 
220 O  "O4'" . G   B 1  ? 0.4476 0.8148 0.5267 -0.0019 0.0243  0.0777  1  G   B "O4'" 
221 C  "C3'" . G   B 1  ? 0.5197 0.9571 0.6516 0.0313  0.0404  0.1046  1  G   B "C3'" 
222 O  "O3'" . G   B 1  ? 0.6655 1.1561 0.8366 0.0692  0.0590  0.1416  1  G   B "O3'" 
223 C  "C2'" . G   B 1  ? 0.4314 0.7780 0.5239 0.0465  0.0566  0.0648  1  G   B "C2'" 
224 O  "O2'" . G   B 1  ? 0.5012 0.8228 0.5850 0.0907  0.0795  0.0781  1  G   B "O2'" 
225 C  "C1'" . G   B 1  ? 0.5061 0.8209 0.5753 0.0140  0.0419  0.0460  1  G   B "C1'" 
226 N  N9    . G   B 1  ? 0.5032 0.7916 0.5598 -0.0216 0.0330  0.0149  1  G   B N9    
227 C  C8    . G   B 1  ? 0.5433 0.8475 0.5902 -0.0620 0.0165  0.0158  1  G   B C8    
228 N  N7    . G   B 1  ? 0.4852 0.7508 0.5185 -0.0815 0.0187  -0.0130 1  G   B N7    
229 C  C5    . G   B 1  ? 0.4665 0.6986 0.5085 -0.0553 0.0313  -0.0321 1  G   B C5    
230 C  C6    . G   B 1  ? 0.4880 0.6799 0.5303 -0.0602 0.0348  -0.0597 1  G   B C6    
231 O  O6    . G   B 1  ? 0.4836 0.6593 0.5204 -0.0831 0.0339  -0.0730 1  G   B O6    
232 N  N1    . G   B 1  ? 0.5483 0.7129 0.5943 -0.0351 0.0397  -0.0690 1  G   B N1    
233 C  C2    . G   B 1  ? 0.5109 0.6732 0.5495 -0.0069 0.0473  -0.0563 1  G   B C2    
234 N  N2    . G   B 1  ? 0.5149 0.6304 0.5398 0.0080  0.0502  -0.0704 1  G   B N2    
235 N  N3    . G   B 1  ? 0.5019 0.6999 0.5430 0.0052  0.0513  -0.0297 1  G   B N3    
236 C  C4    . G   B 1  ? 0.4481 0.6866 0.4965 -0.0211 0.0399  -0.0174 1  G   B C4    
237 O  O3P   . CBV B 2  ? 0.7068 1.2255 0.8986 0.0885  0.0688  0.1629  2  CBV B O3P   
238 P  P     . CBV B 2  ? 0.4532 0.9792 0.6484 0.0683  0.0682  0.1480  2  CBV B P     
239 O  O1P   . CBV B 2  ? 0.5635 1.1117 0.7561 0.0097  0.0352  0.1371  2  CBV B O1P   
240 O  O2P   . CBV B 2  ? 0.5113 1.1094 0.7599 0.1042  0.0907  0.1969  2  CBV B O2P   
241 O  "O5'" . CBV B 2  ? 0.4746 0.9055 0.6194 0.0855  0.0884  0.1044  2  CBV B "O5'" 
242 C  "C5'" . CBV B 2  ? 0.5673 0.9350 0.6803 0.1285  0.1156  0.0992  2  CBV B "C5'" 
243 C  "C4'" . CBV B 2  ? 0.4895 0.7643 0.5477 0.1260  0.1190  0.0557  2  CBV B "C4'" 
244 O  "O4'" . CBV B 2  ? 0.5237 0.7642 0.5679 0.0924  0.0946  0.0236  2  CBV B "O4'" 
245 C  "C3'" . CBV B 2  ? 0.4760 0.7477 0.5275 0.1131  0.1173  0.0431  2  CBV B "C3'" 
246 O  "O3'" . CBV B 2  ? 0.5934 0.8621 0.6367 0.1486  0.1494  0.0634  2  CBV B "O3'" 
247 C  "C2'" . CBV B 2  ? 0.4847 0.6745 0.4917 0.0964  0.1026  0.0006  2  CBV B "C2'" 
248 O  "O2'" . CBV B 2  ? 0.5615 0.6711 0.5154 0.1248  0.1208  -0.0083 2  CBV B "O2'" 
249 C  "C1'" . CBV B 2  ? 0.4583 0.6566 0.4815 0.0741  0.0846  -0.0076 2  CBV B "C1'" 
250 N  N1    . CBV B 2  ? 0.4401 0.6748 0.4868 0.0348  0.0631  -0.0152 2  CBV B N1    
251 C  C2    . CBV B 2  ? 0.4658 0.6609 0.5010 0.0126  0.0499  -0.0458 2  CBV B C2    
252 O  O2    . CBV B 2  ? 0.6180 0.7606 0.6306 0.0222  0.0499  -0.0626 2  CBV B O2    
253 N  N3    . CBV B 2  ? 0.4200 0.6362 0.4683 -0.0218 0.0370  -0.0524 2  CBV B N3    
254 C  C4    . CBV B 2  ? 0.3739 0.6424 0.4345 -0.0419 0.0317  -0.0317 2  CBV B C4    
255 N  N4    . CBV B 2  ? 0.4633 0.7299 0.5149 -0.0789 0.0220  -0.0402 2  CBV B N4    
256 C  C5    . CBV B 2  ? 0.4336 0.7525 0.5120 -0.0254 0.0359  0.0012  2  CBV B C5    
257 C  C6    . CBV B 2  ? 0.4397 0.7443 0.5164 0.0177  0.0546  0.0107  2  CBV B C6    
258 BR BR    . CBV B 2  ? 0.6443 1.0401 0.7407 -0.0613 0.0153  0.0366  2  CBV B BR    
259 P  P     . C   B 3  ? 0.6048 0.9258 0.6745 0.1385  0.1542  0.0783  3  C   B P     
260 O  OP1   . C   B 3  ? 0.6264 0.9450 0.6926 0.1859  0.1991  0.1080  3  C   B OP1   
261 O  OP2   . C   B 3  ? 0.4456 0.8553 0.5711 0.0987  0.1261  0.0934  3  C   B OP2   
262 O  "O5'" . C   B 3  ? 0.5740 0.8200 0.5905 0.1174  0.1400  0.0366  3  C   B "O5'" 
263 C  "C5'" . C   B 3  ? 0.5928 0.7376 0.5401 0.1354  0.1486  0.0121  3  C   B "C5'" 
264 C  "C4'" . C   B 3  ? 0.5556 0.6524 0.4747 0.1039  0.1178  -0.0234 3  C   B "C4'" 
265 O  "O4'" . C   B 3  ? 0.6530 0.7730 0.6055 0.0748  0.0895  -0.0371 3  C   B "O4'" 
266 C  "C3'" . C   B 3  ? 0.6072 0.7284 0.5345 0.0847  0.1110  -0.0243 3  C   B "C3'" 
267 O  "O3'" . C   B 3  ? 0.6559 0.7305 0.5340 0.1058  0.1344  -0.0204 3  C   B "O3'" 
268 C  "C2'" . C   B 3  ? 0.5639 0.6588 0.4886 0.0531  0.0761  -0.0538 3  C   B "C2'" 
269 O  "O2'" . C   B 3  ? 0.7095 0.7200 0.5782 0.0576  0.0658  -0.0746 3  C   B "O2'" 
270 C  "C1'" . C   B 3  ? 0.5258 0.6446 0.4836 0.0453  0.0668  -0.0552 3  C   B "C1'" 
271 N  N1    . C   B 3  ? 0.6003 0.7870 0.6035 0.0195  0.0581  -0.0456 3  C   B N1    
272 C  C2    . C   B 3  ? 0.5885 0.7647 0.5953 -0.0087 0.0399  -0.0641 3  C   B C2    
273 O  O2    . C   B 3  ? 0.5107 0.6358 0.4965 -0.0076 0.0299  -0.0830 3  C   B O2    
274 N  N3    . C   B 3  ? 0.5071 0.7232 0.5349 -0.0362 0.0339  -0.0585 3  C   B N3    
275 C  C4    . C   B 3  ? 0.5390 0.8115 0.5876 -0.0407 0.0376  -0.0338 3  C   B C4    
276 N  N4    . C   B 3  ? 0.5832 0.8818 0.6371 -0.0753 0.0269  -0.0291 3  C   B N4    
277 C  C5    . C   B 3  ? 0.4874 0.7870 0.5484 -0.0102 0.0527  -0.0102 3  C   B C5    
278 C  C6    . C   B 3  ? 0.4175 0.6688 0.4531 0.0219  0.0667  -0.0177 3  C   B C6    
279 P  P     . G   B 4  ? 0.6931 0.8169 0.5921 0.0995  0.1485  -0.0018 4  G   B P     
280 O  OP1   . G   B 4  ? 0.7835 0.8477 0.6236 0.1303  0.1844  0.0057  4  G   B OP1   
281 O  OP2   . G   B 4  ? 0.7366 0.9674 0.7141 0.0896  0.1502  0.0281  4  G   B OP2   
282 O  "O5'" . G   B 4  ? 0.6278 0.7326 0.5166 0.0628  0.1133  -0.0283 4  G   B "O5'" 
283 C  "C5'" . G   B 4  ? 0.7209 0.7407 0.5539 0.0596  0.0925  -0.0562 4  G   B "C5'" 
284 C  "C4'" . G   B 4  ? 0.6715 0.6950 0.5173 0.0290  0.0627  -0.0717 4  G   B "C4'" 
285 O  "O4'" . G   B 4  ? 0.6382 0.7058 0.5369 0.0096  0.0460  -0.0765 4  G   B "O4'" 
286 C  "C3'" . G   B 4  ? 0.7157 0.7735 0.5708 0.0157  0.0723  -0.0602 4  G   B "C3'" 
287 O  "O3'" . G   B 4  ? 0.8215 0.8211 0.6166 0.0270  0.0825  -0.0618 4  G   B "O3'" 
288 C  "C2'" . G   B 4  ? 0.7032 0.7747 0.5849 -0.0142 0.0464  -0.0735 4  G   B "C2'" 
289 O  "O2'" . G   B 4  ? 0.6645 0.6739 0.5124 -0.0156 0.0252  -0.0911 4  G   B "O2'" 
290 C  "C1'" . G   B 4  ? 0.6407 0.7338 0.5584 -0.0161 0.0371  -0.0781 4  G   B "C1'" 
291 N  N9    . G   B 4  ? 0.5727 0.7334 0.5326 -0.0328 0.0427  -0.0633 4  G   B N9    
292 C  C8    . G   B 4  ? 0.5278 0.7403 0.5140 -0.0230 0.0567  -0.0408 4  G   B C8    
293 N  N7    . G   B 4  ? 0.4547 0.7182 0.4708 -0.0492 0.0496  -0.0301 4  G   B N7    
294 C  C5    . G   B 4  ? 0.4532 0.6868 0.4544 -0.0758 0.0359  -0.0492 4  G   B C5    
295 C  C6    . G   B 4  ? 0.4054 0.6498 0.4070 -0.1120 0.0270  -0.0505 4  G   B C6    
296 O  O6    . G   B 4  ? 0.4098 0.6959 0.4237 -0.1346 0.0221  -0.0347 4  G   B O6    
297 N  N1    . G   B 4  ? 0.4533 0.6451 0.4311 -0.1226 0.0234  -0.0710 4  G   B N1    
298 C  C2    . G   B 4  ? 0.4681 0.6152 0.4333 -0.1025 0.0216  -0.0852 4  G   B C2    
299 N  N2    . G   B 4  ? 0.4735 0.5792 0.4246 -0.1125 0.0189  -0.0981 4  G   B N2    
300 N  N3    . G   B 4  ? 0.4679 0.6048 0.4283 -0.0751 0.0225  -0.0844 4  G   B N3    
301 C  C4    . G   B 4  ? 0.4272 0.6036 0.4014 -0.0629 0.0326  -0.0678 4  G   B C4    
302 P  P     . G   B 5  ? 0.8298 0.8574 0.6226 0.0277  0.1130  -0.0402 5  G   B P     
303 O  OP1   . G   B 5  ? 0.8256 0.7708 0.5391 0.0517  0.1330  -0.0418 5  G   B OP1   
304 O  OP2   . G   B 5  ? 0.6747 0.7963 0.5353 0.0269  0.1332  -0.0118 5  G   B OP2   
305 O  "O5'" . G   B 5  ? 0.7173 0.7458 0.5124 -0.0045 0.0908  -0.0504 5  G   B "O5'" 
306 C  "C5'" . G   B 5  ? 0.6364 0.6040 0.3998 -0.0109 0.0599  -0.0732 5  G   B "C5'" 
307 C  "C4'" . G   B 5  ? 0.7584 0.7407 0.5397 -0.0382 0.0469  -0.0774 5  G   B "C4'" 
308 O  "O4'" . G   B 5  ? 0.7144 0.7533 0.5509 -0.0559 0.0423  -0.0762 5  G   B "O4'" 
309 C  "C3'" . G   B 5  ? 0.8090 0.8037 0.5752 -0.0516 0.0678  -0.0635 5  G   B "C3'" 
310 O  "O3'" . G   B 5  ? 0.9672 0.9244 0.7101 -0.0681 0.0537  -0.0732 5  G   B "O3'" 
311 C  "C2'" . G   B 5  ? 0.6727 0.7504 0.4964 -0.0724 0.0777  -0.0471 5  G   B "C2'" 
312 O  "O2'" . G   B 5  ? 0.7490 0.8487 0.5723 -0.1021 0.0863  -0.0353 5  G   B "O2'" 
313 C  "C1'" . G   B 5  ? 0.6873 0.7689 0.5377 -0.0815 0.0545  -0.0624 5  G   B "C1'" 
314 N  N9    . G   B 5  ? 0.5835 0.7322 0.4814 -0.0938 0.0565  -0.0499 5  G   B N9    
315 C  C8    . G   B 5  ? 0.5763 0.7793 0.5056 -0.0801 0.0708  -0.0285 5  G   B C8    
316 N  N7    . G   B 5  ? 0.4662 0.7243 0.4340 -0.0985 0.0637  -0.0173 5  G   B N7    
317 C  C5    . G   B 5  ? 0.5080 0.7373 0.4595 -0.1276 0.0472  -0.0351 5  G   B C5    
318 C  C6    . G   B 5  ? 0.5803 0.8278 0.5408 -0.1590 0.0353  -0.0347 5  G   B C6    
319 O  O6    . G   B 5  ? 0.5138 0.8146 0.5024 -0.1704 0.0302  -0.0172 5  G   B O6    
320 N  N1    . G   B 5  ? 0.6899 0.8789 0.6160 -0.1769 0.0304  -0.0556 5  G   B N1    
321 C  C2    . G   B 5  ? 0.5548 0.6866 0.4536 -0.1643 0.0330  -0.0710 5  G   B C2    
322 N  N2    . G   B 5  ? 0.5456 0.6260 0.4180 -0.1789 0.0330  -0.0852 5  G   B N2    
323 N  N3    . G   B 5  ? 0.5776 0.6967 0.4691 -0.1383 0.0369  -0.0704 5  G   B N3    
324 C  C4    . G   B 5  ? 0.5273 0.6922 0.4409 -0.1223 0.0452  -0.0539 5  G   B C4    
325 P  P     . A   B 6  ? 0.9764 0.9457 0.6275 0.0370  -0.0316 -0.0003 6  A   B P     
326 O  OP1   . A   B 6  ? 1.0752 1.0611 0.6627 0.0270  -0.0592 -0.0060 6  A   B OP1   
327 O  OP2   . A   B 6  ? 0.8686 0.8109 0.5192 0.0420  0.0078  -0.0269 6  A   B OP2   
328 O  "O5'" . A   B 6  ? 0.7865 0.7733 0.4526 0.0527  -0.0267 0.0430  6  A   B "O5'" 
329 C  "C5'" . A   B 6  ? 0.7069 0.6836 0.4212 0.0614  -0.0028 0.0520  6  A   B "C5'" 
330 C  "C4'" . A   B 6  ? 0.6120 0.6108 0.3577 0.0713  -0.0131 0.0815  6  A   B "C4'" 
331 O  "O4'" . A   B 6  ? 0.6298 0.6511 0.4259 0.0623  -0.0313 0.0807  6  A   B "O4'" 
332 C  "C3'" . A   B 6  ? 0.5819 0.5674 0.3530 0.0809  0.0119  0.0928  6  A   B "C3'" 
333 O  "O3'" . A   B 6  ? 0.6405 0.6087 0.3706 0.0880  0.0263  0.1091  6  A   B "O3'" 
334 C  "C2'" . A   B 6  ? 0.4892 0.5022 0.3047 0.0855  -0.0027 0.1041  6  A   B "C2'" 
335 O  "O2'" . A   B 6  ? 0.6307 0.6614 0.4341 0.0989  -0.0173 0.1199  6  A   B "O2'" 
336 C  "C1'" . A   B 6  ? 0.4841 0.5159 0.3185 0.0693  -0.0226 0.0941  6  A   B "C1'" 
337 N  N9    . A   B 6  ? 0.4982 0.5139 0.3670 0.0601  -0.0168 0.0863  6  A   B N9    
338 C  C8    . A   B 6  ? 0.5540 0.5411 0.4295 0.0533  -0.0155 0.0677  6  A   B C8    
339 N  N7    . A   B 6  ? 0.4771 0.4545 0.3965 0.0499  -0.0176 0.0699  6  A   B N7    
340 C  C5    . A   B 6  ? 0.4144 0.4189 0.3450 0.0506  -0.0189 0.0898  6  A   B C5    
341 C  C6    . A   B 6  ? 0.4446 0.4580 0.4063 0.0454  -0.0248 0.1019  6  A   B C6    
342 N  N6    . A   B 6  ? 0.3785 0.3720 0.3744 0.0407  -0.0357 0.1036  6  A   B N6    
343 N  N1    . A   B 6  ? 0.4214 0.4656 0.3781 0.0465  -0.0219 0.1108  6  A   B N1    
344 C  C2    . A   B 6  ? 0.4537 0.5150 0.3890 0.0568  -0.0146 0.1088  6  A   B C2    
345 N  N3    . A   B 6  ? 0.6149 0.6694 0.5255 0.0645  -0.0140 0.1053  6  A   B N3    
346 C  C4    . A   B 6  ? 0.4944 0.5217 0.3980 0.0583  -0.0159 0.0957  6  A   B C4    
347 P  P     . C   B 7  ? 0.7026 0.6466 0.4370 0.0842  0.0644  0.1073  7  C   B P     
348 O  OP1   . C   B 7  ? 0.6835 0.6074 0.3610 0.0844  0.0740  0.1336  7  C   B OP1   
349 O  OP2   . C   B 7  ? 0.6071 0.5516 0.3580 0.0762  0.0805  0.0755  7  C   B OP2   
350 O  "O5'" . C   B 7  ? 0.6261 0.5731 0.4242 0.0896  0.0649  0.1127  7  C   B "O5'" 
351 C  "C5'" . C   B 7  ? 0.6012 0.5493 0.4088 0.1015  0.0505  0.1302  7  C   B "C5'" 
352 C  "C4'" . C   B 7  ? 0.6595 0.6208 0.5219 0.1021  0.0488  0.1207  7  C   B "C4'" 
353 O  "O4'" . C   B 7  ? 0.6039 0.5934 0.4858 0.0944  0.0345  0.1087  7  C   B "O4'" 
354 C  "C3'" . C   B 7  ? 0.6723 0.6194 0.5666 0.0931  0.0700  0.1138  7  C   B "C3'" 
355 O  "O3'" . C   B 7  ? 0.7564 0.6738 0.6504 0.0941  0.0834  0.1258  7  C   B "O3'" 
356 C  "C2'" . C   B 7  ? 0.5867 0.5597 0.5206 0.0902  0.0552  0.1023  7  C   B "C2'" 
357 O  "O2'" . C   B 7  ? 0.5088 0.4869 0.4492 0.0991  0.0483  0.1019  7  C   B "O2'" 
358 C  "C1'" . C   B 7  ? 0.4814 0.4771 0.4031 0.0877  0.0369  0.1014  7  C   B "C1'" 
359 N  N1    . C   B 7  ? 0.4602 0.4519 0.3995 0.0787  0.0364  0.0926  7  C   B N1    
360 C  C2    . C   B 7  ? 0.4756 0.4777 0.4545 0.0716  0.0254  0.0911  7  C   B C2    
361 O  O2    . C   B 7  ? 0.4644 0.4833 0.4519 0.0689  0.0186  0.0946  7  C   B O2    
362 N  N3    . C   B 7  ? 0.4624 0.4551 0.4692 0.0689  0.0202  0.0846  7  C   B N3    
363 C  C4    . C   B 7  ? 0.3453 0.3209 0.3400 0.0725  0.0306  0.0711  7  C   B C4    
364 N  N4    . C   B 7  ? 0.5085 0.4714 0.5412 0.0744  0.0255  0.0580  7  C   B N4    
365 C  C5    . C   B 7  ? 0.3709 0.3406 0.3132 0.0754  0.0443  0.0690  7  C   B C5    
366 C  C6    . C   B 7  ? 0.4316 0.4090 0.3484 0.0785  0.0441  0.0843  7  C   B C6    
367 P  P     . G   B 8  ? 0.6474 0.5489 0.5601 0.0775  0.1137  0.1251  8  G   B P     
368 O  OP1   . G   B 8  ? 0.6504 0.5123 0.5567 0.0743  0.1228  0.1451  8  G   B OP1   
369 O  OP2   . G   B 8  ? 0.6015 0.5150 0.4925 0.0712  0.1300  0.1175  8  G   B OP2   
370 O  "O5'" . G   B 8  ? 0.6508 0.5754 0.6262 0.0713  0.1077  0.1045  8  G   B "O5'" 
371 C  "C5'" . G   B 8  ? 0.6581 0.5757 0.6604 0.0706  0.0982  0.0990  8  G   B "C5'" 
372 C  "C4'" . G   B 8  ? 0.6028 0.5520 0.6491 0.0628  0.0843  0.0809  8  G   B "C4'" 
373 O  "O4'" . G   B 8  ? 0.5544 0.5310 0.5898 0.0681  0.0654  0.0800  8  G   B "O4'" 
374 C  "C3'" . G   B 8  ? 0.5742 0.5371 0.6698 0.0495  0.0969  0.0742  8  G   B "C3'" 
375 O  "O3'" . G   B 8  ? 0.8031 0.7514 0.9301 0.0345  0.1106  0.0717  8  G   B "O3'" 
376 C  "C2'" . G   B 8  ? 0.5500 0.5463 0.6730 0.0494  0.0679  0.0652  8  G   B "C2'" 
377 O  "O2'" . G   B 8  ? 0.6042 0.6073 0.7333 0.0424  0.0499  0.0556  8  G   B "O2'" 
378 C  "C1'" . G   B 8  ? 0.5837 0.5816 0.6608 0.0603  0.0553  0.0736  8  G   B "C1'" 
379 N  N9    . G   B 8  ? 0.5142 0.5121 0.5942 0.0649  0.0606  0.0743  8  G   B N9    
380 C  C8    . G   B 8  ? 0.4376 0.4198 0.4794 0.0706  0.0774  0.0762  8  G   B C8    
381 N  N7    . G   B 8  ? 0.4916 0.4760 0.5477 0.0736  0.0789  0.0661  8  G   B N7    
382 C  C5    . G   B 8  ? 0.4347 0.4346 0.5486 0.0727  0.0594  0.0629  8  G   B C5    
383 C  C6    . G   B 8  ? 0.4403 0.4427 0.6030 0.0792  0.0477  0.0535  8  G   B C6    
384 O  O6    . G   B 8  ? 0.5317 0.5215 0.6967 0.0872  0.0571  0.0379  8  G   B O6    
385 N  N1    . G   B 8  ? 0.4709 0.4902 0.6854 0.0769  0.0198  0.0613  8  G   B N1    
386 C  C2    . G   B 8  ? 0.3722 0.4080 0.5824 0.0660  0.0069  0.0707  8  G   B C2    
387 N  N2    . G   B 8  ? 0.5027 0.5574 0.7574 0.0625  -0.0257 0.0780  8  G   B N2    
388 N  N3    . G   B 8  ? 0.4484 0.4797 0.6143 0.0599  0.0216  0.0713  8  G   B N3    
389 C  C4    . G   B 8  ? 0.4385 0.4502 0.5625 0.0654  0.0466  0.0699  8  G   B C4    
390 P  P     . G   B 9  ? 0.6356 0.5957 0.8086 0.0175  0.1418  0.0713  9  G   B P     
391 O  OP1   . G   B 9  ? 0.6812 0.6071 0.8623 -0.0011 0.1561  0.0794  9  G   B OP1   
392 O  OP2   . G   B 9  ? 0.5492 0.5177 0.6963 0.0246  0.1645  0.0753  9  G   B OP2   
393 O  "O5'" . G   B 9  ? 0.5964 0.6030 0.8436 0.0131  0.1215  0.0523  9  G   B "O5'" 
394 C  "C5'" . G   B 9  ? 0.4245 0.4399 0.6917 0.0065  0.0892  0.0414  9  G   B "C5'" 
395 C  "C4'" . G   B 9  ? 0.4402 0.5033 0.7695 0.0060  0.0631  0.0322  9  G   B "C4'" 
396 O  "O4'" . G   B 9  ? 0.5456 0.6151 0.8459 0.0237  0.0405  0.0407  9  G   B "O4'" 
397 C  "C3'" . G   B 9  ? 0.4946 0.5899 0.8992 0.0032  0.0861  0.0265  9  G   B "C3'" 
398 O  "O3'" . G   B 9  ? 0.5978 0.7098 1.0638 -0.0210 0.0989  0.0176  9  G   B "O3'" 
399 C  "C2'" . G   B 9  ? 0.4419 0.5708 0.8887 0.0187  0.0502  0.0248  9  G   B "C2'" 
400 O  "O2'" . G   B 9  ? 0.3852 0.5422 0.8719 0.0070  0.0094  0.0205  9  G   B "O2'" 
401 C  "C1'" . G   B 9  ? 0.4677 0.5661 0.8319 0.0320  0.0338  0.0384  9  G   B "C1'" 
402 N  N9    . G   B 9  ? 0.3923 0.4743 0.7338 0.0471  0.0600  0.0392  9  G   B N9    
403 C  C8    . G   B 9  ? 0.4594 0.5104 0.7326 0.0482  0.0889  0.0440  9  G   B C8    
404 N  N7    . G   B 9  ? 0.4094 0.4554 0.6716 0.0600  0.1043  0.0382  9  G   B N7    
405 C  C5    . G   B 9  ? 0.4049 0.4749 0.7401 0.0704  0.0862  0.0275  9  G   B C5    
406 C  C6    . G   B 9  ? 0.4594 0.5297 0.8258 0.0877  0.0905  0.0112  9  G   B C6    
407 O  O6    . G   B 9  ? 0.4509 0.5035 0.7777 0.0942  0.1135  -0.0014 9  G   B O6    
408 N  N1    . G   B 9  ? 0.4324 0.5258 0.8879 0.0987  0.0610  0.0071  9  G   B N1    
409 C  C2    . G   B 9  ? 0.3014 0.4201 0.8018 0.0909  0.0284  0.0195  9  G   B C2    
410 N  N2    . G   B 9  ? 0.3151 0.4546 0.9037 0.1061  -0.0045 0.0180  9  G   B N2    
411 N  N3    . G   B 9  ? 0.4658 0.5876 0.9302 0.0708  0.0251  0.0300  9  G   B N3    
412 C  C4    . G   B 9  ? 0.4202 0.5140 0.8059 0.0630  0.0563  0.0322  9  G   B C4    
413 P  P     . C   B 10 ? 0.5219 0.6597 1.0445 -0.0326 0.1495  0.0144  10 C   B P     
414 O  OP1   . C   B 10 ? 0.4829 0.6442 1.0797 -0.0641 0.1515  0.0058  10 C   B OP1   
415 O  OP2   . C   B 10 ? 0.4794 0.5768 0.9219 -0.0296 0.1888  0.0297  10 C   B OP2   
416 O  "O5'" . C   B 10 ? 0.3909 0.5809 0.9820 -0.0094 0.1419  0.0008  10 C   B "O5'" 
417 C  "C5'" . C   B 10 ? 0.3344 0.5745 1.0186 -0.0072 0.1024  -0.0098 10 C   B "C5'" 
418 C  "C4'" . C   B 10 ? 0.3598 0.6371 1.1129 0.0216  0.1007  -0.0217 10 C   B "C4'" 
419 O  "O4'" . C   B 10 ? 0.3974 0.6304 1.0750 0.0457  0.0875  -0.0123 10 C   B "O4'" 
420 C  "C3'" . C   B 10 ? 0.3223 0.6311 1.1199 0.0218  0.1612  -0.0414 10 C   B "C3'" 
421 O  "O3'" . C   B 10 ? 0.5408 0.8976 1.4156 0.0040  0.1663  -0.0540 10 C   B "O3'" 
422 C  "C2'" . C   B 10 ? 0.3299 0.6305 1.1279 0.0576  0.1501  -0.0539 10 C   B "C2'" 
423 O  "O2'" . C   B 10 ? 0.4378 0.7685 1.3166 0.0723  0.1075  -0.0617 10 C   B "O2'" 
424 C  "C1'" . C   B 10 ? 0.4114 0.6587 1.1287 0.0684  0.1153  -0.0315 10 C   B "C1'" 
425 N  N1    . C   B 10 ? 0.4943 0.6968 1.1084 0.0690  0.1520  -0.0303 10 C   B N1    
426 C  C2    . C   B 10 ? 0.4019 0.5973 1.0192 0.0932  0.1644  -0.0502 10 C   B C2    
427 O  O2    . C   B 10 ? 0.4388 0.6534 1.1335 0.1129  0.1419  -0.0657 10 C   B O2    
428 N  N3    . C   B 10 ? 0.4676 0.6274 0.9892 0.0918  0.1930  -0.0522 10 C   B N3    
429 C  C4    . C   B 10 ? 0.3894 0.5224 0.8213 0.0706  0.2066  -0.0297 10 C   B C4    
430 N  N4    . C   B 10 ? 0.4951 0.5980 0.8359 0.0705  0.2275  -0.0296 10 C   B N4    
431 C  C5    . C   B 10 ? 0.5525 0.6852 0.9863 0.0496  0.1956  -0.0084 10 C   B C5    
432 C  C6    . C   B 10 ? 0.5012 0.6692 1.0250 0.0478  0.1696  -0.0124 10 C   B C6    
# 
